data_1Y0J
#
_entry.id   1Y0J
#
loop_
_entity.id
_entity.type
_entity.pdbx_description
1 polymer 'Erythroid transcription factor'
2 polymer 'Zinc-finger protein ush'
3 non-polymer 'ZINC ION'
#
loop_
_entity_poly.entity_id
_entity_poly.type
_entity_poly.pdbx_seq_one_letter_code
_entity_poly.pdbx_strand_id
1 'polypeptide(L)' GSEARECVNCGATATPLWRRDRTGHYLCNACGLYHKMNGQNRPLIR A
2 'polypeptide(L)' GSLLKPARFMCLPCGIAFSSPSTLEAHQAYYCSHRI B
#
loop_
_chem_comp.id
_chem_comp.type
_chem_comp.name
_chem_comp.formula
ZN non-polymer 'ZINC ION' 'Zn 2'
#
# COMPACT_ATOMS: atom_id res chain seq x y z
N GLU A 3 5.20 -1.69 12.66
CA GLU A 3 6.09 -2.66 13.33
C GLU A 3 6.50 -3.77 12.37
N ALA A 4 5.54 -4.60 11.99
CA ALA A 4 5.81 -5.70 11.07
C ALA A 4 6.04 -5.19 9.66
N ARG A 5 5.04 -4.53 9.10
CA ARG A 5 5.13 -3.99 7.76
C ARG A 5 4.22 -2.78 7.64
N GLU A 6 4.29 -2.08 6.52
CA GLU A 6 3.47 -0.90 6.29
C GLU A 6 2.31 -1.23 5.36
N CYS A 7 1.10 -1.13 5.88
CA CYS A 7 -0.08 -1.39 5.08
C CYS A 7 -0.29 -0.24 4.09
N VAL A 8 -0.79 -0.58 2.92
CA VAL A 8 -1.00 0.40 1.87
C VAL A 8 -2.43 0.94 1.86
N ASN A 9 -3.28 0.38 2.69
CA ASN A 9 -4.68 0.80 2.72
C ASN A 9 -5.07 1.43 4.05
N CYS A 10 -4.58 0.89 5.15
CA CYS A 10 -4.91 1.44 6.46
C CYS A 10 -3.67 1.77 7.27
N GLY A 11 -2.68 0.91 7.21
CA GLY A 11 -1.46 1.12 7.96
C GLY A 11 -1.49 0.41 9.30
N ALA A 12 -2.49 -0.43 9.49
CA ALA A 12 -2.64 -1.18 10.73
C ALA A 12 -1.63 -2.33 10.79
N THR A 13 -0.65 -2.21 11.68
CA THR A 13 0.37 -3.24 11.83
C THR A 13 -0.04 -4.28 12.86
N ALA A 14 -1.18 -4.06 13.52
CA ALA A 14 -1.66 -4.99 14.54
C ALA A 14 -2.58 -6.06 13.95
N THR A 15 -2.21 -6.57 12.79
CA THR A 15 -2.99 -7.60 12.14
C THR A 15 -2.48 -8.99 12.56
N PRO A 16 -3.40 -9.95 12.78
CA PRO A 16 -3.04 -11.32 13.19
C PRO A 16 -2.08 -11.99 12.20
N LEU A 17 -2.19 -11.62 10.94
CA LEU A 17 -1.34 -12.18 9.90
C LEU A 17 -1.29 -11.25 8.71
N TRP A 18 -0.23 -11.38 7.91
CA TRP A 18 -0.06 -10.56 6.72
C TRP A 18 -0.23 -11.42 5.48
N ARG A 19 -0.86 -10.87 4.46
CA ARG A 19 -1.08 -11.58 3.21
C ARG A 19 -0.46 -10.80 2.06
N ARG A 20 0.34 -11.48 1.25
CA ARG A 20 0.98 -10.83 0.12
C ARG A 20 0.13 -10.98 -1.14
N ASP A 21 -0.05 -9.88 -1.84
CA ASP A 21 -0.83 -9.88 -3.07
C ASP A 21 0.01 -10.46 -4.21
N ARG A 22 -0.63 -10.83 -5.31
CA ARG A 22 0.07 -11.43 -6.45
C ARG A 22 1.12 -10.49 -7.03
N THR A 23 0.93 -9.19 -6.89
CA THR A 23 1.89 -8.23 -7.40
C THR A 23 3.13 -8.19 -6.51
N GLY A 24 3.01 -8.73 -5.30
CA GLY A 24 4.13 -8.78 -4.38
C GLY A 24 4.02 -7.80 -3.24
N HIS A 25 2.86 -7.16 -3.08
CA HIS A 25 2.67 -6.18 -2.02
C HIS A 25 2.32 -6.86 -0.71
N TYR A 26 2.53 -6.15 0.39
CA TYR A 26 2.23 -6.67 1.71
C TYR A 26 0.94 -6.05 2.24
N LEU A 27 -0.06 -6.89 2.46
CA LEU A 27 -1.35 -6.43 2.96
C LEU A 27 -1.68 -7.14 4.26
N CYS A 28 -2.66 -6.63 5.00
CA CYS A 28 -3.05 -7.23 6.26
C CYS A 28 -4.14 -8.28 6.04
N ASN A 29 -4.86 -8.59 7.12
CA ASN A 29 -5.94 -9.56 7.05
C ASN A 29 -7.23 -8.88 6.60
N ALA A 30 -7.22 -7.55 6.62
CA ALA A 30 -8.39 -6.78 6.21
C ALA A 30 -8.24 -6.28 4.78
N CYS A 31 -7.24 -5.45 4.55
CA CYS A 31 -6.98 -4.89 3.23
C CYS A 31 -6.59 -5.99 2.25
N GLY A 32 -5.91 -7.01 2.77
CA GLY A 32 -5.51 -8.13 1.94
C GLY A 32 -6.68 -8.96 1.50
N LEU A 33 -7.65 -9.10 2.40
CA LEU A 33 -8.85 -9.87 2.11
C LEU A 33 -9.68 -9.18 1.02
N TYR A 34 -9.68 -7.85 1.07
CA TYR A 34 -10.41 -7.05 0.09
C TYR A 34 -9.90 -7.34 -1.33
N HIS A 35 -8.58 -7.39 -1.48
CA HIS A 35 -7.96 -7.63 -2.78
C HIS A 35 -8.33 -9.01 -3.32
N LYS A 36 -8.67 -9.92 -2.42
CA LYS A 36 -9.03 -11.28 -2.79
C LYS A 36 -10.53 -11.37 -3.12
N MET A 37 -11.36 -10.89 -2.19
CA MET A 37 -12.81 -10.93 -2.35
C MET A 37 -13.28 -10.04 -3.50
N ASN A 38 -12.75 -8.83 -3.58
CA ASN A 38 -13.14 -7.89 -4.63
C ASN A 38 -12.76 -8.43 -6.01
N GLY A 39 -11.63 -9.12 -6.07
CA GLY A 39 -11.17 -9.68 -7.32
C GLY A 39 -10.34 -8.67 -8.09
N GLN A 40 -10.86 -7.45 -8.22
CA GLN A 40 -10.17 -6.38 -8.93
C GLN A 40 -9.17 -5.70 -8.01
N ASN A 41 -8.59 -4.60 -8.49
CA ASN A 41 -7.62 -3.85 -7.72
C ASN A 41 -8.21 -2.52 -7.27
N GLY B 1 17.31 16.08 -16.62
CA GLY B 1 16.56 17.22 -16.02
C GLY B 1 15.50 16.76 -15.05
N SER B 2 14.87 17.72 -14.38
CA SER B 2 13.81 17.43 -13.40
C SER B 2 14.32 16.50 -12.30
N LEU B 3 13.54 15.49 -11.96
CA LEU B 3 13.92 14.54 -10.93
C LEU B 3 13.80 13.11 -11.45
N LEU B 4 12.65 12.82 -12.08
CA LEU B 4 12.36 11.50 -12.65
C LEU B 4 12.17 10.44 -11.56
N LYS B 5 13.23 10.16 -10.83
CA LYS B 5 13.19 9.16 -9.77
C LYS B 5 12.74 9.81 -8.45
N PRO B 6 11.71 9.25 -7.83
CA PRO B 6 11.16 9.76 -6.57
C PRO B 6 12.01 9.35 -5.37
N ALA B 7 12.53 10.35 -4.66
CA ALA B 7 13.36 10.09 -3.50
C ALA B 7 12.53 10.19 -2.21
N ARG B 8 11.23 10.40 -2.38
CA ARG B 8 10.33 10.53 -1.25
C ARG B 8 9.53 9.26 -1.04
N PHE B 9 9.56 8.75 0.18
CA PHE B 9 8.82 7.53 0.52
C PHE B 9 7.83 7.80 1.65
N MET B 10 7.25 8.99 1.63
CA MET B 10 6.28 9.39 2.63
C MET B 10 5.30 10.38 2.04
N CYS B 11 4.03 10.02 2.03
CA CYS B 11 2.99 10.89 1.49
C CYS B 11 2.80 12.11 2.37
N LEU B 12 2.68 13.26 1.73
CA LEU B 12 2.50 14.52 2.43
C LEU B 12 1.06 14.68 2.96
N PRO B 13 0.02 14.56 2.10
CA PRO B 13 -1.37 14.71 2.53
C PRO B 13 -1.80 13.60 3.50
N CYS B 14 -1.40 12.37 3.19
CA CYS B 14 -1.73 11.22 4.03
C CYS B 14 -0.98 11.28 5.36
N GLY B 15 0.34 11.42 5.28
CA GLY B 15 1.15 11.49 6.49
C GLY B 15 1.74 10.15 6.86
N ILE B 16 1.45 9.12 6.06
CA ILE B 16 1.95 7.79 6.32
C ILE B 16 3.26 7.55 5.58
N ALA B 17 4.30 7.22 6.31
CA ALA B 17 5.61 6.97 5.73
C ALA B 17 5.82 5.48 5.50
N PHE B 18 6.56 5.15 4.44
CA PHE B 18 6.84 3.77 4.11
C PHE B 18 8.32 3.48 4.18
N SER B 19 8.67 2.20 4.19
CA SER B 19 10.06 1.80 4.23
C SER B 19 10.41 1.07 2.94
N SER B 20 9.39 0.80 2.14
CA SER B 20 9.56 0.11 0.88
C SER B 20 8.77 0.83 -0.23
N PRO B 21 9.46 1.37 -1.23
CA PRO B 21 8.83 2.08 -2.35
C PRO B 21 7.88 1.18 -3.14
N SER B 22 8.15 -0.13 -3.12
CA SER B 22 7.33 -1.10 -3.83
C SER B 22 5.90 -1.12 -3.28
N THR B 23 5.76 -1.03 -1.96
CA THR B 23 4.46 -1.03 -1.33
C THR B 23 3.82 0.36 -1.39
N LEU B 24 4.66 1.38 -1.46
CA LEU B 24 4.18 2.76 -1.54
C LEU B 24 3.28 2.93 -2.77
N GLU B 25 3.59 2.17 -3.81
CA GLU B 25 2.81 2.19 -5.05
C GLU B 25 1.36 1.83 -4.77
N ALA B 26 1.16 0.77 -3.99
CA ALA B 26 -0.18 0.31 -3.63
C ALA B 26 -0.85 1.31 -2.69
N HIS B 27 -0.04 1.98 -1.88
CA HIS B 27 -0.54 2.98 -0.95
C HIS B 27 -1.13 4.15 -1.73
N GLN B 28 -0.40 4.60 -2.73
CA GLN B 28 -0.81 5.73 -3.55
C GLN B 28 -1.91 5.35 -4.54
N ALA B 29 -2.32 4.10 -4.49
CA ALA B 29 -3.37 3.61 -5.38
C ALA B 29 -4.64 3.32 -4.58
N TYR B 30 -4.58 3.60 -3.28
CA TYR B 30 -5.72 3.36 -2.40
C TYR B 30 -5.88 4.47 -1.38
N TYR B 31 -4.88 4.62 -0.53
CA TYR B 31 -4.89 5.64 0.53
C TYR B 31 -5.09 7.03 -0.05
N CYS B 32 -4.18 7.44 -0.93
CA CYS B 32 -4.29 8.76 -1.56
C CYS B 32 -5.25 8.68 -2.74
N SER B 33 -6.40 8.04 -2.50
CA SER B 33 -7.45 7.85 -3.50
C SER B 33 -7.10 6.70 -4.46
N HIS B 34 -8.12 6.13 -5.07
CA HIS B 34 -7.96 5.02 -6.02
C HIS B 34 -7.51 5.55 -7.37
N ARG B 35 -6.41 6.30 -7.37
CA ARG B 35 -5.89 6.90 -8.57
C ARG B 35 -5.00 5.94 -9.35
N ILE B 36 -4.94 6.16 -10.66
CA ILE B 36 -4.14 5.33 -11.55
C ILE B 36 -3.27 6.22 -12.42
ZN ZN C . -4.37 -2.92 6.25
ZN ZN D . -0.47 8.33 0.52
N GLU A 3 -9.77 -0.35 -13.42
CA GLU A 3 -8.93 -0.23 -12.20
C GLU A 3 -9.76 0.30 -11.04
N ALA A 4 -9.72 -0.39 -9.92
CA ALA A 4 -10.48 0.02 -8.75
C ALA A 4 -9.62 0.82 -7.77
N ARG A 5 -8.50 0.23 -7.37
CA ARG A 5 -7.59 0.89 -6.45
C ARG A 5 -6.18 0.33 -6.60
N GLU A 6 -5.21 1.05 -6.08
CA GLU A 6 -3.82 0.64 -6.15
C GLU A 6 -3.38 0.03 -4.82
N CYS A 7 -2.88 -1.20 -4.87
CA CYS A 7 -2.41 -1.89 -3.68
C CYS A 7 -1.08 -1.29 -3.23
N VAL A 8 -0.79 -1.43 -1.95
CA VAL A 8 0.44 -0.92 -1.38
C VAL A 8 1.63 -1.80 -1.75
N ASN A 9 1.34 -3.01 -2.20
CA ASN A 9 2.37 -3.95 -2.56
C ASN A 9 2.37 -4.24 -4.06
N CYS A 10 1.57 -5.21 -4.47
CA CYS A 10 1.50 -5.60 -5.88
C CYS A 10 0.99 -4.45 -6.75
N GLY A 11 0.02 -3.71 -6.22
CA GLY A 11 -0.55 -2.61 -6.97
C GLY A 11 -1.51 -3.09 -8.04
N ALA A 12 -1.87 -4.37 -7.96
CA ALA A 12 -2.77 -4.96 -8.93
C ALA A 12 -4.22 -4.79 -8.50
N THR A 13 -5.07 -4.48 -9.45
CA THR A 13 -6.49 -4.28 -9.18
C THR A 13 -7.28 -5.50 -9.66
N ALA A 14 -6.56 -6.57 -9.97
CA ALA A 14 -7.17 -7.80 -10.46
C ALA A 14 -7.76 -8.65 -9.33
N THR A 15 -7.69 -8.15 -8.12
CA THR A 15 -8.22 -8.88 -6.97
C THR A 15 -9.76 -8.80 -6.94
N PRO A 16 -10.43 -9.94 -6.75
CA PRO A 16 -11.89 -9.99 -6.69
C PRO A 16 -12.42 -9.62 -5.30
N LEU A 17 -11.50 -9.40 -4.37
CA LEU A 17 -11.85 -9.04 -3.01
C LEU A 17 -10.88 -7.99 -2.49
N TRP A 18 -11.42 -6.91 -1.93
CA TRP A 18 -10.60 -5.83 -1.41
C TRP A 18 -10.64 -5.81 0.12
N ARG A 19 -9.60 -5.25 0.72
CA ARG A 19 -9.52 -5.15 2.16
C ARG A 19 -8.94 -3.80 2.57
N ARG A 20 -9.11 -3.46 3.84
CA ARG A 20 -8.62 -2.20 4.35
C ARG A 20 -8.15 -2.39 5.79
N ASP A 21 -6.99 -1.83 6.11
CA ASP A 21 -6.44 -1.97 7.45
C ASP A 21 -6.97 -0.87 8.38
N ARG A 22 -6.63 -0.97 9.67
CA ARG A 22 -7.08 0.01 10.66
C ARG A 22 -6.58 1.41 10.35
N THR A 23 -5.37 1.48 9.82
CA THR A 23 -4.76 2.76 9.47
C THR A 23 -5.50 3.41 8.30
N GLY A 24 -5.97 2.59 7.38
CA GLY A 24 -6.69 3.09 6.23
C GLY A 24 -5.99 2.71 4.95
N HIS A 25 -5.09 1.76 5.02
CA HIS A 25 -4.34 1.30 3.87
C HIS A 25 -5.17 0.33 3.05
N TYR A 26 -5.34 0.63 1.77
CA TYR A 26 -6.09 -0.22 0.88
C TYR A 26 -5.24 -1.41 0.46
N LEU A 27 -5.75 -2.60 0.67
CA LEU A 27 -5.01 -3.80 0.34
C LEU A 27 -5.90 -4.75 -0.45
N CYS A 28 -5.29 -5.72 -1.11
CA CYS A 28 -6.04 -6.69 -1.87
C CYS A 28 -6.29 -7.93 -1.04
N ASN A 29 -6.51 -9.05 -1.70
CA ASN A 29 -6.77 -10.31 -1.02
C ASN A 29 -5.50 -11.16 -1.02
N ALA A 30 -4.45 -10.65 -1.65
CA ALA A 30 -3.19 -11.36 -1.74
C ALA A 30 -2.13 -10.69 -0.86
N CYS A 31 -1.95 -9.40 -1.06
CA CYS A 31 -0.98 -8.65 -0.28
C CYS A 31 -1.54 -8.33 1.11
N GLY A 32 -2.84 -8.12 1.16
CA GLY A 32 -3.47 -7.80 2.42
C GLY A 32 -3.93 -9.03 3.17
N LEU A 33 -3.51 -10.20 2.70
CA LEU A 33 -3.88 -11.46 3.33
C LEU A 33 -3.33 -11.54 4.76
N TYR A 34 -2.03 -11.27 4.89
CA TYR A 34 -1.37 -11.30 6.20
C TYR A 34 -2.00 -10.30 7.15
N HIS A 35 -2.26 -9.10 6.65
CA HIS A 35 -2.86 -8.04 7.45
C HIS A 35 -4.31 -8.35 7.79
N LYS A 36 -4.92 -9.24 7.02
CA LYS A 36 -6.31 -9.63 7.22
C LYS A 36 -6.40 -10.77 8.23
N MET A 37 -5.63 -11.83 7.98
CA MET A 37 -5.63 -13.01 8.84
C MET A 37 -4.98 -12.75 10.19
N ASN A 38 -3.78 -12.17 10.18
CA ASN A 38 -3.07 -11.91 11.43
C ASN A 38 -3.60 -10.63 12.09
N GLY A 39 -4.15 -9.74 11.28
CA GLY A 39 -4.70 -8.49 11.80
C GLY A 39 -3.63 -7.43 11.99
N GLN A 40 -2.43 -7.87 12.35
CA GLN A 40 -1.31 -6.97 12.58
C GLN A 40 -0.86 -6.32 11.27
N ASN A 41 -0.18 -5.20 11.39
CA ASN A 41 0.31 -4.45 10.24
C ASN A 41 1.61 -5.04 9.73
N GLY B 1 8.20 24.67 -0.98
CA GLY B 1 7.39 23.46 -0.70
C GLY B 1 8.22 22.20 -0.75
N SER B 2 7.57 21.05 -0.54
CA SER B 2 8.21 19.73 -0.58
C SER B 2 9.11 19.49 0.64
N LEU B 3 9.62 20.56 1.24
CA LEU B 3 10.47 20.45 2.41
C LEU B 3 9.67 19.89 3.57
N LEU B 4 9.97 18.63 3.94
CA LEU B 4 9.29 17.94 5.03
C LEU B 4 7.82 17.72 4.68
N LYS B 5 7.53 17.68 3.38
CA LYS B 5 6.17 17.48 2.90
C LYS B 5 6.16 16.48 1.74
N PRO B 6 5.45 15.35 1.90
CA PRO B 6 5.36 14.32 0.85
C PRO B 6 4.48 14.76 -0.32
N ALA B 7 5.12 15.26 -1.36
CA ALA B 7 4.40 15.71 -2.56
C ALA B 7 4.60 14.73 -3.70
N ARG B 8 4.86 13.47 -3.36
CA ARG B 8 5.07 12.43 -4.36
C ARG B 8 4.07 11.30 -4.15
N PHE B 9 3.56 10.76 -5.25
CA PHE B 9 2.59 9.68 -5.20
C PHE B 9 3.00 8.54 -6.12
N MET B 10 4.25 8.56 -6.56
CA MET B 10 4.74 7.52 -7.46
C MET B 10 6.11 7.04 -7.03
N CYS B 11 6.29 5.73 -7.03
CA CYS B 11 7.56 5.14 -6.65
C CYS B 11 8.55 5.24 -7.81
N LEU B 12 9.82 5.32 -7.46
CA LEU B 12 10.88 5.41 -8.46
C LEU B 12 11.65 4.08 -8.55
N PRO B 13 12.15 3.53 -7.42
CA PRO B 13 12.87 2.25 -7.43
C PRO B 13 11.98 1.13 -7.95
N CYS B 14 10.74 1.09 -7.46
CA CYS B 14 9.79 0.08 -7.89
C CYS B 14 9.06 0.56 -9.14
N GLY B 15 8.55 1.78 -9.09
CA GLY B 15 7.87 2.35 -10.24
C GLY B 15 6.35 2.26 -10.16
N ILE B 16 5.82 2.01 -8.96
CA ILE B 16 4.39 1.91 -8.78
C ILE B 16 3.75 3.30 -8.65
N ALA B 17 2.77 3.59 -9.48
CA ALA B 17 2.09 4.87 -9.46
C ALA B 17 0.81 4.77 -8.63
N PHE B 18 0.73 5.57 -7.59
CA PHE B 18 -0.43 5.57 -6.71
C PHE B 18 -1.40 6.69 -7.06
N SER B 19 -2.54 6.68 -6.41
CA SER B 19 -3.57 7.68 -6.60
C SER B 19 -4.19 8.02 -5.24
N SER B 20 -4.10 7.06 -4.33
CA SER B 20 -4.60 7.24 -2.98
C SER B 20 -3.47 7.70 -2.05
N PRO B 21 -3.55 8.93 -1.54
CA PRO B 21 -2.52 9.47 -0.65
C PRO B 21 -2.61 8.92 0.78
N SER B 22 -2.76 7.61 0.89
CA SER B 22 -2.88 6.96 2.19
C SER B 22 -2.29 5.56 2.14
N THR B 23 -1.45 5.30 1.15
CA THR B 23 -0.84 3.99 1.00
C THR B 23 0.64 4.10 0.63
N LEU B 24 1.17 5.32 0.75
CA LEU B 24 2.56 5.59 0.40
C LEU B 24 3.53 4.98 1.42
N GLU B 25 3.20 5.11 2.70
CA GLU B 25 4.04 4.59 3.76
C GLU B 25 4.01 3.06 3.78
N ALA B 26 2.88 2.49 3.36
CA ALA B 26 2.73 1.05 3.30
C ALA B 26 3.58 0.46 2.19
N HIS B 27 3.59 1.13 1.05
CA HIS B 27 4.39 0.70 -0.08
C HIS B 27 5.87 0.76 0.30
N GLN B 28 6.30 1.92 0.81
CA GLN B 28 7.68 2.13 1.21
C GLN B 28 7.95 1.50 2.57
N ALA B 29 7.55 0.24 2.70
CA ALA B 29 7.74 -0.51 3.92
C ALA B 29 7.71 -2.00 3.62
N TYR B 30 6.85 -2.39 2.68
CA TYR B 30 6.73 -3.79 2.31
C TYR B 30 7.41 -4.07 0.97
N TYR B 31 7.14 -3.21 -0.02
CA TYR B 31 7.68 -3.38 -1.36
C TYR B 31 9.08 -2.81 -1.51
N CYS B 32 9.25 -1.53 -1.17
CA CYS B 32 10.55 -0.88 -1.28
C CYS B 32 11.55 -1.54 -0.35
N SER B 33 12.65 -2.01 -0.94
CA SER B 33 13.73 -2.68 -0.20
C SER B 33 13.26 -4.04 0.33
N HIS B 34 12.63 -4.04 1.51
CA HIS B 34 12.15 -5.26 2.15
C HIS B 34 11.26 -4.92 3.33
N ARG B 35 10.37 -5.85 3.71
CA ARG B 35 9.46 -5.62 4.82
C ARG B 35 10.03 -6.23 6.11
N ILE B 36 10.34 -5.38 7.06
CA ILE B 36 10.88 -5.83 8.34
C ILE B 36 9.76 -6.33 9.24
ZN ZN C . -2.07 -6.25 -3.68
ZN ZN D . 8.39 1.20 -4.09
N GLU A 3 -8.99 2.29 -13.28
CA GLU A 3 -8.67 1.27 -12.27
C GLU A 3 -9.36 1.60 -10.97
N ALA A 4 -9.59 0.59 -10.13
CA ALA A 4 -10.25 0.80 -8.86
C ALA A 4 -9.27 1.35 -7.84
N ARG A 5 -8.21 0.62 -7.58
CA ARG A 5 -7.20 1.04 -6.62
C ARG A 5 -5.91 0.26 -6.85
N GLU A 6 -4.82 0.79 -6.36
CA GLU A 6 -3.52 0.14 -6.49
C GLU A 6 -3.14 -0.49 -5.15
N CYS A 7 -2.90 -1.79 -5.15
CA CYS A 7 -2.53 -2.48 -3.93
C CYS A 7 -1.14 -2.07 -3.48
N VAL A 8 -0.90 -2.20 -2.20
CA VAL A 8 0.37 -1.84 -1.61
C VAL A 8 1.25 -3.07 -1.44
N ASN A 9 0.66 -4.23 -1.62
CA ASN A 9 1.38 -5.49 -1.49
C ASN A 9 1.72 -6.06 -2.85
N CYS A 10 0.81 -5.88 -3.81
CA CYS A 10 1.03 -6.36 -5.15
C CYS A 10 0.91 -5.24 -6.17
N GLY A 11 -0.24 -4.61 -6.17
CA GLY A 11 -0.50 -3.52 -7.08
C GLY A 11 -1.49 -3.92 -8.15
N ALA A 12 -2.12 -5.06 -7.95
CA ALA A 12 -3.11 -5.57 -8.89
C ALA A 12 -4.50 -5.06 -8.52
N THR A 13 -5.18 -4.43 -9.48
CA THR A 13 -6.52 -3.90 -9.26
C THR A 13 -7.57 -5.00 -9.44
N ALA A 14 -7.11 -6.18 -9.84
CA ALA A 14 -8.00 -7.32 -10.04
C ALA A 14 -8.36 -7.95 -8.71
N THR A 15 -9.58 -7.72 -8.26
CA THR A 15 -10.05 -8.26 -7.00
C THR A 15 -11.56 -8.12 -6.90
N PRO A 16 -12.26 -9.16 -6.41
CA PRO A 16 -13.72 -9.14 -6.25
C PRO A 16 -14.19 -8.09 -5.25
N LEU A 17 -13.33 -7.77 -4.28
CA LEU A 17 -13.66 -6.79 -3.26
C LEU A 17 -12.42 -6.40 -2.47
N TRP A 18 -12.22 -5.10 -2.29
CA TRP A 18 -11.08 -4.62 -1.54
C TRP A 18 -11.36 -4.73 -0.04
N ARG A 19 -10.54 -5.49 0.67
CA ARG A 19 -10.74 -5.68 2.08
C ARG A 19 -9.67 -4.94 2.88
N ARG A 20 -10.05 -3.81 3.46
CA ARG A 20 -9.13 -3.01 4.25
C ARG A 20 -8.87 -3.70 5.59
N ASP A 21 -7.67 -3.51 6.11
CA ASP A 21 -7.29 -4.14 7.38
C ASP A 21 -7.85 -3.37 8.58
N ARG A 22 -7.45 -3.80 9.77
CA ARG A 22 -7.90 -3.20 11.02
C ARG A 22 -7.57 -1.71 11.09
N THR A 23 -6.40 -1.32 10.61
CA THR A 23 -5.99 0.09 10.65
C THR A 23 -6.69 0.88 9.54
N GLY A 24 -7.05 0.20 8.47
CA GLY A 24 -7.74 0.88 7.39
C GLY A 24 -6.91 1.03 6.13
N HIS A 25 -5.98 0.11 5.90
CA HIS A 25 -5.16 0.18 4.70
C HIS A 25 -5.86 -0.51 3.54
N TYR A 26 -5.89 0.14 2.38
CA TYR A 26 -6.55 -0.42 1.21
C TYR A 26 -5.79 -1.62 0.68
N LEU A 27 -6.41 -2.79 0.78
CA LEU A 27 -5.82 -4.04 0.30
C LEU A 27 -6.83 -4.80 -0.55
N CYS A 28 -6.35 -5.74 -1.34
CA CYS A 28 -7.22 -6.52 -2.21
C CYS A 28 -7.82 -7.71 -1.46
N ASN A 29 -8.36 -8.67 -2.20
CA ASN A 29 -8.95 -9.85 -1.61
C ASN A 29 -7.91 -10.96 -1.53
N ALA A 30 -6.67 -10.61 -1.82
CA ALA A 30 -5.58 -11.55 -1.77
C ALA A 30 -4.62 -11.15 -0.66
N CYS A 31 -4.01 -9.97 -0.83
CA CYS A 31 -3.08 -9.45 0.15
C CYS A 31 -3.81 -9.03 1.43
N GLY A 32 -5.08 -8.65 1.27
CA GLY A 32 -5.88 -8.25 2.40
C GLY A 32 -6.11 -9.39 3.37
N LEU A 33 -6.16 -10.61 2.84
CA LEU A 33 -6.37 -11.78 3.66
C LEU A 33 -5.21 -11.99 4.62
N TYR A 34 -3.99 -11.82 4.10
CA TYR A 34 -2.78 -11.98 4.89
C TYR A 34 -2.80 -11.05 6.09
N HIS A 35 -3.08 -9.77 5.84
CA HIS A 35 -3.10 -8.77 6.90
C HIS A 35 -4.24 -9.03 7.90
N LYS A 36 -5.31 -9.63 7.41
CA LYS A 36 -6.47 -9.93 8.25
C LYS A 36 -6.22 -11.14 9.15
N MET A 37 -5.66 -12.19 8.57
CA MET A 37 -5.40 -13.43 9.31
C MET A 37 -4.22 -13.29 10.26
N ASN A 38 -3.15 -12.65 9.77
CA ASN A 38 -1.93 -12.46 10.56
C ASN A 38 -2.20 -11.61 11.80
N GLY A 39 -2.95 -10.52 11.62
CA GLY A 39 -3.25 -9.64 12.74
C GLY A 39 -2.23 -8.52 12.81
N GLN A 40 -0.99 -8.84 12.46
CA GLN A 40 0.08 -7.87 12.48
C GLN A 40 0.22 -7.25 11.09
N ASN A 41 1.12 -6.29 10.95
CA ASN A 41 1.34 -5.62 9.68
C ASN A 41 2.52 -6.23 8.95
N GLY B 1 10.89 22.30 -5.29
CA GLY B 1 12.01 21.81 -4.44
C GLY B 1 11.60 20.62 -3.60
N SER B 2 10.38 20.69 -3.05
CA SER B 2 9.86 19.61 -2.21
C SER B 2 10.69 19.45 -0.94
N LEU B 3 11.13 20.57 -0.38
CA LEU B 3 11.94 20.55 0.82
C LEU B 3 11.06 20.23 2.04
N LEU B 4 11.27 19.05 2.61
CA LEU B 4 10.50 18.58 3.76
C LEU B 4 9.05 18.33 3.37
N LYS B 5 8.81 18.18 2.08
CA LYS B 5 7.46 17.95 1.56
C LYS B 5 7.47 16.88 0.48
N PRO B 6 6.89 15.71 0.77
CA PRO B 6 6.83 14.61 -0.19
C PRO B 6 5.85 14.90 -1.33
N ALA B 7 6.38 15.32 -2.47
CA ALA B 7 5.54 15.64 -3.62
C ALA B 7 5.65 14.55 -4.69
N ARG B 8 6.21 13.41 -4.30
CA ARG B 8 6.35 12.30 -5.22
C ARG B 8 5.64 11.07 -4.69
N PHE B 9 4.76 10.51 -5.50
CA PHE B 9 4.01 9.32 -5.12
C PHE B 9 4.33 8.16 -6.05
N MET B 10 5.62 7.89 -6.22
CA MET B 10 6.07 6.82 -7.08
C MET B 10 7.46 6.37 -6.67
N CYS B 11 7.56 5.14 -6.21
CA CYS B 11 8.84 4.59 -5.80
C CYS B 11 9.62 4.14 -7.01
N LEU B 12 10.71 4.85 -7.28
CA LEU B 12 11.58 4.53 -8.40
C LEU B 12 12.20 3.13 -8.27
N PRO B 13 12.73 2.75 -7.07
CA PRO B 13 13.32 1.42 -6.87
C PRO B 13 12.31 0.29 -7.05
N CYS B 14 11.05 0.58 -6.74
CA CYS B 14 9.98 -0.40 -6.89
C CYS B 14 9.48 -0.44 -8.33
N GLY B 15 9.16 0.72 -8.87
CA GLY B 15 8.67 0.80 -10.23
C GLY B 15 7.18 1.02 -10.28
N ILE B 16 6.52 0.68 -9.19
CA ILE B 16 5.07 0.82 -9.08
C ILE B 16 4.67 2.28 -8.95
N ALA B 17 3.89 2.77 -9.91
CA ALA B 17 3.42 4.14 -9.90
C ALA B 17 2.09 4.23 -9.16
N PHE B 18 2.12 4.80 -7.97
CA PHE B 18 0.93 4.93 -7.16
C PHE B 18 0.13 6.16 -7.56
N SER B 19 -1.18 6.10 -7.34
CA SER B 19 -2.08 7.18 -7.65
C SER B 19 -2.83 7.65 -6.41
N SER B 20 -2.91 6.76 -5.41
CA SER B 20 -3.58 7.07 -4.17
C SER B 20 -2.56 7.22 -3.03
N PRO B 21 -2.24 8.47 -2.66
CA PRO B 21 -1.27 8.76 -1.60
C PRO B 21 -1.76 8.32 -0.22
N SER B 22 -3.04 8.03 -0.12
CA SER B 22 -3.66 7.62 1.14
C SER B 22 -3.07 6.30 1.63
N THR B 23 -2.63 5.44 0.72
CA THR B 23 -2.08 4.15 1.11
C THR B 23 -0.58 4.05 0.79
N LEU B 24 0.06 5.19 0.53
CA LEU B 24 1.49 5.19 0.22
C LEU B 24 2.30 4.57 1.35
N GLU B 25 1.92 4.91 2.58
CA GLU B 25 2.58 4.39 3.77
C GLU B 25 2.57 2.86 3.80
N ALA B 26 1.47 2.26 3.36
CA ALA B 26 1.35 0.80 3.35
C ALA B 26 2.26 0.19 2.30
N HIS B 27 2.37 0.86 1.16
CA HIS B 27 3.23 0.37 0.09
C HIS B 27 4.69 0.39 0.55
N GLN B 28 5.03 1.46 1.26
CA GLN B 28 6.39 1.64 1.78
C GLN B 28 6.64 0.76 3.01
N ALA B 29 5.68 -0.09 3.34
CA ALA B 29 5.79 -0.98 4.48
C ALA B 29 5.84 -2.43 4.04
N TYR B 30 5.74 -2.65 2.73
CA TYR B 30 5.76 -4.00 2.19
C TYR B 30 6.69 -4.11 0.99
N TYR B 31 6.58 -3.15 0.07
CA TYR B 31 7.41 -3.15 -1.11
C TYR B 31 8.76 -2.52 -0.82
N CYS B 32 8.75 -1.24 -0.46
CA CYS B 32 9.98 -0.54 -0.13
C CYS B 32 10.38 -0.81 1.32
N SER B 33 10.75 -2.07 1.59
CA SER B 33 11.16 -2.52 2.93
C SER B 33 9.96 -2.70 3.86
N HIS B 34 9.99 -3.77 4.65
CA HIS B 34 8.92 -4.09 5.57
C HIS B 34 9.11 -3.35 6.91
N ARG B 35 8.96 -2.04 6.88
CA ARG B 35 9.08 -1.24 8.08
C ARG B 35 7.74 -1.13 8.79
N ILE B 36 7.77 -0.77 10.06
CA ILE B 36 6.55 -0.64 10.85
C ILE B 36 5.87 0.69 10.56
ZN ZN C . -2.84 -6.98 -3.30
ZN ZN D . 7.57 1.57 -3.41
N GLU A 3 3.41 -2.73 13.52
CA GLU A 3 4.11 -3.93 14.03
C GLU A 3 5.20 -4.38 13.06
N ALA A 4 4.80 -4.77 11.85
CA ALA A 4 5.75 -5.19 10.84
C ALA A 4 5.40 -4.62 9.47
N ARG A 5 4.45 -5.26 8.80
CA ARG A 5 4.02 -4.81 7.48
C ARG A 5 3.17 -3.54 7.61
N GLU A 6 3.23 -2.70 6.60
CA GLU A 6 2.49 -1.46 6.58
C GLU A 6 1.26 -1.57 5.69
N CYS A 7 0.10 -1.20 6.23
CA CYS A 7 -1.14 -1.24 5.48
C CYS A 7 -1.20 -0.03 4.56
N VAL A 8 -1.92 -0.16 3.45
CA VAL A 8 -2.01 0.91 2.47
C VAL A 8 -3.36 1.61 2.46
N ASN A 9 -4.27 1.20 3.33
CA ASN A 9 -5.60 1.82 3.34
C ASN A 9 -6.15 2.06 4.74
N CYS A 10 -5.87 1.16 5.68
CA CYS A 10 -6.40 1.31 7.01
C CYS A 10 -5.31 1.40 8.09
N GLY A 11 -4.13 0.91 7.79
CA GLY A 11 -3.06 0.94 8.75
C GLY A 11 -3.20 -0.20 9.74
N ALA A 12 -3.85 -1.26 9.29
CA ALA A 12 -4.08 -2.44 10.11
C ALA A 12 -2.83 -3.29 10.20
N THR A 13 -1.84 -2.78 10.92
CA THR A 13 -0.59 -3.47 11.09
C THR A 13 -0.64 -4.45 12.27
N ALA A 14 -1.70 -4.36 13.07
CA ALA A 14 -1.84 -5.21 14.24
C ALA A 14 -2.62 -6.49 13.93
N THR A 15 -2.75 -6.83 12.66
CA THR A 15 -3.47 -8.02 12.26
C THR A 15 -2.65 -9.27 12.57
N PRO A 16 -3.29 -10.32 13.12
CA PRO A 16 -2.61 -11.57 13.45
C PRO A 16 -2.30 -12.42 12.22
N LEU A 17 -2.92 -12.08 11.10
CA LEU A 17 -2.71 -12.80 9.86
C LEU A 17 -2.78 -11.84 8.68
N TRP A 18 -1.69 -11.77 7.93
CA TRP A 18 -1.63 -10.89 6.76
C TRP A 18 -2.19 -11.60 5.55
N ARG A 19 -2.48 -10.85 4.49
CA ARG A 19 -3.04 -11.42 3.28
C ARG A 19 -2.50 -10.71 2.05
N ARG A 20 -1.92 -11.47 1.14
CA ARG A 20 -1.38 -10.91 -0.10
C ARG A 20 -2.42 -11.04 -1.21
N ASP A 21 -2.37 -10.12 -2.16
CA ASP A 21 -3.31 -10.13 -3.27
C ASP A 21 -2.70 -10.73 -4.52
N ARG A 22 -3.47 -10.72 -5.60
CA ARG A 22 -3.03 -11.28 -6.89
C ARG A 22 -1.81 -10.55 -7.45
N THR A 23 -1.75 -9.22 -7.26
CA THR A 23 -0.63 -8.43 -7.76
C THR A 23 0.62 -8.61 -6.90
N GLY A 24 0.50 -9.42 -5.83
CA GLY A 24 1.64 -9.68 -4.97
C GLY A 24 1.82 -8.65 -3.89
N HIS A 25 0.73 -7.95 -3.55
CA HIS A 25 0.80 -6.93 -2.51
C HIS A 25 0.45 -7.52 -1.15
N TYR A 26 1.44 -7.64 -0.29
CA TYR A 26 1.24 -8.17 1.05
C TYR A 26 0.59 -7.09 1.92
N LEU A 27 -0.71 -7.20 2.10
CA LEU A 27 -1.45 -6.21 2.88
C LEU A 27 -2.01 -6.82 4.16
N CYS A 28 -2.85 -6.05 4.85
CA CYS A 28 -3.45 -6.48 6.10
C CYS A 28 -4.26 -7.76 5.91
N ASN A 29 -5.44 -7.58 5.37
CA ASN A 29 -6.36 -8.66 5.10
C ASN A 29 -7.54 -8.09 4.32
N ALA A 30 -8.04 -6.96 4.79
CA ALA A 30 -9.15 -6.28 4.15
C ALA A 30 -8.69 -5.68 2.84
N CYS A 31 -7.51 -5.07 2.86
CA CYS A 31 -6.95 -4.47 1.65
C CYS A 31 -6.60 -5.57 0.66
N GLY A 32 -6.12 -6.70 1.18
CA GLY A 32 -5.75 -7.82 0.33
C GLY A 32 -6.94 -8.36 -0.42
N LEU A 33 -8.03 -8.61 0.31
CA LEU A 33 -9.25 -9.13 -0.28
C LEU A 33 -9.82 -8.13 -1.30
N TYR A 34 -9.84 -6.86 -0.90
CA TYR A 34 -10.34 -5.80 -1.77
C TYR A 34 -9.52 -5.71 -3.04
N HIS A 35 -8.20 -5.75 -2.90
CA HIS A 35 -7.30 -5.67 -4.04
C HIS A 35 -7.57 -6.80 -5.03
N LYS A 36 -7.75 -8.01 -4.49
CA LYS A 36 -8.02 -9.18 -5.32
C LYS A 36 -9.38 -9.08 -6.01
N MET A 37 -10.38 -8.64 -5.26
CA MET A 37 -11.74 -8.50 -5.80
C MET A 37 -11.79 -7.39 -6.84
N ASN A 38 -11.09 -6.29 -6.57
CA ASN A 38 -11.04 -5.16 -7.48
C ASN A 38 -10.29 -5.54 -8.75
N GLY A 39 -9.06 -6.03 -8.59
CA GLY A 39 -8.26 -6.42 -9.73
C GLY A 39 -7.30 -5.34 -10.18
N GLN A 40 -7.53 -4.12 -9.70
CA GLN A 40 -6.69 -2.98 -10.06
C GLN A 40 -5.59 -2.79 -9.03
N ASN A 41 -4.68 -1.87 -9.31
CA ASN A 41 -3.58 -1.58 -8.41
C ASN A 41 -4.07 -0.76 -7.22
N GLY B 1 6.53 12.47 -8.74
CA GLY B 1 7.25 11.76 -7.66
C GLY B 1 8.75 11.86 -7.81
N SER B 2 9.35 12.85 -7.14
CA SER B 2 10.79 13.08 -7.18
C SER B 2 11.26 13.43 -8.60
N LEU B 3 12.57 13.58 -8.77
CA LEU B 3 13.12 13.90 -10.09
C LEU B 3 13.46 12.63 -10.86
N LEU B 4 12.48 12.13 -11.62
CA LEU B 4 12.62 10.93 -12.44
C LEU B 4 12.66 9.67 -11.60
N LYS B 5 13.63 9.58 -10.70
CA LYS B 5 13.77 8.42 -9.84
C LYS B 5 13.19 8.72 -8.46
N PRO B 6 12.19 7.93 -8.03
CA PRO B 6 11.54 8.10 -6.73
C PRO B 6 12.51 7.93 -5.56
N ALA B 7 12.82 9.03 -4.89
CA ALA B 7 13.73 9.01 -3.75
C ALA B 7 12.95 9.22 -2.46
N ARG B 8 11.63 9.28 -2.58
CA ARG B 8 10.77 9.48 -1.43
C ARG B 8 10.04 8.18 -1.07
N PHE B 9 10.24 7.73 0.16
CA PHE B 9 9.59 6.51 0.63
C PHE B 9 8.66 6.83 1.80
N MET B 10 8.22 8.08 1.86
CA MET B 10 7.32 8.53 2.91
C MET B 10 6.43 9.64 2.38
N CYS B 11 5.17 9.62 2.78
CA CYS B 11 4.21 10.63 2.36
C CYS B 11 4.23 11.81 3.32
N LEU B 12 3.88 12.98 2.81
CA LEU B 12 3.85 14.19 3.60
C LEU B 12 2.41 14.57 3.98
N PRO B 13 1.49 14.73 2.99
CA PRO B 13 0.09 15.10 3.27
C PRO B 13 -0.65 14.03 4.06
N CYS B 14 -0.47 12.77 3.67
CA CYS B 14 -1.13 11.68 4.36
C CYS B 14 -0.48 11.45 5.72
N GLY B 15 0.82 11.19 5.71
CA GLY B 15 1.54 10.97 6.95
C GLY B 15 1.84 9.51 7.19
N ILE B 16 1.05 8.63 6.57
CA ILE B 16 1.24 7.19 6.71
C ILE B 16 2.52 6.77 6.00
N ALA B 17 3.60 6.64 6.76
CA ALA B 17 4.89 6.25 6.22
C ALA B 17 4.94 4.76 5.93
N PHE B 18 5.89 4.35 5.09
CA PHE B 18 6.03 2.94 4.73
C PHE B 18 7.47 2.48 4.89
N SER B 19 7.67 1.19 4.71
CA SER B 19 9.00 0.60 4.82
C SER B 19 9.35 -0.14 3.53
N SER B 20 8.33 -0.56 2.78
CA SER B 20 8.53 -1.28 1.55
C SER B 20 7.96 -0.51 0.36
N PRO B 21 8.75 -0.38 -0.73
CA PRO B 21 8.31 0.33 -1.94
C PRO B 21 7.17 -0.38 -2.64
N SER B 22 7.07 -1.69 -2.39
CA SER B 22 6.03 -2.51 -2.98
C SER B 22 4.66 -2.11 -2.44
N THR B 23 4.62 -1.77 -1.16
CA THR B 23 3.38 -1.37 -0.52
C THR B 23 3.10 0.11 -0.78
N LEU B 24 4.17 0.89 -0.94
CA LEU B 24 4.06 2.33 -1.21
C LEU B 24 3.20 2.59 -2.45
N GLU B 25 3.30 1.68 -3.42
CA GLU B 25 2.53 1.79 -4.66
C GLU B 25 1.04 1.85 -4.37
N ALA B 26 0.57 0.97 -3.49
CA ALA B 26 -0.83 0.93 -3.12
C ALA B 26 -1.23 2.16 -2.33
N HIS B 27 -0.29 2.71 -1.57
CA HIS B 27 -0.56 3.91 -0.79
C HIS B 27 -0.88 5.06 -1.75
N GLN B 28 -0.04 5.21 -2.75
CA GLN B 28 -0.20 6.27 -3.73
C GLN B 28 -1.38 5.96 -4.68
N ALA B 29 -1.95 4.78 -4.52
CA ALA B 29 -3.07 4.37 -5.36
C ALA B 29 -4.40 4.55 -4.66
N TYR B 30 -4.40 4.56 -3.33
CA TYR B 30 -5.64 4.71 -2.57
C TYR B 30 -5.59 5.89 -1.61
N TYR B 31 -4.55 5.98 -0.80
CA TYR B 31 -4.41 7.08 0.15
C TYR B 31 -4.20 8.38 -0.62
N CYS B 32 -3.18 8.39 -1.48
CA CYS B 32 -2.89 9.55 -2.30
C CYS B 32 -3.75 9.47 -3.55
N SER B 33 -4.61 10.47 -3.75
CA SER B 33 -5.51 10.51 -4.89
C SER B 33 -6.47 9.30 -4.86
N HIS B 34 -7.56 9.45 -4.14
CA HIS B 34 -8.55 8.39 -4.01
C HIS B 34 -9.31 8.18 -5.31
N ARG B 35 -8.84 7.25 -6.12
CA ARG B 35 -9.47 6.97 -7.41
C ARG B 35 -9.87 5.51 -7.52
N ILE B 36 -10.39 5.13 -8.67
CA ILE B 36 -10.80 3.76 -8.94
C ILE B 36 -10.23 3.30 -10.28
ZN ZN C . -5.66 -2.50 5.42
ZN ZN D . 0.05 9.58 0.80
N GLU A 3 -8.61 -0.60 -10.73
CA GLU A 3 -9.83 0.16 -11.08
C GLU A 3 -10.58 0.56 -9.83
N ALA A 4 -10.71 -0.36 -8.89
CA ALA A 4 -11.41 -0.09 -7.64
C ALA A 4 -10.44 0.38 -6.57
N ARG A 5 -9.26 -0.24 -6.55
CA ARG A 5 -8.22 0.09 -5.60
C ARG A 5 -6.94 -0.63 -6.00
N GLU A 6 -5.81 -0.23 -5.42
CA GLU A 6 -4.53 -0.85 -5.71
C GLU A 6 -4.01 -1.59 -4.48
N CYS A 7 -2.95 -2.37 -4.67
CA CYS A 7 -2.35 -3.13 -3.58
C CYS A 7 -0.85 -2.87 -3.56
N VAL A 8 -0.23 -3.11 -2.41
CA VAL A 8 1.20 -2.89 -2.23
C VAL A 8 2.01 -4.15 -2.52
N ASN A 9 1.31 -5.26 -2.73
CA ASN A 9 1.98 -6.53 -2.99
C ASN A 9 1.45 -7.18 -4.26
N CYS A 10 0.17 -6.96 -4.54
CA CYS A 10 -0.46 -7.54 -5.71
C CYS A 10 -0.69 -6.48 -6.78
N GLY A 11 -1.41 -5.44 -6.41
CA GLY A 11 -1.72 -4.38 -7.35
C GLY A 11 -2.80 -4.82 -8.32
N ALA A 12 -3.60 -5.77 -7.88
CA ALA A 12 -4.68 -6.30 -8.68
C ALA A 12 -6.03 -5.78 -8.18
N THR A 13 -6.90 -5.47 -9.11
CA THR A 13 -8.23 -4.95 -8.79
C THR A 13 -9.30 -6.00 -9.07
N ALA A 14 -8.88 -7.26 -9.16
CA ALA A 14 -9.79 -8.36 -9.47
C ALA A 14 -10.30 -9.08 -8.22
N THR A 15 -9.86 -8.66 -7.03
CA THR A 15 -10.32 -9.28 -5.80
C THR A 15 -11.79 -8.93 -5.56
N PRO A 16 -12.61 -9.95 -5.25
CA PRO A 16 -14.05 -9.76 -5.00
C PRO A 16 -14.34 -9.00 -3.71
N LEU A 17 -13.37 -8.97 -2.82
CA LEU A 17 -13.52 -8.28 -1.55
C LEU A 17 -12.22 -7.60 -1.17
N TRP A 18 -12.31 -6.33 -0.79
CA TRP A 18 -11.14 -5.55 -0.41
C TRP A 18 -11.00 -5.54 1.11
N ARG A 19 -9.79 -5.34 1.58
CA ARG A 19 -9.53 -5.31 3.01
C ARG A 19 -8.89 -4.00 3.43
N ARG A 20 -9.68 -3.16 4.08
CA ARG A 20 -9.20 -1.88 4.56
C ARG A 20 -8.85 -2.01 6.03
N ASP A 21 -7.79 -1.32 6.44
CA ASP A 21 -7.33 -1.38 7.82
C ASP A 21 -7.60 -0.05 8.52
N ARG A 22 -7.61 -0.08 9.85
CA ARG A 22 -7.85 1.10 10.69
C ARG A 22 -6.82 2.20 10.45
N THR A 23 -5.61 1.82 10.09
CA THR A 23 -4.54 2.77 9.83
C THR A 23 -4.72 3.47 8.47
N GLY A 24 -5.67 2.98 7.69
CA GLY A 24 -5.94 3.57 6.39
C GLY A 24 -5.24 2.83 5.27
N HIS A 25 -4.78 1.62 5.56
CA HIS A 25 -4.08 0.81 4.56
C HIS A 25 -5.06 0.15 3.61
N TYR A 26 -4.72 0.16 2.33
CA TYR A 26 -5.54 -0.44 1.31
C TYR A 26 -4.86 -1.68 0.75
N LEU A 27 -5.52 -2.82 0.92
CA LEU A 27 -4.97 -4.09 0.45
C LEU A 27 -6.07 -4.92 -0.19
N CYS A 28 -5.65 -5.94 -0.94
CA CYS A 28 -6.56 -6.84 -1.62
C CYS A 28 -7.43 -7.59 -0.61
N ASN A 29 -6.87 -8.66 -0.08
CA ASN A 29 -7.53 -9.48 0.91
C ASN A 29 -6.50 -10.37 1.58
N ALA A 30 -5.63 -10.97 0.77
CA ALA A 30 -4.58 -11.84 1.29
C ALA A 30 -3.60 -11.02 2.10
N CYS A 31 -3.13 -9.92 1.51
CA CYS A 31 -2.21 -9.02 2.19
C CYS A 31 -2.92 -8.34 3.35
N GLY A 32 -4.24 -8.20 3.20
CA GLY A 32 -5.05 -7.59 4.23
C GLY A 32 -5.09 -8.44 5.48
N LEU A 33 -5.29 -9.74 5.29
CA LEU A 33 -5.31 -10.69 6.39
C LEU A 33 -3.97 -10.69 7.11
N TYR A 34 -2.91 -10.59 6.32
CA TYR A 34 -1.56 -10.56 6.86
C TYR A 34 -1.39 -9.38 7.80
N HIS A 35 -1.70 -8.18 7.32
CA HIS A 35 -1.58 -6.96 8.10
C HIS A 35 -2.44 -7.05 9.37
N LYS A 36 -3.64 -7.58 9.22
CA LYS A 36 -4.57 -7.73 10.33
C LYS A 36 -3.99 -8.61 11.44
N MET A 37 -3.31 -9.68 11.06
CA MET A 37 -2.73 -10.60 12.03
C MET A 37 -1.35 -10.12 12.49
N ASN A 38 -0.59 -9.52 11.58
CA ASN A 38 0.75 -9.03 11.89
C ASN A 38 0.71 -7.83 12.84
N GLY A 39 -0.23 -6.93 12.60
CA GLY A 39 -0.35 -5.75 13.44
C GLY A 39 0.42 -4.58 12.87
N GLN A 40 1.64 -4.84 12.42
CA GLN A 40 2.50 -3.82 11.85
C GLN A 40 1.91 -3.29 10.55
N ASN A 41 2.31 -2.09 10.17
CA ASN A 41 1.82 -1.44 8.96
C ASN A 41 2.10 -2.29 7.72
N GLY B 1 8.99 24.84 1.39
CA GLY B 1 8.61 23.78 0.44
C GLY B 1 9.83 23.13 -0.20
N SER B 2 9.64 22.52 -1.36
CA SER B 2 10.70 21.84 -2.11
C SER B 2 11.11 20.53 -1.42
N LEU B 3 11.59 20.65 -0.19
CA LEU B 3 12.01 19.48 0.58
C LEU B 3 11.10 19.31 1.79
N LEU B 4 11.27 18.18 2.48
CA LEU B 4 10.47 17.86 3.67
C LEU B 4 9.01 17.59 3.31
N LYS B 5 8.75 17.39 2.03
CA LYS B 5 7.40 17.11 1.57
C LYS B 5 7.44 16.08 0.45
N PRO B 6 7.16 14.82 0.77
CA PRO B 6 7.15 13.73 -0.20
C PRO B 6 5.90 13.75 -1.09
N ALA B 7 5.80 14.78 -1.93
CA ALA B 7 4.66 14.93 -2.83
C ALA B 7 4.78 13.99 -4.03
N ARG B 8 4.83 12.70 -3.75
CA ARG B 8 4.93 11.69 -4.80
C ARG B 8 4.02 10.52 -4.50
N PHE B 9 3.23 10.13 -5.49
CA PHE B 9 2.30 9.02 -5.35
C PHE B 9 2.50 8.01 -6.47
N MET B 10 3.72 7.96 -6.99
CA MET B 10 4.06 7.04 -8.07
C MET B 10 5.43 6.44 -7.81
N CYS B 11 5.51 5.12 -7.92
CA CYS B 11 6.77 4.42 -7.70
C CYS B 11 7.68 4.56 -8.90
N LEU B 12 8.96 4.67 -8.64
CA LEU B 12 9.96 4.79 -9.69
C LEU B 12 10.73 3.47 -9.84
N PRO B 13 11.30 2.92 -8.73
CA PRO B 13 12.04 1.65 -8.80
C PRO B 13 11.17 0.50 -9.31
N CYS B 14 9.99 0.34 -8.73
CA CYS B 14 9.08 -0.70 -9.14
C CYS B 14 8.24 -0.22 -10.32
N GLY B 15 7.57 0.91 -10.12
CA GLY B 15 6.74 1.46 -11.16
C GLY B 15 5.35 0.88 -11.12
N ILE B 16 4.99 0.27 -9.99
CA ILE B 16 3.68 -0.33 -9.83
C ILE B 16 2.61 0.76 -9.69
N ALA B 17 1.49 0.58 -10.39
CA ALA B 17 0.41 1.54 -10.36
C ALA B 17 -0.26 1.61 -8.99
N PHE B 18 0.14 2.60 -8.21
CA PHE B 18 -0.38 2.82 -6.88
C PHE B 18 -0.82 4.28 -6.75
N SER B 19 -1.78 4.56 -5.88
CA SER B 19 -2.25 5.92 -5.69
C SER B 19 -2.56 6.23 -4.23
N SER B 20 -2.84 5.19 -3.44
CA SER B 20 -3.15 5.36 -2.03
C SER B 20 -1.90 5.77 -1.24
N PRO B 21 -1.85 7.03 -0.76
CA PRO B 21 -0.70 7.54 -0.01
C PRO B 21 -0.64 7.03 1.43
N SER B 22 -1.74 6.44 1.88
CA SER B 22 -1.81 5.94 3.25
C SER B 22 -1.25 4.51 3.35
N THR B 23 -0.75 3.99 2.24
CA THR B 23 -0.20 2.64 2.21
C THR B 23 1.13 2.62 1.45
N LEU B 24 1.78 3.77 1.38
CA LEU B 24 3.05 3.89 0.66
C LEU B 24 4.19 3.22 1.42
N GLU B 25 4.05 3.13 2.75
CA GLU B 25 5.08 2.52 3.58
C GLU B 25 5.00 1.00 3.49
N ALA B 26 3.84 0.49 3.08
CA ALA B 26 3.64 -0.93 2.92
C ALA B 26 4.14 -1.37 1.55
N HIS B 27 4.07 -0.46 0.59
CA HIS B 27 4.55 -0.74 -0.75
C HIS B 27 6.07 -0.86 -0.72
N GLN B 28 6.71 0.08 -0.04
CA GLN B 28 8.16 0.08 0.08
C GLN B 28 8.63 -0.92 1.13
N ALA B 29 7.70 -1.70 1.64
CA ALA B 29 8.02 -2.70 2.63
C ALA B 29 8.17 -4.07 1.98
N TYR B 30 7.78 -4.16 0.71
CA TYR B 30 7.86 -5.41 -0.01
C TYR B 30 8.39 -5.22 -1.42
N TYR B 31 7.88 -4.22 -2.13
CA TYR B 31 8.31 -3.96 -3.50
C TYR B 31 9.68 -3.29 -3.51
N CYS B 32 9.74 -2.02 -3.15
CA CYS B 32 11.02 -1.31 -3.12
C CYS B 32 11.73 -1.61 -1.80
N SER B 33 12.42 -2.75 -1.77
CA SER B 33 13.13 -3.22 -0.58
C SER B 33 12.13 -3.69 0.47
N HIS B 34 12.63 -4.16 1.60
CA HIS B 34 11.75 -4.62 2.67
C HIS B 34 11.83 -3.68 3.86
N ARG B 35 10.69 -3.41 4.46
CA ARG B 35 10.62 -2.52 5.60
C ARG B 35 10.03 -3.24 6.80
N ILE B 36 10.72 -3.18 7.92
CA ILE B 36 10.26 -3.82 9.14
C ILE B 36 9.52 -2.81 10.01
ZN ZN C . -2.31 -7.75 -1.98
ZN ZN D . 7.84 0.46 -5.34
N GLU A 3 6.39 -4.78 11.93
CA GLU A 3 6.83 -6.16 12.26
C GLU A 3 6.85 -7.03 11.01
N ALA A 4 5.69 -7.17 10.38
CA ALA A 4 5.59 -7.99 9.17
C ALA A 4 5.69 -7.13 7.92
N ARG A 5 4.83 -6.12 7.82
CA ARG A 5 4.82 -5.23 6.68
C ARG A 5 3.97 -4.01 7.02
N GLU A 6 3.91 -3.05 6.11
CA GLU A 6 3.11 -1.86 6.29
C GLU A 6 1.89 -1.91 5.37
N CYS A 7 0.69 -1.87 5.96
CA CYS A 7 -0.53 -1.90 5.16
C CYS A 7 -0.53 -0.76 4.16
N VAL A 8 -1.18 -0.98 3.04
CA VAL A 8 -1.25 0.00 1.96
C VAL A 8 -1.97 1.28 2.39
N ASN A 9 -2.80 1.20 3.41
CA ASN A 9 -3.53 2.37 3.85
C ASN A 9 -3.48 2.55 5.36
N CYS A 10 -3.50 1.45 6.09
CA CYS A 10 -3.46 1.52 7.53
C CYS A 10 -2.01 1.67 8.02
N GLY A 11 -1.09 1.03 7.31
CA GLY A 11 0.31 1.08 7.68
C GLY A 11 0.55 0.40 9.00
N ALA A 12 -0.37 -0.49 9.35
CA ALA A 12 -0.29 -1.23 10.59
C ALA A 12 0.36 -2.58 10.37
N THR A 13 0.68 -3.27 11.47
CA THR A 13 1.31 -4.57 11.39
C THR A 13 0.82 -5.46 12.53
N ALA A 14 -0.19 -4.98 13.24
CA ALA A 14 -0.76 -5.70 14.38
C ALA A 14 -1.62 -6.89 13.95
N THR A 15 -1.96 -6.95 12.67
CA THR A 15 -2.79 -8.03 12.17
C THR A 15 -1.97 -9.33 12.08
N PRO A 16 -2.47 -10.42 12.66
CA PRO A 16 -1.79 -11.72 12.66
C PRO A 16 -1.89 -12.43 11.30
N LEU A 17 -2.73 -11.90 10.44
CA LEU A 17 -2.93 -12.47 9.12
C LEU A 17 -2.72 -11.39 8.06
N TRP A 18 -1.98 -11.72 7.02
CA TRP A 18 -1.72 -10.77 5.95
C TRP A 18 -2.25 -11.31 4.63
N ARG A 19 -3.12 -10.54 4.00
CA ARG A 19 -3.71 -10.94 2.73
C ARG A 19 -2.93 -10.36 1.57
N ARG A 20 -2.19 -11.21 0.88
CA ARG A 20 -1.40 -10.77 -0.26
C ARG A 20 -2.09 -11.18 -1.55
N ASP A 21 -1.57 -10.72 -2.67
CA ASP A 21 -2.14 -11.05 -3.98
C ASP A 21 -1.07 -11.74 -4.84
N ARG A 22 -1.24 -11.70 -6.15
CA ARG A 22 -0.29 -12.33 -7.05
C ARG A 22 0.94 -11.45 -7.29
N THR A 23 0.77 -10.13 -7.21
CA THR A 23 1.89 -9.21 -7.43
C THR A 23 2.73 -9.06 -6.17
N GLY A 24 2.10 -8.63 -5.08
CA GLY A 24 2.82 -8.44 -3.84
C GLY A 24 2.20 -7.38 -2.95
N HIS A 25 0.89 -7.26 -3.03
CA HIS A 25 0.16 -6.28 -2.22
C HIS A 25 -0.24 -6.90 -0.88
N TYR A 26 0.57 -6.67 0.12
CA TYR A 26 0.30 -7.18 1.46
C TYR A 26 -0.70 -6.29 2.16
N LEU A 27 -1.92 -6.77 2.29
CA LEU A 27 -2.98 -6.03 2.94
C LEU A 27 -3.29 -6.63 4.30
N CYS A 28 -3.93 -5.85 5.15
CA CYS A 28 -4.30 -6.30 6.48
C CYS A 28 -5.38 -7.37 6.43
N ASN A 29 -6.61 -6.91 6.51
CA ASN A 29 -7.78 -7.76 6.47
C ASN A 29 -8.94 -6.98 5.88
N ALA A 30 -9.10 -5.74 6.36
CA ALA A 30 -10.15 -4.86 5.88
C ALA A 30 -9.82 -4.35 4.49
N CYS A 31 -8.57 -3.95 4.30
CA CYS A 31 -8.13 -3.46 3.00
C CYS A 31 -8.06 -4.62 2.01
N GLY A 32 -7.89 -5.82 2.55
CA GLY A 32 -7.81 -7.02 1.73
C GLY A 32 -9.12 -7.31 1.02
N LEU A 33 -10.22 -6.85 1.60
CA LEU A 33 -11.53 -7.05 1.00
C LEU A 33 -11.66 -6.33 -0.33
N TYR A 34 -11.00 -5.18 -0.42
CA TYR A 34 -11.04 -4.38 -1.65
C TYR A 34 -10.36 -5.13 -2.80
N HIS A 35 -9.25 -5.78 -2.51
CA HIS A 35 -8.52 -6.53 -3.52
C HIS A 35 -9.28 -7.80 -3.92
N LYS A 36 -10.17 -8.25 -3.05
CA LYS A 36 -10.95 -9.44 -3.31
C LYS A 36 -12.24 -9.12 -4.07
N MET A 37 -13.03 -8.21 -3.51
CA MET A 37 -14.30 -7.81 -4.12
C MET A 37 -14.09 -7.01 -5.39
N ASN A 38 -13.52 -5.83 -5.25
CA ASN A 38 -13.29 -4.94 -6.40
C ASN A 38 -12.37 -5.59 -7.41
N GLY A 39 -11.41 -6.36 -6.91
CA GLY A 39 -10.48 -7.04 -7.79
C GLY A 39 -9.39 -6.09 -8.27
N GLN A 40 -9.27 -4.96 -7.59
CA GLN A 40 -8.25 -3.97 -7.94
C GLN A 40 -6.95 -4.31 -7.23
N ASN A 41 -6.04 -3.35 -7.14
CA ASN A 41 -4.77 -3.59 -6.48
C ASN A 41 -4.67 -2.81 -5.18
N GLY B 1 17.13 13.64 -16.80
CA GLY B 1 16.11 14.67 -17.10
C GLY B 1 15.56 15.31 -15.84
N SER B 2 16.43 16.03 -15.14
CA SER B 2 16.08 16.73 -13.89
C SER B 2 15.84 15.75 -12.73
N LEU B 3 14.87 14.86 -12.87
CA LEU B 3 14.58 13.89 -11.82
C LEU B 3 14.02 12.59 -12.40
N LEU B 4 12.69 12.46 -12.41
CA LEU B 4 12.00 11.28 -12.93
C LEU B 4 12.41 10.02 -12.16
N LYS B 5 12.88 10.20 -10.92
CA LYS B 5 13.30 9.09 -10.09
C LYS B 5 12.78 9.25 -8.67
N PRO B 6 11.98 8.28 -8.19
CA PRO B 6 11.43 8.31 -6.84
C PRO B 6 12.50 8.01 -5.79
N ALA B 7 12.51 8.79 -4.72
CA ALA B 7 13.51 8.61 -3.66
C ALA B 7 12.88 8.71 -2.27
N ARG B 8 11.58 8.94 -2.22
CA ARG B 8 10.89 9.08 -0.95
C ARG B 8 9.96 7.91 -0.72
N PHE B 9 9.91 7.44 0.53
CA PHE B 9 9.04 6.33 0.91
C PHE B 9 8.07 6.77 2.01
N MET B 10 7.95 8.07 2.19
CA MET B 10 7.07 8.62 3.20
C MET B 10 6.26 9.78 2.63
N CYS B 11 4.96 9.72 2.82
CA CYS B 11 4.08 10.77 2.34
C CYS B 11 3.98 11.88 3.37
N LEU B 12 4.41 13.08 3.00
CA LEU B 12 4.38 14.24 3.87
C LEU B 12 2.94 14.64 4.23
N PRO B 13 2.02 14.75 3.23
CA PRO B 13 0.62 15.13 3.50
C PRO B 13 -0.08 14.12 4.39
N CYS B 14 0.04 12.84 4.04
CA CYS B 14 -0.58 11.77 4.80
C CYS B 14 0.09 11.62 6.17
N GLY B 15 1.41 11.63 6.19
CA GLY B 15 2.13 11.50 7.44
C GLY B 15 2.49 10.06 7.72
N ILE B 16 2.33 9.20 6.72
CA ILE B 16 2.61 7.79 6.86
C ILE B 16 3.90 7.42 6.12
N ALA B 17 4.75 6.64 6.77
CA ALA B 17 6.01 6.21 6.17
C ALA B 17 5.93 4.72 5.84
N PHE B 18 6.44 4.37 4.66
CA PHE B 18 6.43 2.99 4.21
C PHE B 18 7.86 2.46 4.10
N SER B 19 7.97 1.22 3.65
CA SER B 19 9.26 0.59 3.45
C SER B 19 9.23 -0.26 2.18
N SER B 20 8.05 -0.75 1.84
CA SER B 20 7.88 -1.57 0.64
C SER B 20 7.18 -0.75 -0.45
N PRO B 21 7.79 -0.63 -1.64
CA PRO B 21 7.22 0.11 -2.76
C PRO B 21 5.94 -0.53 -3.29
N SER B 22 5.81 -1.83 -3.07
CA SER B 22 4.65 -2.58 -3.52
C SER B 22 3.39 -2.17 -2.77
N THR B 23 3.52 -1.90 -1.47
CA THR B 23 2.38 -1.51 -0.66
C THR B 23 2.06 -0.03 -0.85
N LEU B 24 3.09 0.79 -0.99
CA LEU B 24 2.92 2.22 -1.20
C LEU B 24 2.19 2.51 -2.50
N GLU B 25 2.21 1.53 -3.41
CA GLU B 25 1.55 1.67 -4.70
C GLU B 25 0.05 1.87 -4.53
N ALA B 26 -0.56 1.10 -3.62
CA ALA B 26 -1.99 1.21 -3.36
C ALA B 26 -2.27 2.42 -2.49
N HIS B 27 -1.28 2.78 -1.67
CA HIS B 27 -1.40 3.93 -0.79
C HIS B 27 -1.66 5.19 -1.62
N GLN B 28 -0.87 5.34 -2.68
CA GLN B 28 -1.01 6.49 -3.59
C GLN B 28 -2.19 6.29 -4.52
N ALA B 29 -3.34 5.97 -3.93
CA ALA B 29 -4.56 5.73 -4.67
C ALA B 29 -5.77 5.80 -3.75
N TYR B 30 -5.62 5.23 -2.56
CA TYR B 30 -6.70 5.22 -1.59
C TYR B 30 -6.51 6.32 -0.55
N TYR B 31 -5.27 6.48 -0.08
CA TYR B 31 -4.95 7.48 0.94
C TYR B 31 -4.47 8.79 0.31
N CYS B 32 -3.53 8.69 -0.63
CA CYS B 32 -3.02 9.87 -1.30
C CYS B 32 -4.03 10.37 -2.33
N SER B 33 -5.02 11.13 -1.85
CA SER B 33 -6.08 11.68 -2.69
C SER B 33 -6.99 10.58 -3.22
N HIS B 34 -6.81 10.20 -4.48
CA HIS B 34 -7.62 9.17 -5.09
C HIS B 34 -7.06 8.77 -6.44
N ARG B 35 -7.01 7.46 -6.67
CA ARG B 35 -6.53 6.91 -7.92
C ARG B 35 -7.25 5.60 -8.19
N ILE B 36 -7.46 5.28 -9.46
CA ILE B 36 -8.14 4.06 -9.83
C ILE B 36 -7.15 3.03 -10.37
ZN ZN C . -5.28 -1.99 6.08
ZN ZN D . 0.48 8.84 1.29
N GLU A 3 -6.27 1.98 -12.96
CA GLU A 3 -6.90 0.76 -12.40
C GLU A 3 -7.96 1.12 -11.38
N ALA A 4 -8.85 0.18 -11.07
CA ALA A 4 -9.91 0.40 -10.09
C ALA A 4 -9.31 0.76 -8.74
N ARG A 5 -8.54 -0.16 -8.19
CA ARG A 5 -7.90 0.05 -6.89
C ARG A 5 -6.55 -0.65 -6.89
N GLU A 6 -5.66 -0.25 -5.99
CA GLU A 6 -4.35 -0.86 -5.90
C GLU A 6 -4.11 -1.45 -4.52
N CYS A 7 -3.28 -2.49 -4.48
CA CYS A 7 -2.91 -3.15 -3.24
C CYS A 7 -1.55 -2.65 -2.79
N VAL A 8 -1.22 -2.83 -1.52
CA VAL A 8 0.05 -2.36 -0.99
C VAL A 8 1.14 -3.40 -1.17
N ASN A 9 0.75 -4.62 -1.49
CA ASN A 9 1.72 -5.70 -1.66
C ASN A 9 1.61 -6.35 -3.04
N CYS A 10 0.47 -6.18 -3.68
CA CYS A 10 0.25 -6.75 -5.00
C CYS A 10 0.09 -5.66 -6.05
N GLY A 11 -0.86 -4.78 -5.81
CA GLY A 11 -1.14 -3.71 -6.75
C GLY A 11 -2.08 -4.19 -7.86
N ALA A 12 -2.42 -5.46 -7.81
CA ALA A 12 -3.29 -6.07 -8.79
C ALA A 12 -4.75 -5.93 -8.38
N THR A 13 -5.54 -5.34 -9.27
CA THR A 13 -6.95 -5.12 -9.03
C THR A 13 -7.77 -6.31 -9.54
N ALA A 14 -7.15 -7.48 -9.55
CA ALA A 14 -7.81 -8.69 -10.03
C ALA A 14 -8.57 -9.42 -8.92
N THR A 15 -8.87 -8.71 -7.83
CA THR A 15 -9.61 -9.31 -6.74
C THR A 15 -11.11 -9.09 -6.94
N PRO A 16 -11.92 -10.10 -6.60
CA PRO A 16 -13.39 -10.03 -6.74
C PRO A 16 -14.01 -8.92 -5.90
N LEU A 17 -13.39 -8.64 -4.76
CA LEU A 17 -13.88 -7.62 -3.86
C LEU A 17 -12.71 -7.03 -3.08
N TRP A 18 -12.75 -5.72 -2.83
CA TRP A 18 -11.70 -5.06 -2.08
C TRP A 18 -12.12 -4.92 -0.62
N ARG A 19 -11.23 -5.29 0.28
CA ARG A 19 -11.52 -5.22 1.71
C ARG A 19 -10.47 -4.38 2.42
N ARG A 20 -10.75 -4.03 3.66
CA ARG A 20 -9.82 -3.22 4.44
C ARG A 20 -9.15 -4.06 5.52
N ASP A 21 -7.96 -3.65 5.92
CA ASP A 21 -7.20 -4.34 6.95
C ASP A 21 -7.53 -3.72 8.32
N ARG A 22 -6.54 -3.66 9.22
CA ARG A 22 -6.76 -3.08 10.53
C ARG A 22 -6.24 -1.64 10.61
N THR A 23 -5.41 -1.25 9.64
CA THR A 23 -4.88 0.11 9.61
C THR A 23 -5.82 1.03 8.83
N GLY A 24 -6.75 0.43 8.10
CA GLY A 24 -7.71 1.19 7.34
C GLY A 24 -7.34 1.28 5.87
N HIS A 25 -6.44 0.41 5.45
CA HIS A 25 -5.99 0.39 4.07
C HIS A 25 -6.86 -0.55 3.25
N TYR A 26 -6.99 -0.25 1.96
CA TYR A 26 -7.77 -1.09 1.06
C TYR A 26 -6.83 -2.11 0.40
N LEU A 27 -7.06 -3.38 0.71
CA LEU A 27 -6.22 -4.44 0.18
C LEU A 27 -7.06 -5.47 -0.55
N CYS A 28 -6.39 -6.38 -1.25
CA CYS A 28 -7.06 -7.44 -2.00
C CYS A 28 -7.84 -8.34 -1.07
N ASN A 29 -7.10 -9.25 -0.43
CA ASN A 29 -7.66 -10.21 0.50
C ASN A 29 -6.53 -10.89 1.23
N ALA A 30 -5.51 -11.31 0.48
CA ALA A 30 -4.36 -12.00 1.04
C ALA A 30 -3.62 -11.09 2.03
N CYS A 31 -3.19 -9.94 1.53
CA CYS A 31 -2.48 -8.97 2.35
C CYS A 31 -3.40 -8.43 3.44
N GLY A 32 -4.68 -8.34 3.12
CA GLY A 32 -5.66 -7.86 4.07
C GLY A 32 -5.76 -8.76 5.28
N LEU A 33 -5.87 -10.07 5.03
CA LEU A 33 -5.95 -11.04 6.10
C LEU A 33 -4.63 -11.13 6.84
N TYR A 34 -3.54 -11.02 6.10
CA TYR A 34 -2.21 -11.07 6.68
C TYR A 34 -2.04 -9.98 7.72
N HIS A 35 -2.46 -8.76 7.37
CA HIS A 35 -2.36 -7.62 8.27
C HIS A 35 -3.29 -7.79 9.47
N LYS A 36 -4.44 -8.41 9.24
CA LYS A 36 -5.42 -8.65 10.30
C LYS A 36 -4.90 -9.68 11.30
N MET A 37 -4.21 -10.68 10.81
CA MET A 37 -3.67 -11.75 11.65
C MET A 37 -2.38 -11.30 12.32
N ASN A 38 -1.50 -10.64 11.58
CA ASN A 38 -0.25 -10.17 12.12
C ASN A 38 -0.48 -9.10 13.19
N GLY A 39 -1.24 -8.09 12.84
CA GLY A 39 -1.52 -7.02 13.78
C GLY A 39 -0.62 -5.83 13.54
N GLN A 40 0.64 -6.10 13.23
CA GLN A 40 1.61 -5.05 12.96
C GLN A 40 1.37 -4.44 11.59
N ASN A 41 1.72 -3.18 11.44
CA ASN A 41 1.57 -2.49 10.17
C ASN A 41 2.80 -2.70 9.30
N GLY B 1 8.49 24.83 -1.82
CA GLY B 1 8.20 24.22 -0.50
C GLY B 1 8.41 22.72 -0.51
N SER B 2 7.40 21.99 -0.07
CA SER B 2 7.44 20.52 -0.03
C SER B 2 8.40 20.02 1.03
N LEU B 3 8.90 20.92 1.87
CA LEU B 3 9.81 20.54 2.93
C LEU B 3 9.01 19.88 4.04
N LEU B 4 9.39 18.64 4.39
CA LEU B 4 8.70 17.87 5.42
C LEU B 4 7.29 17.51 4.95
N LYS B 5 7.07 17.58 3.64
CA LYS B 5 5.78 17.27 3.06
C LYS B 5 5.93 16.31 1.89
N PRO B 6 5.22 15.18 1.94
CA PRO B 6 5.26 14.17 0.88
C PRO B 6 4.57 14.64 -0.39
N ALA B 7 5.36 15.04 -1.37
CA ALA B 7 4.83 15.52 -2.63
C ALA B 7 5.04 14.49 -3.75
N ARG B 8 5.47 13.30 -3.36
CA ARG B 8 5.71 12.24 -4.33
C ARG B 8 4.86 11.02 -4.02
N PHE B 9 4.15 10.54 -5.04
CA PHE B 9 3.29 9.38 -4.88
C PHE B 9 3.66 8.31 -5.90
N MET B 10 4.90 8.36 -6.35
CA MET B 10 5.39 7.41 -7.34
C MET B 10 6.75 6.87 -6.89
N CYS B 11 6.89 5.55 -6.87
CA CYS B 11 8.13 4.93 -6.48
C CYS B 11 9.13 4.92 -7.64
N LEU B 12 10.32 5.41 -7.36
CA LEU B 12 11.37 5.46 -8.36
C LEU B 12 12.13 4.13 -8.40
N PRO B 13 12.65 3.64 -7.23
CA PRO B 13 13.40 2.38 -7.18
C PRO B 13 12.56 1.18 -7.60
N CYS B 14 11.43 0.96 -6.93
CA CYS B 14 10.57 -0.17 -7.24
C CYS B 14 9.92 0.00 -8.61
N GLY B 15 9.22 1.11 -8.79
CA GLY B 15 8.57 1.37 -10.05
C GLY B 15 7.08 1.12 -9.99
N ILE B 16 6.65 0.40 -8.96
CA ILE B 16 5.23 0.10 -8.78
C ILE B 16 4.50 1.34 -8.28
N ALA B 17 4.01 2.14 -9.21
CA ALA B 17 3.29 3.35 -8.87
C ALA B 17 1.86 3.05 -8.48
N PHE B 18 1.36 3.75 -7.48
CA PHE B 18 0.00 3.55 -7.01
C PHE B 18 -0.88 4.74 -7.38
N SER B 19 -2.08 4.76 -6.85
CA SER B 19 -3.01 5.84 -7.13
C SER B 19 -3.43 6.54 -5.84
N SER B 20 -3.48 5.77 -4.76
CA SER B 20 -3.87 6.31 -3.47
C SER B 20 -2.65 6.43 -2.55
N PRO B 21 -2.55 7.54 -1.80
CA PRO B 21 -1.43 7.77 -0.87
C PRO B 21 -1.42 6.76 0.28
N SER B 22 -2.60 6.29 0.67
CA SER B 22 -2.73 5.34 1.76
C SER B 22 -2.05 4.00 1.41
N THR B 23 -2.05 3.67 0.13
CA THR B 23 -1.45 2.43 -0.33
C THR B 23 0.08 2.54 -0.31
N LEU B 24 0.58 3.73 -0.61
CA LEU B 24 2.01 3.98 -0.64
C LEU B 24 2.62 3.82 0.76
N GLU B 25 1.82 4.05 1.79
CA GLU B 25 2.28 3.94 3.18
C GLU B 25 2.82 2.54 3.47
N ALA B 26 2.11 1.52 3.00
CA ALA B 26 2.53 0.15 3.21
C ALA B 26 3.53 -0.28 2.14
N HIS B 27 3.44 0.36 0.98
CA HIS B 27 4.37 0.07 -0.11
C HIS B 27 5.81 0.30 0.34
N GLN B 28 6.04 1.43 0.99
CA GLN B 28 7.39 1.78 1.46
C GLN B 28 7.85 0.88 2.61
N ALA B 29 7.00 -0.04 3.03
CA ALA B 29 7.34 -0.94 4.12
C ALA B 29 7.52 -2.38 3.62
N TYR B 30 6.69 -2.78 2.67
CA TYR B 30 6.76 -4.13 2.13
C TYR B 30 7.41 -4.18 0.75
N TYR B 31 6.95 -3.34 -0.16
CA TYR B 31 7.48 -3.31 -1.52
C TYR B 31 8.86 -2.67 -1.57
N CYS B 32 8.99 -1.47 -0.99
CA CYS B 32 10.27 -0.78 -0.96
C CYS B 32 11.26 -1.54 -0.07
N SER B 33 12.13 -2.31 -0.71
CA SER B 33 13.12 -3.12 0.00
C SER B 33 12.42 -4.12 0.91
N HIS B 34 12.44 -3.85 2.22
CA HIS B 34 11.80 -4.70 3.21
C HIS B 34 12.01 -4.12 4.61
N ARG B 35 11.04 -3.35 5.07
CA ARG B 35 11.13 -2.72 6.38
C ARG B 35 10.73 -3.72 7.45
N ILE B 36 11.72 -4.19 8.20
CA ILE B 36 11.49 -5.13 9.27
C ILE B 36 11.57 -4.42 10.62
ZN ZN C . -2.57 -7.83 -2.24
ZN ZN D . 8.72 1.10 -3.74
N GLU A 3 -6.04 -1.07 -11.76
CA GLU A 3 -7.15 -0.30 -12.36
C GLU A 3 -8.02 0.31 -11.27
N ALA A 4 -8.58 -0.55 -10.42
CA ALA A 4 -9.44 -0.10 -9.33
C ALA A 4 -8.63 0.65 -8.29
N ARG A 5 -7.63 -0.01 -7.74
CA ARG A 5 -6.77 0.58 -6.72
C ARG A 5 -5.38 -0.02 -6.83
N GLU A 6 -4.44 0.48 -6.03
CA GLU A 6 -3.08 -0.02 -6.03
C GLU A 6 -2.79 -0.83 -4.76
N CYS A 7 -1.78 -1.69 -4.83
CA CYS A 7 -1.40 -2.51 -3.70
C CYS A 7 -0.02 -2.13 -3.19
N VAL A 8 0.29 -2.57 -1.99
CA VAL A 8 1.55 -2.26 -1.34
C VAL A 8 2.45 -3.47 -1.27
N ASN A 9 1.92 -4.63 -1.62
CA ASN A 9 2.69 -5.86 -1.55
C ASN A 9 2.82 -6.53 -2.90
N CYS A 10 1.88 -6.31 -3.80
CA CYS A 10 1.94 -6.93 -5.12
C CYS A 10 1.51 -5.97 -6.21
N GLY A 11 0.29 -5.52 -6.15
CA GLY A 11 -0.23 -4.61 -7.15
C GLY A 11 -1.48 -5.15 -7.79
N ALA A 12 -2.09 -6.13 -7.16
CA ALA A 12 -3.32 -6.73 -7.67
C ALA A 12 -4.45 -5.72 -7.64
N THR A 13 -5.31 -5.76 -8.65
CA THR A 13 -6.42 -4.83 -8.73
C THR A 13 -7.74 -5.56 -8.97
N ALA A 14 -7.71 -6.88 -8.92
CA ALA A 14 -8.91 -7.68 -9.13
C ALA A 14 -9.19 -8.54 -7.91
N THR A 15 -10.08 -8.07 -7.05
CA THR A 15 -10.43 -8.80 -5.85
C THR A 15 -11.91 -8.57 -5.52
N PRO A 16 -12.60 -9.60 -5.02
CA PRO A 16 -14.02 -9.51 -4.66
C PRO A 16 -14.29 -8.48 -3.56
N LEU A 17 -13.28 -8.25 -2.72
CA LEU A 17 -13.40 -7.28 -1.65
C LEU A 17 -12.03 -6.78 -1.24
N TRP A 18 -11.85 -5.47 -1.27
CA TRP A 18 -10.59 -4.86 -0.90
C TRP A 18 -10.43 -4.86 0.62
N ARG A 19 -9.49 -5.65 1.12
CA ARG A 19 -9.24 -5.73 2.54
C ARG A 19 -8.55 -4.46 3.02
N ARG A 20 -9.31 -3.60 3.66
CA ARG A 20 -8.79 -2.33 4.17
C ARG A 20 -8.44 -2.45 5.64
N ASP A 21 -8.11 -1.32 6.25
CA ASP A 21 -7.75 -1.27 7.66
C ASP A 21 -8.27 0.03 8.26
N ARG A 22 -7.95 0.26 9.53
CA ARG A 22 -8.37 1.48 10.23
C ARG A 22 -7.84 2.73 9.53
N THR A 23 -6.58 2.68 9.09
CA THR A 23 -5.98 3.82 8.41
C THR A 23 -6.54 3.98 7.00
N GLY A 24 -6.50 2.91 6.24
CA GLY A 24 -7.01 2.92 4.88
C GLY A 24 -6.11 2.14 3.94
N HIS A 25 -5.51 1.08 4.45
CA HIS A 25 -4.63 0.24 3.64
C HIS A 25 -5.45 -0.72 2.79
N TYR A 26 -5.73 -0.31 1.56
CA TYR A 26 -6.51 -1.14 0.65
C TYR A 26 -5.64 -2.25 0.09
N LEU A 27 -6.03 -3.49 0.34
CA LEU A 27 -5.28 -4.65 -0.12
C LEU A 27 -6.17 -5.56 -0.96
N CYS A 28 -5.54 -6.40 -1.76
CA CYS A 28 -6.24 -7.34 -2.63
C CYS A 28 -6.90 -8.47 -1.83
N ASN A 29 -6.12 -9.52 -1.59
CA ASN A 29 -6.59 -10.66 -0.85
C ASN A 29 -5.45 -11.34 -0.11
N ALA A 30 -4.41 -11.73 -0.85
CA ALA A 30 -3.24 -12.39 -0.25
C ALA A 30 -2.63 -11.50 0.83
N CYS A 31 -2.27 -10.28 0.42
CA CYS A 31 -1.70 -9.31 1.33
C CYS A 31 -2.73 -8.90 2.38
N GLY A 32 -4.00 -9.00 2.00
CA GLY A 32 -5.08 -8.65 2.90
C GLY A 32 -5.17 -9.62 4.06
N LEU A 33 -5.07 -10.91 3.74
CA LEU A 33 -5.13 -11.96 4.75
C LEU A 33 -3.86 -11.90 5.58
N TYR A 34 -2.74 -11.64 4.92
CA TYR A 34 -1.45 -11.53 5.58
C TYR A 34 -1.50 -10.43 6.64
N HIS A 35 -2.18 -9.34 6.30
CA HIS A 35 -2.35 -8.21 7.20
C HIS A 35 -3.01 -8.64 8.51
N LYS A 36 -3.98 -9.53 8.40
CA LYS A 36 -4.70 -10.02 9.56
C LYS A 36 -3.88 -11.11 10.28
N MET A 37 -3.28 -11.99 9.51
CA MET A 37 -2.48 -13.08 10.04
C MET A 37 -1.26 -12.57 10.81
N ASN A 38 -0.44 -11.77 10.14
CA ASN A 38 0.77 -11.23 10.75
C ASN A 38 0.42 -10.18 11.79
N GLY A 39 -0.66 -9.45 11.56
CA GLY A 39 -1.09 -8.43 12.50
C GLY A 39 -0.49 -7.07 12.19
N GLN A 40 0.44 -7.05 11.24
CA GLN A 40 1.10 -5.80 10.85
C GLN A 40 0.19 -4.99 9.94
N ASN A 41 0.54 -3.73 9.76
CA ASN A 41 -0.25 -2.83 8.94
C ASN A 41 0.28 -2.83 7.50
N GLY B 1 11.13 12.94 4.66
CA GLY B 1 12.22 13.93 4.51
C GLY B 1 12.23 14.58 3.15
N SER B 2 13.43 14.84 2.63
CA SER B 2 13.62 15.45 1.32
C SER B 2 13.05 16.87 1.24
N LEU B 3 11.75 16.99 1.14
CA LEU B 3 11.11 18.30 1.05
C LEU B 3 10.13 18.49 2.20
N LEU B 4 10.23 17.62 3.20
CA LEU B 4 9.38 17.65 4.39
C LEU B 4 7.95 17.19 4.07
N LYS B 5 7.31 17.87 3.12
CA LYS B 5 5.97 17.51 2.72
C LYS B 5 6.02 16.76 1.38
N PRO B 6 5.81 15.44 1.41
CA PRO B 6 5.83 14.61 0.21
C PRO B 6 4.59 14.80 -0.66
N ALA B 7 4.76 15.50 -1.77
CA ALA B 7 3.66 15.74 -2.69
C ALA B 7 3.58 14.65 -3.75
N ARG B 8 4.67 13.91 -3.88
CA ARG B 8 4.75 12.83 -4.86
C ARG B 8 4.01 11.60 -4.36
N PHE B 9 3.22 11.00 -5.24
CA PHE B 9 2.45 9.81 -4.90
C PHE B 9 2.79 8.67 -5.85
N MET B 10 4.04 8.63 -6.29
CA MET B 10 4.49 7.59 -7.21
C MET B 10 5.96 7.30 -6.97
N CYS B 11 6.29 6.01 -6.89
CA CYS B 11 7.67 5.60 -6.68
C CYS B 11 8.36 5.31 -8.01
N LEU B 12 9.34 6.13 -8.33
CA LEU B 12 10.11 5.97 -9.56
C LEU B 12 10.92 4.67 -9.54
N PRO B 13 11.67 4.36 -8.44
CA PRO B 13 12.46 3.12 -8.35
C PRO B 13 11.60 1.87 -8.52
N CYS B 14 10.52 1.78 -7.75
CA CYS B 14 9.63 0.64 -7.82
C CYS B 14 8.95 0.54 -9.18
N GLY B 15 8.45 1.67 -9.66
CA GLY B 15 7.79 1.70 -10.94
C GLY B 15 6.30 1.47 -10.80
N ILE B 16 5.86 1.30 -9.56
CA ILE B 16 4.45 1.08 -9.27
C ILE B 16 3.76 2.43 -9.04
N ALA B 17 2.85 2.76 -9.93
CA ALA B 17 2.12 4.02 -9.85
C ALA B 17 1.07 3.94 -8.74
N PHE B 18 1.17 4.87 -7.80
CA PHE B 18 0.25 4.90 -6.68
C PHE B 18 -0.75 6.05 -6.85
N SER B 19 -1.79 6.02 -6.05
CA SER B 19 -2.83 7.03 -6.09
C SER B 19 -3.33 7.34 -4.68
N SER B 20 -3.24 6.36 -3.79
CA SER B 20 -3.70 6.52 -2.43
C SER B 20 -2.51 6.66 -1.46
N PRO B 21 -2.29 7.87 -0.92
CA PRO B 21 -1.19 8.13 0.02
C PRO B 21 -1.34 7.34 1.31
N SER B 22 -2.56 6.91 1.61
CA SER B 22 -2.85 6.15 2.80
C SER B 22 -2.18 4.77 2.74
N THR B 23 -2.21 4.16 1.58
CA THR B 23 -1.62 2.85 1.39
C THR B 23 -0.10 2.93 1.29
N LEU B 24 0.41 4.09 0.90
CA LEU B 24 1.85 4.32 0.77
C LEU B 24 2.60 3.98 2.06
N GLU B 25 1.90 4.06 3.20
CA GLU B 25 2.48 3.74 4.49
C GLU B 25 2.99 2.30 4.51
N ALA B 26 2.29 1.43 3.80
CA ALA B 26 2.67 0.01 3.73
C ALA B 26 3.52 -0.24 2.48
N HIS B 27 3.33 0.57 1.45
CA HIS B 27 4.10 0.42 0.23
C HIS B 27 5.58 0.68 0.49
N GLN B 28 5.86 1.72 1.26
CA GLN B 28 7.24 2.07 1.60
C GLN B 28 7.73 1.22 2.76
N ALA B 29 7.51 -0.08 2.65
CA ALA B 29 7.90 -1.03 3.66
C ALA B 29 8.01 -2.42 3.06
N TYR B 30 7.00 -2.79 2.27
CA TYR B 30 6.96 -4.09 1.62
C TYR B 30 7.46 -4.00 0.18
N TYR B 31 7.22 -2.86 -0.47
CA TYR B 31 7.66 -2.67 -1.84
C TYR B 31 8.93 -1.83 -1.87
N CYS B 32 8.87 -0.62 -1.31
CA CYS B 32 10.05 0.22 -1.24
C CYS B 32 10.98 -0.35 -0.19
N SER B 33 12.03 -1.02 -0.64
CA SER B 33 12.99 -1.66 0.26
C SER B 33 12.30 -2.81 1.00
N HIS B 34 12.83 -3.23 2.14
CA HIS B 34 12.20 -4.30 2.90
C HIS B 34 12.36 -4.08 4.39
N ARG B 35 11.31 -3.54 4.99
CA ARG B 35 11.30 -3.26 6.42
C ARG B 35 9.95 -3.65 7.01
N ILE B 36 9.76 -3.29 8.27
CA ILE B 36 8.51 -3.58 8.96
C ILE B 36 8.01 -2.32 9.65
ZN ZN C . -1.68 -7.17 -2.70
ZN ZN D . 7.36 2.37 -4.00
N GLU A 3 3.80 -1.44 16.67
CA GLU A 3 4.37 -1.14 15.34
C GLU A 3 4.47 -2.41 14.51
N ALA A 4 3.91 -2.37 13.31
CA ALA A 4 3.94 -3.51 12.41
C ALA A 4 4.06 -3.04 10.97
N ARG A 5 3.94 -3.96 10.03
CA ARG A 5 4.03 -3.64 8.61
C ARG A 5 2.85 -2.76 8.22
N GLU A 6 3.03 -1.94 7.18
CA GLU A 6 1.97 -1.06 6.72
C GLU A 6 1.17 -1.74 5.61
N CYS A 7 -0.09 -1.34 5.48
CA CYS A 7 -0.96 -1.88 4.45
C CYS A 7 -0.65 -1.25 3.12
N VAL A 8 -1.41 -1.61 2.11
CA VAL A 8 -1.21 -1.08 0.79
C VAL A 8 -1.90 0.25 0.63
N ASN A 9 -2.61 0.69 1.68
CA ASN A 9 -3.32 1.96 1.61
C ASN A 9 -3.41 2.63 2.96
N CYS A 10 -4.01 1.94 3.92
CA CYS A 10 -4.20 2.50 5.25
C CYS A 10 -2.90 2.50 6.04
N GLY A 11 -2.43 1.32 6.39
CA GLY A 11 -1.21 1.20 7.15
C GLY A 11 -1.50 0.85 8.59
N ALA A 12 -2.78 0.72 8.91
CA ALA A 12 -3.20 0.39 10.26
C ALA A 12 -3.26 -1.11 10.43
N THR A 13 -2.42 -1.63 11.32
CA THR A 13 -2.36 -3.06 11.57
C THR A 13 -3.56 -3.54 12.42
N ALA A 14 -4.75 -3.33 11.89
CA ALA A 14 -5.98 -3.72 12.57
C ALA A 14 -6.36 -5.15 12.19
N THR A 15 -5.58 -5.74 11.30
CA THR A 15 -5.82 -7.10 10.86
C THR A 15 -5.10 -8.08 11.78
N PRO A 16 -5.75 -9.22 12.10
CA PRO A 16 -5.16 -10.24 12.97
C PRO A 16 -3.98 -10.96 12.31
N LEU A 17 -3.93 -10.90 10.99
CA LEU A 17 -2.87 -11.53 10.23
C LEU A 17 -2.71 -10.84 8.89
N TRP A 18 -1.51 -10.33 8.63
CA TRP A 18 -1.22 -9.64 7.38
C TRP A 18 -1.12 -10.63 6.22
N ARG A 19 -1.50 -10.18 5.04
CA ARG A 19 -1.45 -11.04 3.87
C ARG A 19 -0.58 -10.42 2.78
N ARG A 20 0.57 -11.03 2.55
CA ARG A 20 1.49 -10.55 1.53
C ARG A 20 1.18 -11.23 0.21
N ASP A 21 0.74 -10.45 -0.76
CA ASP A 21 0.42 -10.97 -2.08
C ASP A 21 1.70 -11.33 -2.83
N ARG A 22 1.57 -12.07 -3.93
CA ARG A 22 2.70 -12.50 -4.74
C ARG A 22 3.56 -11.31 -5.19
N THR A 23 2.92 -10.18 -5.42
CA THR A 23 3.61 -8.97 -5.88
C THR A 23 4.30 -8.25 -4.72
N GLY A 24 4.07 -8.72 -3.50
CA GLY A 24 4.68 -8.11 -2.34
C GLY A 24 3.77 -7.12 -1.66
N HIS A 25 2.51 -7.08 -2.07
CA HIS A 25 1.55 -6.16 -1.49
C HIS A 25 1.05 -6.67 -0.14
N TYR A 26 1.42 -5.98 0.93
CA TYR A 26 0.97 -6.36 2.26
C TYR A 26 -0.42 -5.78 2.50
N LEU A 27 -1.43 -6.60 2.30
CA LEU A 27 -2.80 -6.16 2.49
C LEU A 27 -3.31 -6.59 3.85
N CYS A 28 -4.05 -5.72 4.51
CA CYS A 28 -4.62 -6.00 5.81
C CYS A 28 -5.63 -7.14 5.73
N ASN A 29 -6.80 -6.80 5.22
CA ASN A 29 -7.90 -7.72 5.04
C ASN A 29 -9.00 -7.02 4.26
N ALA A 30 -9.13 -5.72 4.53
CA ALA A 30 -10.13 -4.91 3.85
C ALA A 30 -9.65 -4.60 2.43
N CYS A 31 -8.41 -4.13 2.34
CA CYS A 31 -7.81 -3.81 1.05
C CYS A 31 -7.46 -5.09 0.31
N GLY A 32 -7.27 -6.16 1.08
CA GLY A 32 -6.93 -7.45 0.52
C GLY A 32 -8.04 -7.98 -0.36
N LEU A 33 -9.28 -7.63 -0.03
CA LEU A 33 -10.43 -8.07 -0.80
C LEU A 33 -10.38 -7.55 -2.23
N TYR A 34 -9.81 -6.36 -2.39
CA TYR A 34 -9.69 -5.76 -3.70
C TYR A 34 -8.69 -6.51 -4.55
N HIS A 35 -7.52 -6.77 -4.00
CA HIS A 35 -6.46 -7.48 -4.72
C HIS A 35 -6.80 -8.95 -4.95
N LYS A 36 -7.38 -9.60 -3.95
CA LYS A 36 -7.70 -11.01 -4.05
C LYS A 36 -9.06 -11.28 -4.70
N MET A 37 -10.13 -11.00 -3.96
CA MET A 37 -11.49 -11.25 -4.44
C MET A 37 -11.78 -10.57 -5.77
N ASN A 38 -11.60 -9.25 -5.82
CA ASN A 38 -11.88 -8.50 -7.05
C ASN A 38 -10.82 -8.77 -8.12
N GLY A 39 -9.55 -8.63 -7.75
CA GLY A 39 -8.48 -8.88 -8.70
C GLY A 39 -7.69 -7.62 -9.01
N GLN A 40 -7.65 -6.70 -8.06
CA GLN A 40 -6.92 -5.45 -8.22
C GLN A 40 -5.47 -5.62 -7.78
N ASN A 41 -4.76 -4.52 -7.60
CA ASN A 41 -3.37 -4.56 -7.18
C ASN A 41 -3.18 -3.74 -5.91
N GLY B 1 18.64 16.17 -6.48
CA GLY B 1 18.99 14.73 -6.44
C GLY B 1 17.78 13.84 -6.61
N SER B 2 17.95 12.56 -6.28
CA SER B 2 16.87 11.57 -6.38
C SER B 2 16.34 11.45 -7.81
N LEU B 3 17.26 11.54 -8.78
CA LEU B 3 16.90 11.44 -10.18
C LEU B 3 16.47 10.02 -10.52
N LEU B 4 15.19 9.87 -10.86
CA LEU B 4 14.62 8.57 -11.22
C LEU B 4 14.66 7.60 -10.03
N LYS B 5 14.76 8.16 -8.83
CA LYS B 5 14.83 7.33 -7.63
C LYS B 5 13.73 7.71 -6.65
N PRO B 6 12.84 6.75 -6.32
CA PRO B 6 11.75 6.96 -5.38
C PRO B 6 12.24 6.99 -3.94
N ALA B 7 12.96 8.05 -3.59
CA ALA B 7 13.50 8.21 -2.25
C ALA B 7 12.49 8.85 -1.31
N ARG B 8 11.21 8.76 -1.67
CA ARG B 8 10.15 9.32 -0.86
C ARG B 8 9.11 8.25 -0.54
N PHE B 9 9.18 7.71 0.67
CA PHE B 9 8.25 6.66 1.09
C PHE B 9 7.10 7.28 1.88
N MET B 10 6.97 8.59 1.80
CA MET B 10 5.92 9.30 2.53
C MET B 10 5.26 10.33 1.64
N CYS B 11 3.94 10.27 1.55
CA CYS B 11 3.19 11.22 0.76
C CYS B 11 2.88 12.43 1.61
N LEU B 12 3.19 13.62 1.09
CA LEU B 12 2.96 14.86 1.82
C LEU B 12 1.45 15.14 2.02
N PRO B 13 0.62 15.11 0.95
CA PRO B 13 -0.82 15.37 1.07
C PRO B 13 -1.50 14.40 2.03
N CYS B 14 -1.24 13.12 1.84
CA CYS B 14 -1.81 12.08 2.69
C CYS B 14 -1.23 12.17 4.10
N GLY B 15 0.07 12.40 4.19
CA GLY B 15 0.72 12.51 5.47
C GLY B 15 1.09 11.17 6.07
N ILE B 16 1.07 10.13 5.25
CA ILE B 16 1.39 8.80 5.71
C ILE B 16 2.77 8.37 5.25
N ALA B 17 3.58 7.90 6.19
CA ALA B 17 4.93 7.46 5.89
C ALA B 17 4.99 5.93 5.90
N PHE B 18 5.35 5.35 4.76
CA PHE B 18 5.43 3.91 4.63
C PHE B 18 6.89 3.45 4.68
N SER B 19 7.09 2.15 4.57
CA SER B 19 8.43 1.58 4.59
C SER B 19 8.61 0.65 3.40
N SER B 20 7.53 -0.01 3.00
CA SER B 20 7.55 -0.94 1.90
C SER B 20 7.13 -0.23 0.60
N PRO B 21 7.92 -0.36 -0.47
CA PRO B 21 7.60 0.26 -1.75
C PRO B 21 6.48 -0.48 -2.47
N SER B 22 6.35 -1.76 -2.15
CA SER B 22 5.34 -2.61 -2.76
C SER B 22 3.92 -2.24 -2.29
N THR B 23 3.81 -1.72 -1.08
CA THR B 23 2.51 -1.33 -0.56
C THR B 23 2.09 0.02 -1.10
N LEU B 24 3.06 0.92 -1.22
CA LEU B 24 2.83 2.27 -1.74
C LEU B 24 2.31 2.24 -3.18
N GLU B 25 2.58 1.13 -3.89
CA GLU B 25 2.14 0.97 -5.28
C GLU B 25 0.62 1.06 -5.39
N ALA B 26 -0.09 0.56 -4.38
CA ALA B 26 -1.55 0.59 -4.37
C ALA B 26 -2.05 1.88 -3.72
N HIS B 27 -1.41 2.24 -2.62
CA HIS B 27 -1.74 3.47 -1.89
C HIS B 27 -1.78 4.68 -2.81
N GLN B 28 -0.79 4.79 -3.69
CA GLN B 28 -0.70 5.91 -4.62
C GLN B 28 -1.73 5.82 -5.75
N ALA B 29 -2.89 5.25 -5.44
CA ALA B 29 -3.95 5.09 -6.41
C ALA B 29 -5.30 5.06 -5.71
N TYR B 30 -5.39 4.27 -4.65
CA TYR B 30 -6.63 4.13 -3.90
C TYR B 30 -6.74 5.23 -2.84
N TYR B 31 -5.58 5.64 -2.30
CA TYR B 31 -5.52 6.66 -1.26
C TYR B 31 -5.19 8.02 -1.84
N CYS B 32 -3.99 8.15 -2.42
CA CYS B 32 -3.58 9.40 -3.02
C CYS B 32 -4.50 9.72 -4.19
N SER B 33 -5.40 10.67 -3.97
CA SER B 33 -6.37 11.05 -4.98
C SER B 33 -7.32 9.88 -5.24
N HIS B 34 -7.52 9.54 -6.51
CA HIS B 34 -8.39 8.42 -6.85
C HIS B 34 -8.20 8.06 -8.32
N ARG B 35 -7.33 7.10 -8.57
CA ARG B 35 -7.06 6.65 -9.93
C ARG B 35 -6.94 5.14 -9.99
N ILE B 36 -6.85 4.61 -11.19
CA ILE B 36 -6.75 3.17 -11.39
C ILE B 36 -5.37 2.80 -11.95
ZN ZN C . -5.74 -1.87 4.48
ZN ZN D . -0.08 8.91 -0.19
N GLU A 3 -10.98 1.76 -12.48
CA GLU A 3 -10.60 0.63 -11.62
C GLU A 3 -11.00 0.90 -10.18
N ALA A 4 -11.26 -0.15 -9.42
CA ALA A 4 -11.68 -0.03 -8.03
C ALA A 4 -10.66 0.73 -7.18
N ARG A 5 -9.51 0.13 -6.95
CA ARG A 5 -8.47 0.75 -6.15
C ARG A 5 -7.12 0.12 -6.46
N GLU A 6 -6.05 0.80 -6.09
CA GLU A 6 -4.71 0.30 -6.32
C GLU A 6 -4.18 -0.38 -5.07
N CYS A 7 -3.45 -1.47 -5.25
CA CYS A 7 -2.89 -2.20 -4.12
C CYS A 7 -1.45 -1.79 -3.91
N VAL A 8 -1.03 -1.81 -2.65
CA VAL A 8 0.31 -1.44 -2.28
C VAL A 8 1.21 -2.67 -2.15
N ASN A 9 0.61 -3.82 -2.38
CA ASN A 9 1.34 -5.09 -2.30
C ASN A 9 1.52 -5.68 -3.68
N CYS A 10 0.50 -5.58 -4.50
CA CYS A 10 0.55 -6.10 -5.86
C CYS A 10 0.24 -5.00 -6.86
N GLY A 11 -0.91 -4.38 -6.69
CA GLY A 11 -1.33 -3.34 -7.59
C GLY A 11 -2.39 -3.83 -8.54
N ALA A 12 -2.76 -5.09 -8.36
CA ALA A 12 -3.77 -5.72 -9.21
C ALA A 12 -5.16 -5.58 -8.60
N THR A 13 -5.94 -4.66 -9.15
CA THR A 13 -7.29 -4.42 -8.66
C THR A 13 -8.24 -5.51 -9.16
N ALA A 14 -8.07 -6.71 -8.63
CA ALA A 14 -8.88 -7.85 -9.00
C ALA A 14 -9.14 -8.69 -7.76
N THR A 15 -9.99 -8.18 -6.90
CA THR A 15 -10.33 -8.86 -5.65
C THR A 15 -11.84 -8.99 -5.50
N PRO A 16 -12.31 -10.10 -4.90
CA PRO A 16 -13.74 -10.33 -4.66
C PRO A 16 -14.31 -9.33 -3.66
N LEU A 17 -13.44 -8.84 -2.78
CA LEU A 17 -13.84 -7.87 -1.77
C LEU A 17 -12.58 -7.21 -1.19
N TRP A 18 -12.66 -5.92 -0.90
CA TRP A 18 -11.53 -5.19 -0.36
C TRP A 18 -11.45 -5.34 1.16
N ARG A 19 -10.25 -5.60 1.65
CA ARG A 19 -10.03 -5.76 3.08
C ARG A 19 -9.47 -4.45 3.67
N ARG A 20 -10.31 -3.75 4.41
CA ARG A 20 -9.91 -2.48 5.03
C ARG A 20 -9.19 -2.73 6.35
N ASP A 21 -8.52 -1.70 6.85
CA ASP A 21 -7.77 -1.79 8.09
C ASP A 21 -7.98 -0.54 8.94
N ARG A 22 -7.96 -0.73 10.26
CA ARG A 22 -8.17 0.36 11.22
C ARG A 22 -7.07 1.42 11.10
N THR A 23 -5.82 0.99 11.05
CA THR A 23 -4.68 1.89 10.95
C THR A 23 -4.72 2.68 9.63
N GLY A 24 -4.93 1.96 8.53
CA GLY A 24 -4.99 2.60 7.24
C GLY A 24 -4.33 1.79 6.14
N HIS A 25 -3.96 0.55 6.44
CA HIS A 25 -3.32 -0.31 5.45
C HIS A 25 -4.36 -1.03 4.60
N TYR A 26 -4.97 -0.28 3.69
CA TYR A 26 -5.98 -0.83 2.79
C TYR A 26 -5.34 -1.79 1.78
N LEU A 27 -5.93 -2.97 1.65
CA LEU A 27 -5.41 -3.96 0.73
C LEU A 27 -6.56 -4.67 0.02
N CYS A 28 -6.24 -5.48 -0.98
CA CYS A 28 -7.25 -6.20 -1.75
C CYS A 28 -7.86 -7.33 -0.92
N ASN A 29 -7.29 -8.50 -1.07
CA ASN A 29 -7.75 -9.68 -0.35
C ASN A 29 -6.57 -10.60 -0.12
N ALA A 30 -5.87 -10.92 -1.21
CA ALA A 30 -4.70 -11.78 -1.14
C ALA A 30 -3.59 -11.07 -0.39
N CYS A 31 -3.46 -9.77 -0.65
CA CYS A 31 -2.46 -8.97 0.01
C CYS A 31 -2.94 -8.57 1.40
N GLY A 32 -4.26 -8.51 1.57
CA GLY A 32 -4.84 -8.17 2.85
C GLY A 32 -4.49 -9.17 3.92
N LEU A 33 -4.26 -10.41 3.48
CA LEU A 33 -3.90 -11.49 4.38
C LEU A 33 -2.52 -11.23 5.01
N TYR A 34 -1.70 -10.46 4.30
CA TYR A 34 -0.36 -10.14 4.79
C TYR A 34 -0.47 -9.29 6.06
N HIS A 35 -1.35 -8.29 6.00
CA HIS A 35 -1.58 -7.42 7.16
C HIS A 35 -2.18 -8.22 8.31
N LYS A 36 -3.08 -9.13 7.97
CA LYS A 36 -3.73 -9.97 8.98
C LYS A 36 -2.72 -10.91 9.63
N MET A 37 -1.86 -11.52 8.82
CA MET A 37 -0.85 -12.44 9.32
C MET A 37 0.14 -11.70 10.22
N ASN A 38 0.53 -10.50 9.79
CA ASN A 38 1.46 -9.69 10.55
C ASN A 38 0.84 -9.28 11.88
N GLY A 39 -0.39 -8.74 11.82
CA GLY A 39 -1.10 -8.33 13.01
C GLY A 39 -0.55 -7.05 13.62
N GLN A 40 0.57 -6.59 13.09
CA GLN A 40 1.20 -5.38 13.59
C GLN A 40 0.93 -4.19 12.66
N ASN A 41 1.49 -4.27 11.46
CA ASN A 41 1.34 -3.21 10.47
C ASN A 41 1.09 -3.79 9.09
N GLY B 1 8.20 23.90 3.36
CA GLY B 1 8.68 23.84 1.96
C GLY B 1 10.01 23.14 1.84
N SER B 2 10.53 23.06 0.61
CA SER B 2 11.81 22.42 0.31
C SER B 2 11.75 20.90 0.52
N LEU B 3 11.66 20.48 1.77
CA LEU B 3 11.60 19.06 2.11
C LEU B 3 10.52 18.82 3.15
N LEU B 4 10.46 17.57 3.65
CA LEU B 4 9.48 17.17 4.68
C LEU B 4 8.07 17.14 4.10
N LYS B 5 7.97 17.24 2.79
CA LYS B 5 6.69 17.23 2.11
C LYS B 5 6.72 16.29 0.91
N PRO B 6 6.05 15.14 1.00
CA PRO B 6 6.01 14.17 -0.09
C PRO B 6 5.31 14.75 -1.32
N ALA B 7 6.06 14.82 -2.42
CA ALA B 7 5.52 15.38 -3.65
C ALA B 7 5.69 14.38 -4.80
N ARG B 8 5.74 13.10 -4.45
CA ARG B 8 5.88 12.05 -5.43
C ARG B 8 4.86 10.97 -5.18
N PHE B 9 4.06 10.68 -6.19
CA PHE B 9 3.02 9.65 -6.08
C PHE B 9 3.41 8.43 -6.90
N MET B 10 4.46 8.56 -7.69
CA MET B 10 4.93 7.48 -8.53
C MET B 10 6.26 6.96 -8.01
N CYS B 11 6.33 5.65 -7.75
CA CYS B 11 7.54 5.03 -7.26
C CYS B 11 8.59 4.96 -8.36
N LEU B 12 9.84 5.12 -7.99
CA LEU B 12 10.95 5.07 -8.92
C LEU B 12 11.57 3.67 -8.95
N PRO B 13 11.97 3.11 -7.78
CA PRO B 13 12.55 1.77 -7.72
C PRO B 13 11.57 0.69 -8.17
N CYS B 14 10.31 0.82 -7.77
CA CYS B 14 9.29 -0.13 -8.16
C CYS B 14 8.68 0.25 -9.51
N GLY B 15 8.34 1.53 -9.64
CA GLY B 15 7.74 2.00 -10.88
C GLY B 15 6.24 1.98 -10.82
N ILE B 16 5.71 1.73 -9.63
CA ILE B 16 4.26 1.68 -9.43
C ILE B 16 3.74 3.03 -8.94
N ALA B 17 2.85 3.63 -9.73
CA ALA B 17 2.27 4.91 -9.39
C ALA B 17 1.04 4.71 -8.51
N PHE B 18 0.87 5.56 -7.52
CA PHE B 18 -0.27 5.45 -6.62
C PHE B 18 -1.08 6.73 -6.59
N SER B 19 -2.33 6.62 -6.19
CA SER B 19 -3.23 7.76 -6.10
C SER B 19 -3.67 7.95 -4.65
N SER B 20 -3.91 6.83 -3.97
CA SER B 20 -4.32 6.86 -2.58
C SER B 20 -3.11 7.11 -1.67
N PRO B 21 -3.05 8.29 -1.04
CA PRO B 21 -1.93 8.68 -0.17
C PRO B 21 -1.95 7.97 1.18
N SER B 22 -3.11 7.48 1.57
CA SER B 22 -3.28 6.80 2.85
C SER B 22 -2.48 5.51 2.92
N THR B 23 -2.23 4.90 1.76
CA THR B 23 -1.49 3.65 1.71
C THR B 23 -0.04 3.85 1.28
N LEU B 24 0.42 5.09 1.24
CA LEU B 24 1.80 5.38 0.84
C LEU B 24 2.80 4.69 1.77
N GLU B 25 2.46 4.66 3.05
CA GLU B 25 3.32 4.02 4.06
C GLU B 25 3.38 2.51 3.84
N ALA B 26 2.32 1.96 3.25
CA ALA B 26 2.24 0.54 2.97
C ALA B 26 3.09 0.18 1.77
N HIS B 27 3.10 1.05 0.77
CA HIS B 27 3.90 0.82 -0.43
C HIS B 27 5.38 0.74 -0.05
N GLN B 28 5.82 1.70 0.76
CA GLN B 28 7.21 1.76 1.20
C GLN B 28 7.45 0.80 2.37
N ALA B 29 6.75 -0.33 2.35
CA ALA B 29 6.87 -1.34 3.39
C ALA B 29 6.81 -2.73 2.79
N TYR B 30 5.88 -2.92 1.86
CA TYR B 30 5.71 -4.21 1.21
C TYR B 30 6.32 -4.21 -0.20
N TYR B 31 6.18 -3.10 -0.91
CA TYR B 31 6.72 -2.99 -2.26
C TYR B 31 8.15 -2.49 -2.22
N CYS B 32 8.36 -1.32 -1.63
CA CYS B 32 9.70 -0.76 -1.50
C CYS B 32 10.43 -1.47 -0.37
N SER B 33 11.10 -2.58 -0.71
CA SER B 33 11.85 -3.37 0.26
C SER B 33 10.88 -4.05 1.25
N HIS B 34 11.38 -4.39 2.43
CA HIS B 34 10.54 -5.04 3.44
C HIS B 34 10.83 -4.48 4.82
N ARG B 35 9.88 -3.74 5.37
CA ARG B 35 10.05 -3.15 6.69
C ARG B 35 8.73 -3.07 7.43
N ILE B 36 8.81 -3.04 8.76
CA ILE B 36 7.62 -2.97 9.60
C ILE B 36 7.20 -1.52 9.78
ZN ZN C . -3.26 -6.63 -3.66
ZN ZN D . 7.84 1.18 -4.50
N GLU A 3 5.80 -3.50 15.32
CA GLU A 3 5.35 -3.21 13.95
C GLU A 3 5.93 -4.23 12.98
N ALA A 4 5.22 -4.47 11.88
CA ALA A 4 5.68 -5.42 10.88
C ALA A 4 5.70 -4.80 9.48
N ARG A 5 4.68 -4.00 9.18
CA ARG A 5 4.58 -3.35 7.88
C ARG A 5 3.61 -2.17 7.96
N GLU A 6 3.51 -1.41 6.88
CA GLU A 6 2.61 -0.27 6.83
C GLU A 6 1.51 -0.52 5.80
N CYS A 7 0.26 -0.41 6.23
CA CYS A 7 -0.87 -0.63 5.35
C CYS A 7 -1.13 0.63 4.50
N VAL A 8 -1.76 0.41 3.36
CA VAL A 8 -2.07 1.48 2.42
C VAL A 8 -3.53 1.90 2.52
N ASN A 9 -4.28 1.21 3.34
CA ASN A 9 -5.69 1.49 3.52
C ASN A 9 -5.97 2.04 4.91
N CYS A 10 -5.35 1.43 5.92
CA CYS A 10 -5.53 1.87 7.29
C CYS A 10 -4.20 2.26 7.92
N GLY A 11 -3.19 1.45 7.67
CA GLY A 11 -1.88 1.72 8.24
C GLY A 11 -1.67 0.95 9.51
N ALA A 12 -2.61 0.06 9.82
CA ALA A 12 -2.54 -0.74 11.02
C ALA A 12 -1.59 -1.92 10.83
N THR A 13 -0.90 -2.30 11.90
CA THR A 13 0.04 -3.40 11.84
C THR A 13 -0.22 -4.39 12.98
N ALA A 14 -1.39 -4.25 13.61
CA ALA A 14 -1.77 -5.11 14.72
C ALA A 14 -2.37 -6.43 14.24
N THR A 15 -2.41 -6.62 12.93
CA THR A 15 -2.93 -7.85 12.35
C THR A 15 -2.02 -9.03 12.67
N PRO A 16 -2.61 -10.17 13.03
CA PRO A 16 -1.85 -11.39 13.37
C PRO A 16 -1.23 -12.03 12.13
N LEU A 17 -1.79 -11.74 10.96
CA LEU A 17 -1.31 -12.30 9.71
C LEU A 17 -1.38 -11.28 8.59
N TRP A 18 -0.22 -10.91 8.06
CA TRP A 18 -0.16 -9.95 6.96
C TRP A 18 -0.40 -10.66 5.64
N ARG A 19 -0.66 -9.89 4.59
CA ARG A 19 -0.90 -10.47 3.27
C ARG A 19 -0.12 -9.73 2.20
N ARG A 20 0.57 -10.50 1.36
CA ARG A 20 1.34 -9.94 0.27
C ARG A 20 0.93 -10.62 -1.03
N ASP A 21 0.33 -9.86 -1.92
CA ASP A 21 -0.13 -10.41 -3.19
C ASP A 21 0.98 -10.38 -4.25
N ARG A 22 0.61 -10.71 -5.48
CA ARG A 22 1.56 -10.74 -6.60
C ARG A 22 2.11 -9.36 -6.93
N THR A 23 1.32 -8.32 -6.72
CA THR A 23 1.76 -6.96 -7.01
C THR A 23 2.60 -6.40 -5.87
N GLY A 24 2.83 -7.23 -4.84
CA GLY A 24 3.62 -6.81 -3.71
C GLY A 24 2.93 -5.77 -2.86
N HIS A 25 1.60 -5.78 -2.87
CA HIS A 25 0.84 -4.82 -2.09
C HIS A 25 0.68 -5.32 -0.66
N TYR A 26 1.43 -4.70 0.24
CA TYR A 26 1.38 -5.04 1.64
C TYR A 26 0.07 -4.59 2.25
N LEU A 27 -0.79 -5.55 2.56
CA LEU A 27 -2.08 -5.26 3.14
C LEU A 27 -2.21 -5.98 4.47
N CYS A 28 -2.77 -5.29 5.46
CA CYS A 28 -2.93 -5.83 6.80
C CYS A 28 -3.63 -7.19 6.76
N ASN A 29 -4.92 -7.17 6.49
CA ASN A 29 -5.70 -8.40 6.41
C ASN A 29 -7.05 -8.13 5.76
N ALA A 30 -7.81 -7.21 6.34
CA ALA A 30 -9.14 -6.85 5.82
C ALA A 30 -9.04 -6.31 4.41
N CYS A 31 -8.18 -5.31 4.22
CA CYS A 31 -7.97 -4.70 2.93
C CYS A 31 -7.36 -5.69 1.93
N GLY A 32 -6.81 -6.77 2.46
CA GLY A 32 -6.20 -7.79 1.62
C GLY A 32 -7.21 -8.52 0.77
N LEU A 33 -8.45 -8.55 1.24
CA LEU A 33 -9.53 -9.23 0.53
C LEU A 33 -9.92 -8.44 -0.72
N TYR A 34 -9.69 -7.13 -0.68
CA TYR A 34 -10.02 -6.25 -1.80
C TYR A 34 -9.22 -6.62 -3.04
N HIS A 35 -7.95 -6.94 -2.85
CA HIS A 35 -7.06 -7.28 -3.95
C HIS A 35 -7.34 -8.69 -4.47
N LYS A 36 -8.24 -9.41 -3.80
CA LYS A 36 -8.59 -10.78 -4.20
C LYS A 36 -10.01 -10.85 -4.74
N MET A 37 -10.98 -10.40 -3.94
CA MET A 37 -12.38 -10.46 -4.33
C MET A 37 -12.68 -9.50 -5.48
N ASN A 38 -12.26 -8.25 -5.34
CA ASN A 38 -12.49 -7.24 -6.36
C ASN A 38 -11.59 -7.46 -7.56
N GLY A 39 -10.40 -7.97 -7.29
CA GLY A 39 -9.43 -8.22 -8.34
C GLY A 39 -8.69 -6.95 -8.72
N GLN A 40 -8.96 -5.88 -7.98
CA GLN A 40 -8.33 -4.60 -8.24
C GLN A 40 -6.92 -4.55 -7.65
N ASN A 41 -6.21 -3.48 -7.95
CA ASN A 41 -4.84 -3.30 -7.47
C ASN A 41 -4.82 -2.44 -6.23
N GLY B 1 17.39 12.74 -8.93
CA GLY B 1 16.13 12.18 -8.38
C GLY B 1 14.95 13.10 -8.60
N SER B 2 13.77 12.63 -8.20
CA SER B 2 12.52 13.38 -8.34
C SER B 2 12.02 13.34 -9.79
N LEU B 3 12.88 13.71 -10.72
CA LEU B 3 12.54 13.71 -12.12
C LEU B 3 12.89 12.37 -12.74
N LEU B 4 11.88 11.70 -13.32
CA LEU B 4 12.04 10.39 -13.95
C LEU B 4 12.08 9.28 -12.90
N LYS B 5 12.89 9.48 -11.87
CA LYS B 5 13.01 8.49 -10.81
C LYS B 5 12.55 9.08 -9.48
N PRO B 6 11.44 8.56 -8.94
CA PRO B 6 10.89 9.03 -7.65
C PRO B 6 11.86 8.81 -6.50
N ALA B 7 12.07 9.83 -5.70
CA ALA B 7 12.98 9.76 -4.57
C ALA B 7 12.27 10.11 -3.27
N ARG B 8 11.00 9.78 -3.20
CA ARG B 8 10.19 10.06 -2.03
C ARG B 8 9.37 8.84 -1.63
N PHE B 9 9.64 8.32 -0.44
CA PHE B 9 8.93 7.14 0.06
C PHE B 9 8.10 7.52 1.28
N MET B 10 7.79 8.79 1.39
CA MET B 10 7.00 9.30 2.50
C MET B 10 5.82 10.10 1.96
N CYS B 11 4.70 10.05 2.66
CA CYS B 11 3.51 10.77 2.23
C CYS B 11 3.63 12.26 2.53
N LEU B 12 2.81 13.04 1.86
CA LEU B 12 2.80 14.49 2.04
C LEU B 12 1.40 14.98 2.45
N PRO B 13 0.35 14.69 1.63
CA PRO B 13 -1.02 15.12 1.97
C PRO B 13 -1.56 14.40 3.20
N CYS B 14 -1.41 13.07 3.23
CA CYS B 14 -1.86 12.28 4.35
C CYS B 14 -0.84 12.36 5.48
N GLY B 15 0.42 12.14 5.13
CA GLY B 15 1.49 12.20 6.12
C GLY B 15 1.57 10.93 6.94
N ILE B 16 1.08 9.83 6.38
CA ILE B 16 1.10 8.55 7.07
C ILE B 16 2.52 7.98 7.05
N ALA B 17 2.90 7.32 8.14
CA ALA B 17 4.23 6.74 8.26
C ALA B 17 4.42 5.59 7.27
N PHE B 18 5.36 5.77 6.36
CA PHE B 18 5.64 4.77 5.35
C PHE B 18 7.14 4.57 5.20
N SER B 19 7.53 3.35 4.88
CA SER B 19 8.93 3.02 4.68
C SER B 19 9.11 2.22 3.39
N SER B 20 8.03 1.56 2.96
CA SER B 20 8.06 0.76 1.75
C SER B 20 7.50 1.54 0.56
N PRO B 21 8.37 1.92 -0.39
CA PRO B 21 7.97 2.67 -1.58
C PRO B 21 7.15 1.84 -2.56
N SER B 22 7.29 0.53 -2.46
CA SER B 22 6.57 -0.40 -3.32
C SER B 22 5.07 -0.33 -3.07
N THR B 23 4.69 -0.01 -1.84
CA THR B 23 3.29 0.06 -1.45
C THR B 23 2.68 1.43 -1.78
N LEU B 24 3.51 2.38 -2.19
CA LEU B 24 3.03 3.73 -2.52
C LEU B 24 1.95 3.67 -3.60
N GLU B 25 2.07 2.68 -4.48
CA GLU B 25 1.12 2.48 -5.57
C GLU B 25 -0.30 2.30 -5.04
N ALA B 26 -0.41 1.67 -3.88
CA ALA B 26 -1.70 1.42 -3.25
C ALA B 26 -2.06 2.56 -2.31
N HIS B 27 -1.06 3.12 -1.63
CA HIS B 27 -1.29 4.21 -0.71
C HIS B 27 -1.84 5.43 -1.45
N GLN B 28 -1.26 5.74 -2.59
CA GLN B 28 -1.70 6.90 -3.39
C GLN B 28 -3.05 6.64 -4.05
N ALA B 29 -3.66 5.50 -3.77
CA ALA B 29 -4.93 5.16 -4.35
C ALA B 29 -6.03 5.05 -3.29
N TYR B 30 -5.73 4.35 -2.20
CA TYR B 30 -6.71 4.16 -1.14
C TYR B 30 -6.54 5.15 0.00
N TYR B 31 -5.36 5.70 0.17
CA TYR B 31 -5.11 6.66 1.24
C TYR B 31 -5.04 8.08 0.68
N CYS B 32 -4.15 8.30 -0.27
CA CYS B 32 -4.01 9.61 -0.89
C CYS B 32 -5.24 9.87 -1.76
N SER B 33 -6.07 10.79 -1.31
CA SER B 33 -7.30 11.15 -2.01
C SER B 33 -8.23 9.94 -2.08
N HIS B 34 -8.85 9.69 -3.23
CA HIS B 34 -9.77 8.55 -3.37
C HIS B 34 -9.65 7.93 -4.76
N ARG B 35 -9.93 6.64 -4.83
CA ARG B 35 -9.86 5.91 -6.09
C ARG B 35 -10.99 4.87 -6.15
N ILE B 36 -11.39 4.50 -7.36
CA ILE B 36 -12.45 3.52 -7.55
C ILE B 36 -11.90 2.11 -7.38
ZN ZN C . -5.40 -2.30 5.74
ZN ZN D . -0.81 9.48 1.43
N GLU A 3 -5.52 1.01 -13.80
CA GLU A 3 -5.68 0.21 -12.56
C GLU A 3 -6.89 0.69 -11.77
N ALA A 4 -7.63 -0.25 -11.19
CA ALA A 4 -8.80 0.11 -10.39
C ALA A 4 -8.34 0.78 -9.10
N ARG A 5 -7.34 0.19 -8.48
CA ARG A 5 -6.77 0.71 -7.25
C ARG A 5 -5.44 0.02 -7.01
N GLU A 6 -4.67 0.52 -6.06
CA GLU A 6 -3.38 -0.06 -5.75
C GLU A 6 -3.48 -0.94 -4.51
N CYS A 7 -2.46 -1.74 -4.26
CA CYS A 7 -2.43 -2.62 -3.10
C CYS A 7 -1.44 -2.08 -2.07
N VAL A 8 -1.25 -2.83 -1.01
CA VAL A 8 -0.34 -2.45 0.05
C VAL A 8 0.97 -3.22 -0.07
N ASN A 9 1.06 -4.10 -1.06
CA ASN A 9 2.26 -4.88 -1.24
C ASN A 9 2.59 -5.09 -2.71
N CYS A 10 1.90 -6.02 -3.37
CA CYS A 10 2.15 -6.32 -4.77
C CYS A 10 1.78 -5.16 -5.67
N GLY A 11 0.65 -4.52 -5.38
CA GLY A 11 0.20 -3.41 -6.19
C GLY A 11 -0.58 -3.87 -7.40
N ALA A 12 -0.88 -5.17 -7.45
CA ALA A 12 -1.63 -5.73 -8.54
C ALA A 12 -3.11 -5.39 -8.41
N THR A 13 -3.67 -4.78 -9.45
CA THR A 13 -5.07 -4.39 -9.43
C THR A 13 -5.95 -5.57 -9.86
N ALA A 14 -5.31 -6.65 -10.27
CA ALA A 14 -6.02 -7.85 -10.69
C ALA A 14 -6.59 -8.57 -9.48
N THR A 15 -7.84 -8.28 -9.17
CA THR A 15 -8.50 -8.91 -8.04
C THR A 15 -10.02 -8.74 -8.19
N PRO A 16 -10.77 -9.80 -7.88
CA PRO A 16 -12.24 -9.78 -7.99
C PRO A 16 -12.89 -8.96 -6.86
N LEU A 17 -12.11 -8.69 -5.82
CA LEU A 17 -12.62 -7.93 -4.69
C LEU A 17 -11.48 -7.22 -3.95
N TRP A 18 -11.77 -6.04 -3.44
CA TRP A 18 -10.79 -5.25 -2.69
C TRP A 18 -11.12 -5.30 -1.21
N ARG A 19 -10.15 -5.67 -0.39
CA ARG A 19 -10.35 -5.73 1.04
C ARG A 19 -9.99 -4.41 1.69
N ARG A 20 -10.90 -3.89 2.49
CA ARG A 20 -10.69 -2.64 3.19
C ARG A 20 -11.03 -2.83 4.66
N ASP A 21 -10.22 -2.27 5.53
CA ASP A 21 -10.43 -2.39 6.96
C ASP A 21 -10.74 -1.04 7.60
N ARG A 22 -10.73 -1.01 8.93
CA ARG A 22 -11.00 0.20 9.70
C ARG A 22 -10.00 1.31 9.40
N THR A 23 -8.76 0.96 9.07
CA THR A 23 -7.76 1.96 8.77
C THR A 23 -7.89 2.46 7.33
N GLY A 24 -8.70 1.76 6.54
CA GLY A 24 -8.90 2.15 5.15
C GLY A 24 -7.82 1.59 4.25
N HIS A 25 -7.23 0.47 4.65
CA HIS A 25 -6.17 -0.15 3.88
C HIS A 25 -6.74 -1.01 2.77
N TYR A 26 -6.32 -0.74 1.54
CA TYR A 26 -6.77 -1.50 0.38
C TYR A 26 -5.81 -2.65 0.12
N LEU A 27 -6.33 -3.86 0.18
CA LEU A 27 -5.53 -5.04 -0.05
C LEU A 27 -6.27 -6.01 -0.96
N CYS A 28 -5.52 -6.73 -1.79
CA CYS A 28 -6.12 -7.70 -2.69
C CYS A 28 -6.77 -8.82 -1.88
N ASN A 29 -5.92 -9.57 -1.21
CA ASN A 29 -6.31 -10.68 -0.36
C ASN A 29 -5.07 -11.30 0.26
N ALA A 30 -4.08 -11.54 -0.59
CA ALA A 30 -2.83 -12.15 -0.16
C ALA A 30 -1.97 -11.13 0.59
N CYS A 31 -1.87 -9.93 0.07
CA CYS A 31 -1.08 -8.88 0.70
C CYS A 31 -1.72 -8.43 2.01
N GLY A 32 -3.03 -8.57 2.10
CA GLY A 32 -3.74 -8.17 3.30
C GLY A 32 -3.90 -9.30 4.28
N LEU A 33 -3.33 -10.46 3.97
CA LEU A 33 -3.44 -11.61 4.85
C LEU A 33 -2.83 -11.33 6.21
N TYR A 34 -1.68 -10.67 6.22
CA TYR A 34 -1.01 -10.34 7.48
C TYR A 34 -1.84 -9.35 8.29
N HIS A 35 -2.49 -8.43 7.60
CA HIS A 35 -3.31 -7.41 8.25
C HIS A 35 -4.59 -8.03 8.82
N LYS A 36 -5.15 -8.98 8.10
CA LYS A 36 -6.40 -9.63 8.52
C LYS A 36 -6.14 -10.79 9.48
N MET A 37 -4.89 -11.18 9.64
CA MET A 37 -4.56 -12.28 10.54
C MET A 37 -3.78 -11.80 11.76
N ASN A 38 -2.58 -11.28 11.52
CA ASN A 38 -1.73 -10.79 12.60
C ASN A 38 -2.35 -9.57 13.27
N GLY A 39 -3.08 -8.79 12.48
CA GLY A 39 -3.73 -7.61 13.00
C GLY A 39 -2.86 -6.39 12.81
N GLN A 40 -1.67 -6.59 12.25
CA GLN A 40 -0.74 -5.51 12.00
C GLN A 40 -1.23 -4.66 10.84
N ASN A 41 -0.89 -3.38 10.87
CA ASN A 41 -1.30 -2.45 9.82
C ASN A 41 -0.60 -2.79 8.52
N GLY B 1 16.35 19.08 -2.22
CA GLY B 1 15.44 20.03 -1.55
C GLY B 1 13.99 19.63 -1.73
N SER B 2 13.09 20.59 -1.58
CA SER B 2 11.66 20.35 -1.71
C SER B 2 11.19 19.27 -0.76
N LEU B 3 11.54 19.42 0.51
CA LEU B 3 11.15 18.47 1.54
C LEU B 3 9.89 18.93 2.24
N LEU B 4 9.69 18.45 3.48
CA LEU B 4 8.52 18.79 4.30
C LEU B 4 7.26 18.13 3.76
N LYS B 5 6.85 18.51 2.57
CA LYS B 5 5.66 17.94 1.95
C LYS B 5 6.06 16.99 0.83
N PRO B 6 5.76 15.69 0.99
CA PRO B 6 6.09 14.69 -0.01
C PRO B 6 5.16 14.71 -1.22
N ALA B 7 5.67 15.23 -2.33
CA ALA B 7 4.88 15.32 -3.57
C ALA B 7 5.15 14.11 -4.44
N ARG B 8 5.67 13.06 -3.83
CA ARG B 8 5.99 11.84 -4.55
C ARG B 8 5.22 10.65 -3.99
N PHE B 9 4.23 10.18 -4.74
CA PHE B 9 3.43 9.04 -4.32
C PHE B 9 3.77 7.84 -5.19
N MET B 10 5.05 7.71 -5.51
CA MET B 10 5.52 6.62 -6.36
C MET B 10 6.91 6.18 -5.93
N CYS B 11 7.08 4.89 -5.71
CA CYS B 11 8.36 4.35 -5.32
C CYS B 11 9.23 4.10 -6.55
N LEU B 12 10.20 4.97 -6.76
CA LEU B 12 11.11 4.84 -7.89
C LEU B 12 11.91 3.53 -7.82
N PRO B 13 12.56 3.20 -6.67
CA PRO B 13 13.34 1.96 -6.54
C PRO B 13 12.50 0.71 -6.78
N CYS B 14 11.30 0.68 -6.22
CA CYS B 14 10.41 -0.46 -6.39
C CYS B 14 9.85 -0.50 -7.82
N GLY B 15 9.60 0.67 -8.36
CA GLY B 15 9.06 0.77 -9.71
C GLY B 15 7.55 0.63 -9.72
N ILE B 16 6.91 1.14 -8.67
CA ILE B 16 5.46 1.06 -8.57
C ILE B 16 4.88 2.44 -8.25
N ALA B 17 3.85 2.83 -8.98
CA ALA B 17 3.20 4.12 -8.78
C ALA B 17 1.91 3.95 -7.96
N PHE B 18 1.78 4.75 -6.92
CA PHE B 18 0.61 4.69 -6.06
C PHE B 18 -0.15 6.01 -6.11
N SER B 19 -1.21 6.09 -5.32
CA SER B 19 -2.02 7.29 -5.27
C SER B 19 -2.68 7.45 -3.91
N SER B 20 -2.99 6.33 -3.29
CA SER B 20 -3.62 6.34 -1.97
C SER B 20 -2.57 6.17 -0.88
N PRO B 21 -2.59 7.06 0.13
CA PRO B 21 -1.64 7.00 1.24
C PRO B 21 -1.85 5.77 2.11
N SER B 22 -3.10 5.32 2.19
CA SER B 22 -3.45 4.15 2.99
C SER B 22 -2.80 2.88 2.45
N THR B 23 -2.57 2.82 1.16
CA THR B 23 -1.94 1.67 0.54
C THR B 23 -0.43 1.79 0.60
N LEU B 24 0.08 2.97 0.25
CA LEU B 24 1.51 3.23 0.26
C LEU B 24 2.07 3.08 1.68
N GLU B 25 1.22 3.31 2.68
CA GLU B 25 1.59 3.18 4.07
C GLU B 25 2.15 1.79 4.38
N ALA B 26 1.38 0.76 4.03
CA ALA B 26 1.80 -0.61 4.26
C ALA B 26 2.91 -1.00 3.28
N HIS B 27 2.80 -0.52 2.05
CA HIS B 27 3.82 -0.79 1.05
C HIS B 27 5.20 -0.39 1.55
N GLN B 28 5.29 0.79 2.17
CA GLN B 28 6.56 1.31 2.69
C GLN B 28 6.90 0.65 4.03
N ALA B 29 6.27 -0.47 4.31
CA ALA B 29 6.50 -1.21 5.54
C ALA B 29 6.77 -2.68 5.25
N TYR B 30 6.19 -3.18 4.17
CA TYR B 30 6.36 -4.57 3.79
C TYR B 30 7.22 -4.71 2.53
N TYR B 31 7.24 -3.68 1.71
CA TYR B 31 8.03 -3.69 0.49
C TYR B 31 9.31 -2.89 0.67
N CYS B 32 9.18 -1.57 0.75
CA CYS B 32 10.33 -0.72 0.97
C CYS B 32 10.71 -0.74 2.46
N SER B 33 11.70 -1.55 2.80
CA SER B 33 12.16 -1.70 4.19
C SER B 33 11.14 -2.47 5.03
N HIS B 34 11.53 -3.67 5.45
CA HIS B 34 10.66 -4.53 6.23
C HIS B 34 10.47 -3.99 7.65
N ARG B 35 9.22 -3.68 7.98
CA ARG B 35 8.87 -3.17 9.30
C ARG B 35 7.86 -4.10 9.97
N ILE B 36 8.37 -5.05 10.74
CA ILE B 36 7.53 -5.99 11.47
C ILE B 36 8.12 -6.23 12.85
ZN ZN C . -1.97 -7.22 -3.41
ZN ZN D . 7.89 1.04 -2.77
N GLU A 3 -9.83 2.37 -10.89
CA GLU A 3 -10.16 0.95 -10.59
C GLU A 3 -10.72 0.84 -9.18
N ALA A 4 -10.88 -0.39 -8.71
CA ALA A 4 -11.41 -0.63 -7.37
C ALA A 4 -10.48 -0.06 -6.33
N ARG A 5 -9.26 -0.59 -6.26
CA ARG A 5 -8.27 -0.12 -5.31
C ARG A 5 -6.91 -0.69 -5.66
N GLU A 6 -5.88 -0.18 -5.01
CA GLU A 6 -4.52 -0.62 -5.24
C GLU A 6 -3.95 -1.27 -3.97
N CYS A 7 -3.31 -2.42 -4.11
CA CYS A 7 -2.73 -3.10 -2.97
C CYS A 7 -1.36 -2.50 -2.68
N VAL A 8 -0.87 -2.72 -1.48
CA VAL A 8 0.41 -2.20 -1.06
C VAL A 8 1.51 -3.24 -1.28
N ASN A 9 1.10 -4.48 -1.48
CA ASN A 9 2.06 -5.55 -1.66
C ASN A 9 2.04 -6.09 -3.09
N CYS A 10 1.09 -5.67 -3.90
CA CYS A 10 1.01 -6.12 -5.27
C CYS A 10 0.33 -5.08 -6.17
N GLY A 11 -0.93 -4.83 -5.89
CA GLY A 11 -1.69 -3.88 -6.67
C GLY A 11 -2.80 -4.56 -7.45
N ALA A 12 -3.11 -5.78 -7.04
CA ALA A 12 -4.16 -6.57 -7.68
C ALA A 12 -5.54 -6.02 -7.36
N THR A 13 -6.16 -5.37 -8.33
CA THR A 13 -7.48 -4.79 -8.15
C THR A 13 -8.56 -5.73 -8.69
N ALA A 14 -8.20 -7.00 -8.81
CA ALA A 14 -9.13 -8.01 -9.32
C ALA A 14 -9.54 -8.98 -8.23
N THR A 15 -9.17 -8.67 -6.99
CA THR A 15 -9.51 -9.52 -5.85
C THR A 15 -11.03 -9.60 -5.68
N PRO A 16 -11.56 -10.79 -5.40
CA PRO A 16 -12.99 -11.03 -5.22
C PRO A 16 -13.61 -10.12 -4.16
N LEU A 17 -12.81 -9.73 -3.17
CA LEU A 17 -13.27 -8.87 -2.10
C LEU A 17 -12.09 -8.12 -1.50
N TRP A 18 -12.32 -6.88 -1.10
CA TRP A 18 -11.27 -6.07 -0.51
C TRP A 18 -11.29 -6.20 1.00
N ARG A 19 -10.17 -6.59 1.56
CA ARG A 19 -10.06 -6.78 2.99
C ARG A 19 -9.40 -5.57 3.64
N ARG A 20 -9.98 -5.10 4.74
CA ARG A 20 -9.43 -3.96 5.45
C ARG A 20 -8.60 -4.46 6.62
N ASP A 21 -7.31 -4.17 6.56
CA ASP A 21 -6.39 -4.60 7.60
C ASP A 21 -6.46 -3.68 8.83
N ARG A 22 -5.60 -3.95 9.80
CA ARG A 22 -5.56 -3.18 11.04
C ARG A 22 -5.16 -1.72 10.81
N THR A 23 -4.25 -1.48 9.86
CA THR A 23 -3.81 -0.13 9.57
C THR A 23 -4.80 0.63 8.70
N GLY A 24 -5.93 -0.01 8.41
CA GLY A 24 -6.96 0.61 7.61
C GLY A 24 -6.62 0.68 6.14
N HIS A 25 -5.86 -0.30 5.66
CA HIS A 25 -5.47 -0.34 4.27
C HIS A 25 -6.36 -1.33 3.51
N TYR A 26 -6.58 -1.06 2.24
CA TYR A 26 -7.38 -1.93 1.39
C TYR A 26 -6.47 -2.89 0.66
N LEU A 27 -6.50 -4.15 1.06
CA LEU A 27 -5.66 -5.16 0.44
C LEU A 27 -6.48 -6.27 -0.19
N CYS A 28 -5.85 -7.04 -1.07
CA CYS A 28 -6.50 -8.13 -1.78
C CYS A 28 -7.03 -9.20 -0.82
N ASN A 29 -6.15 -10.07 -0.37
CA ASN A 29 -6.50 -11.14 0.55
C ASN A 29 -5.25 -11.68 1.23
N ALA A 30 -4.27 -12.09 0.42
CA ALA A 30 -3.03 -12.63 0.95
C ALA A 30 -2.30 -11.58 1.79
N CYS A 31 -2.01 -10.45 1.17
CA CYS A 31 -1.34 -9.36 1.86
C CYS A 31 -2.24 -8.80 2.96
N GLY A 32 -3.55 -8.86 2.72
CA GLY A 32 -4.52 -8.36 3.67
C GLY A 32 -4.54 -9.16 4.95
N LEU A 33 -4.65 -10.48 4.83
CA LEU A 33 -4.67 -11.35 6.00
C LEU A 33 -3.35 -11.28 6.76
N TYR A 34 -2.25 -11.23 6.01
CA TYR A 34 -0.93 -11.16 6.62
C TYR A 34 -0.77 -9.88 7.43
N HIS A 35 -1.18 -8.76 6.84
CA HIS A 35 -1.06 -7.47 7.53
C HIS A 35 -2.00 -7.40 8.72
N LYS A 36 -3.20 -7.96 8.58
CA LYS A 36 -4.16 -7.95 9.67
C LYS A 36 -3.68 -8.85 10.80
N MET A 37 -3.04 -9.96 10.45
CA MET A 37 -2.51 -10.88 11.44
C MET A 37 -1.33 -10.24 12.16
N ASN A 38 -0.53 -9.49 11.41
CA ASN A 38 0.62 -8.79 11.97
C ASN A 38 0.14 -7.69 12.91
N GLY A 39 -0.86 -6.93 12.46
CA GLY A 39 -1.40 -5.86 13.27
C GLY A 39 -0.61 -4.57 13.15
N GLN A 40 0.68 -4.70 12.87
CA GLN A 40 1.54 -3.53 12.73
C GLN A 40 1.76 -3.16 11.27
N ASN A 41 2.35 -1.99 11.07
CA ASN A 41 2.63 -1.47 9.73
C ASN A 41 3.74 -2.27 9.07
N GLY B 1 11.99 13.23 -2.75
CA GLY B 1 10.51 13.12 -2.75
C GLY B 1 9.86 14.41 -2.31
N SER B 2 9.89 15.42 -3.19
CA SER B 2 9.31 16.73 -2.92
C SER B 2 10.07 17.44 -1.80
N LEU B 3 9.65 18.65 -1.47
CA LEU B 3 10.31 19.42 -0.42
C LEU B 3 9.42 19.57 0.81
N LEU B 4 9.84 18.92 1.89
CA LEU B 4 9.11 18.95 3.18
C LEU B 4 7.83 18.13 3.12
N LYS B 5 6.92 18.51 2.23
CA LYS B 5 5.66 17.81 2.08
C LYS B 5 5.67 17.02 0.78
N PRO B 6 5.80 15.69 0.86
CA PRO B 6 5.82 14.83 -0.33
C PRO B 6 4.52 14.89 -1.12
N ALA B 7 4.64 15.28 -2.39
CA ALA B 7 3.47 15.37 -3.27
C ALA B 7 3.56 14.31 -4.36
N ARG B 8 3.98 13.11 -3.97
CA ARG B 8 4.12 12.02 -4.91
C ARG B 8 3.30 10.82 -4.48
N PHE B 9 2.37 10.42 -5.34
CA PHE B 9 1.50 9.29 -5.09
C PHE B 9 1.78 8.21 -6.12
N MET B 10 2.99 8.21 -6.64
CA MET B 10 3.42 7.26 -7.65
C MET B 10 4.84 6.82 -7.39
N CYS B 11 5.08 5.51 -7.38
CA CYS B 11 6.40 4.97 -7.15
C CYS B 11 7.27 5.13 -8.39
N LEU B 12 8.53 5.46 -8.17
CA LEU B 12 9.49 5.63 -9.25
C LEU B 12 10.29 4.34 -9.48
N PRO B 13 10.91 3.77 -8.42
CA PRO B 13 11.70 2.53 -8.55
C PRO B 13 10.85 1.38 -9.05
N CYS B 14 9.71 1.15 -8.40
CA CYS B 14 8.81 0.09 -8.78
C CYS B 14 7.93 0.53 -9.95
N GLY B 15 7.35 1.71 -9.82
CA GLY B 15 6.52 2.25 -10.87
C GLY B 15 5.05 1.92 -10.68
N ILE B 16 4.50 2.28 -9.53
CA ILE B 16 3.09 2.01 -9.25
C ILE B 16 2.40 3.29 -8.82
N ALA B 17 1.39 3.68 -9.58
CA ALA B 17 0.62 4.87 -9.28
C ALA B 17 -0.52 4.50 -8.34
N PHE B 18 -0.62 5.18 -7.22
CA PHE B 18 -1.66 4.88 -6.25
C PHE B 18 -2.82 5.86 -6.34
N SER B 19 -3.93 5.46 -5.73
CA SER B 19 -5.12 6.27 -5.70
C SER B 19 -5.43 6.64 -4.25
N SER B 20 -4.90 5.85 -3.34
CA SER B 20 -5.08 6.06 -1.91
C SER B 20 -3.81 6.73 -1.33
N PRO B 21 -3.96 7.53 -0.28
CA PRO B 21 -2.83 8.21 0.35
C PRO B 21 -2.15 7.36 1.43
N SER B 22 -2.74 6.22 1.72
CA SER B 22 -2.23 5.33 2.75
C SER B 22 -1.62 4.05 2.16
N THR B 23 -1.74 3.88 0.86
CA THR B 23 -1.21 2.68 0.22
C THR B 23 0.32 2.72 0.15
N LEU B 24 0.87 3.92 -0.04
CA LEU B 24 2.31 4.10 -0.11
C LEU B 24 2.97 3.72 1.21
N GLU B 25 2.23 3.92 2.30
CA GLU B 25 2.71 3.64 3.66
C GLU B 25 3.23 2.21 3.78
N ALA B 26 2.45 1.24 3.29
CA ALA B 26 2.84 -0.15 3.37
C ALA B 26 3.61 -0.60 2.13
N HIS B 27 3.48 0.18 1.05
CA HIS B 27 4.18 -0.14 -0.18
C HIS B 27 5.68 0.02 0.04
N GLN B 28 6.07 1.16 0.59
CA GLN B 28 7.47 1.46 0.88
C GLN B 28 7.91 0.72 2.13
N ALA B 29 7.86 -0.60 2.06
CA ALA B 29 8.23 -1.48 3.17
C ALA B 29 8.18 -2.92 2.72
N TYR B 30 7.14 -3.25 1.95
CA TYR B 30 6.96 -4.61 1.46
C TYR B 30 7.27 -4.72 -0.03
N TYR B 31 6.53 -3.96 -0.85
CA TYR B 31 6.70 -4.01 -2.29
C TYR B 31 8.00 -3.31 -2.71
N CYS B 32 8.31 -2.20 -2.05
CA CYS B 32 9.52 -1.46 -2.34
C CYS B 32 10.73 -2.16 -1.71
N SER B 33 10.87 -3.45 -2.03
CA SER B 33 11.95 -4.29 -1.55
C SER B 33 11.88 -4.49 -0.04
N HIS B 34 12.49 -3.57 0.71
CA HIS B 34 12.49 -3.63 2.17
C HIS B 34 13.01 -2.31 2.72
N ARG B 35 12.56 -1.22 2.11
CA ARG B 35 12.96 0.12 2.52
C ARG B 35 11.87 1.11 2.17
N ILE B 36 11.93 2.28 2.78
CA ILE B 36 10.94 3.32 2.51
C ILE B 36 11.59 4.45 1.72
ZN ZN C . -1.94 -7.75 -2.33
ZN ZN D . 7.78 0.96 -4.80
N GLU A 3 3.80 -2.39 13.31
CA GLU A 3 4.59 -3.40 14.05
C GLU A 3 5.13 -4.46 13.09
N ALA A 4 4.23 -5.11 12.38
CA ALA A 4 4.62 -6.15 11.44
C ALA A 4 4.85 -5.57 10.05
N ARG A 5 3.80 -4.98 9.48
CA ARG A 5 3.89 -4.40 8.15
C ARG A 5 2.81 -3.33 8.00
N GLU A 6 2.54 -2.92 6.77
CA GLU A 6 1.53 -1.90 6.49
C GLU A 6 0.59 -2.36 5.39
N CYS A 7 -0.37 -1.51 5.05
CA CYS A 7 -1.34 -1.81 4.01
C CYS A 7 -1.31 -0.69 2.97
N VAL A 8 -2.08 -0.83 1.91
CA VAL A 8 -2.11 0.17 0.86
C VAL A 8 -3.33 1.07 1.00
N ASN A 9 -4.28 0.64 1.81
CA ASN A 9 -5.52 1.40 1.98
C ASN A 9 -5.69 1.89 3.41
N CYS A 10 -4.98 1.29 4.34
CA CYS A 10 -5.08 1.70 5.73
C CYS A 10 -3.74 1.62 6.44
N GLY A 11 -3.33 0.41 6.74
CA GLY A 11 -2.08 0.18 7.43
C GLY A 11 -2.32 -0.53 8.74
N ALA A 12 -3.32 -1.39 8.75
CA ALA A 12 -3.67 -2.15 9.94
C ALA A 12 -2.65 -3.25 10.22
N THR A 13 -1.62 -2.88 10.96
CA THR A 13 -0.56 -3.82 11.32
C THR A 13 -0.99 -4.72 12.48
N ALA A 14 -2.14 -4.42 13.07
CA ALA A 14 -2.65 -5.21 14.18
C ALA A 14 -3.65 -6.25 13.68
N THR A 15 -3.54 -6.59 12.41
CA THR A 15 -4.42 -7.57 11.80
C THR A 15 -4.07 -8.97 12.30
N PRO A 16 -5.09 -9.81 12.58
CA PRO A 16 -4.89 -11.18 13.06
C PRO A 16 -4.15 -12.06 12.05
N LEU A 17 -4.18 -11.66 10.79
CA LEU A 17 -3.51 -12.42 9.73
C LEU A 17 -3.43 -11.58 8.45
N TRP A 18 -2.20 -11.35 8.00
CA TRP A 18 -1.97 -10.58 6.78
C TRP A 18 -2.48 -11.33 5.57
N ARG A 19 -3.26 -10.65 4.74
CA ARG A 19 -3.81 -11.29 3.56
C ARG A 19 -3.02 -10.90 2.32
N ARG A 20 -2.13 -11.80 1.92
CA ARG A 20 -1.30 -11.58 0.73
C ARG A 20 -2.00 -12.16 -0.49
N ASP A 21 -1.74 -11.59 -1.65
CA ASP A 21 -2.32 -12.05 -2.89
C ASP A 21 -1.24 -12.57 -3.83
N ARG A 22 -1.60 -12.92 -5.06
CA ARG A 22 -0.64 -13.46 -6.02
C ARG A 22 0.25 -12.37 -6.62
N THR A 23 -0.22 -11.13 -6.68
CA THR A 23 0.58 -10.04 -7.25
C THR A 23 1.66 -9.59 -6.27
N GLY A 24 1.48 -9.98 -5.01
CA GLY A 24 2.44 -9.62 -3.99
C GLY A 24 2.08 -8.32 -3.31
N HIS A 25 0.80 -7.98 -3.35
CA HIS A 25 0.32 -6.74 -2.75
C HIS A 25 0.08 -6.95 -1.25
N TYR A 26 0.92 -6.31 -0.46
CA TYR A 26 0.80 -6.39 0.99
C TYR A 26 -0.43 -5.62 1.46
N LEU A 27 -1.37 -6.33 2.05
CA LEU A 27 -2.60 -5.73 2.53
C LEU A 27 -2.95 -6.27 3.91
N CYS A 28 -3.65 -5.46 4.69
CA CYS A 28 -4.07 -5.81 6.03
C CYS A 28 -4.76 -7.16 6.10
N ASN A 29 -6.03 -7.15 5.75
CA ASN A 29 -6.86 -8.34 5.76
C ASN A 29 -8.09 -8.10 4.92
N ALA A 30 -8.80 -7.01 5.23
CA ALA A 30 -10.01 -6.65 4.51
C ALA A 30 -9.70 -6.34 3.06
N CYS A 31 -8.73 -5.46 2.84
CA CYS A 31 -8.33 -5.09 1.50
C CYS A 31 -7.68 -6.29 0.80
N GLY A 32 -7.06 -7.16 1.60
CA GLY A 32 -6.43 -8.34 1.05
C GLY A 32 -7.44 -9.27 0.42
N LEU A 33 -8.60 -9.39 1.06
CA LEU A 33 -9.67 -10.26 0.56
C LEU A 33 -10.28 -9.64 -0.70
N TYR A 34 -10.41 -8.32 -0.70
CA TYR A 34 -10.97 -7.60 -1.84
C TYR A 34 -10.10 -7.81 -3.08
N HIS A 35 -8.79 -7.91 -2.88
CA HIS A 35 -7.85 -8.12 -3.97
C HIS A 35 -8.10 -9.45 -4.67
N LYS A 36 -8.58 -10.44 -3.93
CA LYS A 36 -8.85 -11.75 -4.51
C LYS A 36 -10.29 -11.87 -4.98
N MET A 37 -11.22 -11.36 -4.17
CA MET A 37 -12.64 -11.43 -4.51
C MET A 37 -12.96 -10.62 -5.76
N ASN A 38 -12.60 -9.34 -5.75
CA ASN A 38 -12.86 -8.47 -6.89
C ASN A 38 -11.80 -8.65 -7.96
N GLY A 39 -10.63 -9.13 -7.55
CA GLY A 39 -9.54 -9.34 -8.48
C GLY A 39 -8.85 -8.04 -8.83
N GLN A 40 -9.13 -7.01 -8.03
CA GLN A 40 -8.54 -5.70 -8.24
C GLN A 40 -7.32 -5.54 -7.33
N ASN A 41 -6.32 -4.80 -7.80
CA ASN A 41 -5.10 -4.58 -7.05
C ASN A 41 -5.38 -3.80 -5.76
N GLY B 1 21.59 11.52 -14.34
CA GLY B 1 20.79 10.86 -13.28
C GLY B 1 20.08 11.87 -12.41
N SER B 2 20.02 11.58 -11.11
CA SER B 2 19.36 12.46 -10.13
C SER B 2 17.85 12.44 -10.29
N LEU B 3 17.36 12.90 -11.42
CA LEU B 3 15.93 12.95 -11.70
C LEU B 3 15.44 11.61 -12.22
N LEU B 4 14.11 11.44 -12.27
CA LEU B 4 13.47 10.21 -12.74
C LEU B 4 13.76 9.06 -11.76
N LYS B 5 14.18 9.43 -10.56
CA LYS B 5 14.50 8.44 -9.53
C LYS B 5 13.74 8.76 -8.24
N PRO B 6 12.96 7.79 -7.73
CA PRO B 6 12.22 7.95 -6.49
C PRO B 6 13.13 7.86 -5.27
N ALA B 7 12.98 8.81 -4.35
CA ALA B 7 13.81 8.83 -3.15
C ALA B 7 12.97 9.13 -1.91
N ARG B 8 11.66 9.10 -2.08
CA ARG B 8 10.75 9.38 -0.97
C ARG B 8 9.84 8.17 -0.72
N PHE B 9 9.64 7.86 0.55
CA PHE B 9 8.76 6.75 0.94
C PHE B 9 7.70 7.26 1.91
N MET B 10 7.70 8.57 2.11
CA MET B 10 6.74 9.21 2.98
C MET B 10 5.86 10.14 2.17
N CYS B 11 4.56 10.13 2.44
CA CYS B 11 3.63 11.00 1.74
C CYS B 11 3.71 12.42 2.29
N LEU B 12 3.40 13.38 1.45
CA LEU B 12 3.42 14.77 1.84
C LEU B 12 2.02 15.24 2.21
N PRO B 13 1.00 15.06 1.32
CA PRO B 13 -0.37 15.45 1.62
C PRO B 13 -0.93 14.61 2.76
N CYS B 14 -0.75 13.30 2.67
CA CYS B 14 -1.24 12.39 3.70
C CYS B 14 -0.31 12.39 4.90
N GLY B 15 0.97 12.18 4.66
CA GLY B 15 1.95 12.18 5.73
C GLY B 15 2.34 10.78 6.14
N ILE B 16 1.51 9.81 5.80
CA ILE B 16 1.78 8.42 6.15
C ILE B 16 2.97 7.89 5.36
N ALA B 17 3.93 7.32 6.06
CA ALA B 17 5.12 6.77 5.43
C ALA B 17 5.07 5.25 5.41
N PHE B 18 5.48 4.67 4.30
CA PHE B 18 5.49 3.22 4.15
C PHE B 18 6.89 2.74 3.84
N SER B 19 7.10 1.44 3.96
CA SER B 19 8.39 0.84 3.70
C SER B 19 8.31 -0.12 2.52
N SER B 20 7.22 -0.89 2.48
CA SER B 20 7.02 -1.86 1.40
C SER B 20 6.67 -1.13 0.11
N PRO B 21 7.31 -1.51 -1.00
CA PRO B 21 7.05 -0.89 -2.31
C PRO B 21 5.61 -1.14 -2.77
N SER B 22 5.07 -2.28 -2.39
CA SER B 22 3.73 -2.67 -2.76
C SER B 22 2.67 -1.81 -2.06
N THR B 23 2.92 -1.45 -0.80
CA THR B 23 1.97 -0.65 -0.04
C THR B 23 2.04 0.81 -0.46
N LEU B 24 3.26 1.31 -0.63
CA LEU B 24 3.46 2.71 -1.03
C LEU B 24 2.92 2.94 -2.45
N GLU B 25 2.95 1.90 -3.26
CA GLU B 25 2.46 1.97 -4.64
C GLU B 25 0.99 2.35 -4.68
N ALA B 26 0.15 1.55 -4.03
CA ALA B 26 -1.28 1.82 -4.02
C ALA B 26 -1.61 3.05 -3.17
N HIS B 27 -0.82 3.29 -2.13
CA HIS B 27 -1.01 4.48 -1.30
C HIS B 27 -1.09 5.72 -2.18
N GLN B 28 -0.17 5.79 -3.14
CA GLN B 28 -0.09 6.94 -4.06
C GLN B 28 -1.27 6.99 -5.04
N ALA B 29 -2.37 6.33 -4.70
CA ALA B 29 -3.55 6.32 -5.55
C ALA B 29 -4.83 6.20 -4.73
N TYR B 30 -4.87 5.19 -3.87
CA TYR B 30 -6.04 4.93 -3.05
C TYR B 30 -6.03 5.76 -1.77
N TYR B 31 -4.84 5.94 -1.21
CA TYR B 31 -4.69 6.67 0.04
C TYR B 31 -4.66 8.17 -0.17
N CYS B 32 -3.89 8.63 -1.15
CA CYS B 32 -3.79 10.04 -1.45
C CYS B 32 -5.07 10.54 -2.13
N SER B 33 -6.13 10.64 -1.34
CA SER B 33 -7.44 11.11 -1.79
C SER B 33 -8.01 10.21 -2.90
N HIS B 34 -7.71 10.53 -4.15
CA HIS B 34 -8.21 9.75 -5.27
C HIS B 34 -7.33 9.97 -6.50
N ARG B 35 -6.03 9.70 -6.36
CA ARG B 35 -5.10 9.87 -7.47
C ARG B 35 -5.24 8.71 -8.45
N ILE B 36 -6.17 8.86 -9.38
CA ILE B 36 -6.44 7.84 -10.37
C ILE B 36 -5.87 8.25 -11.73
ZN ZN C . -6.18 -2.26 4.20
ZN ZN D . -0.67 9.70 0.56
N GLU A 3 -8.25 -0.45 -11.14
CA GLU A 3 -9.51 0.23 -11.54
C GLU A 3 -10.32 0.63 -10.31
N ALA A 4 -10.65 -0.36 -9.48
CA ALA A 4 -11.43 -0.11 -8.28
C ALA A 4 -10.58 0.48 -7.17
N ARG A 5 -9.46 -0.18 -6.87
CA ARG A 5 -8.55 0.27 -5.83
C ARG A 5 -7.18 -0.38 -6.06
N GLU A 6 -6.15 0.20 -5.49
CA GLU A 6 -4.79 -0.32 -5.64
C GLU A 6 -4.28 -0.88 -4.32
N CYS A 7 -3.71 -2.08 -4.39
CA CYS A 7 -3.15 -2.72 -3.20
C CYS A 7 -1.73 -2.23 -2.99
N VAL A 8 -1.27 -2.30 -1.77
CA VAL A 8 0.07 -1.85 -1.43
C VAL A 8 1.04 -3.01 -1.43
N ASN A 9 0.52 -4.23 -1.50
CA ASN A 9 1.35 -5.42 -1.50
C ASN A 9 1.48 -5.98 -2.90
N CYS A 10 0.40 -5.91 -3.68
CA CYS A 10 0.42 -6.41 -5.04
C CYS A 10 -0.12 -5.38 -6.02
N GLY A 11 -1.37 -5.00 -5.83
CA GLY A 11 -1.99 -4.04 -6.70
C GLY A 11 -3.18 -4.64 -7.42
N ALA A 12 -3.55 -5.85 -7.00
CA ALA A 12 -4.67 -6.56 -7.57
C ALA A 12 -5.97 -5.78 -7.43
N THR A 13 -6.49 -5.31 -8.55
CA THR A 13 -7.71 -4.54 -8.55
C THR A 13 -8.90 -5.44 -8.93
N ALA A 14 -8.59 -6.69 -9.23
CA ALA A 14 -9.61 -7.67 -9.60
C ALA A 14 -9.93 -8.62 -8.46
N THR A 15 -9.61 -8.19 -7.24
CA THR A 15 -9.87 -9.01 -6.06
C THR A 15 -11.37 -9.06 -5.77
N PRO A 16 -11.88 -10.23 -5.35
CA PRO A 16 -13.30 -10.41 -5.03
C PRO A 16 -13.76 -9.52 -3.88
N LEU A 17 -12.85 -9.20 -2.98
CA LEU A 17 -13.18 -8.37 -1.83
C LEU A 17 -11.95 -7.59 -1.36
N TRP A 18 -12.19 -6.48 -0.68
CA TRP A 18 -11.11 -5.65 -0.16
C TRP A 18 -11.07 -5.77 1.35
N ARG A 19 -9.97 -5.37 1.95
CA ARG A 19 -9.83 -5.44 3.40
C ARG A 19 -9.11 -4.20 3.94
N ARG A 20 -9.27 -3.96 5.23
CA ARG A 20 -8.65 -2.83 5.88
C ARG A 20 -8.30 -3.19 7.32
N ASP A 21 -7.20 -2.65 7.82
CA ASP A 21 -6.78 -2.92 9.19
C ASP A 21 -7.31 -1.85 10.14
N ARG A 22 -6.92 -1.92 11.40
CA ARG A 22 -7.37 -0.95 12.39
C ARG A 22 -6.70 0.40 12.16
N THR A 23 -5.44 0.35 11.73
CA THR A 23 -4.67 1.57 11.48
C THR A 23 -5.32 2.44 10.40
N GLY A 24 -5.59 1.84 9.25
CA GLY A 24 -6.21 2.57 8.15
C GLY A 24 -5.56 2.24 6.82
N HIS A 25 -5.06 1.02 6.70
CA HIS A 25 -4.42 0.57 5.47
C HIS A 25 -5.39 -0.24 4.65
N TYR A 26 -5.65 0.21 3.44
CA TYR A 26 -6.56 -0.49 2.53
C TYR A 26 -5.78 -1.49 1.68
N LEU A 27 -6.25 -2.72 1.65
CA LEU A 27 -5.60 -3.77 0.87
C LEU A 27 -6.65 -4.66 0.22
N CYS A 28 -6.22 -5.71 -0.46
CA CYS A 28 -7.14 -6.62 -1.12
C CYS A 28 -7.62 -7.68 -0.13
N ASN A 29 -7.90 -8.87 -0.63
CA ASN A 29 -8.36 -9.96 0.21
C ASN A 29 -7.17 -10.73 0.77
N ALA A 30 -6.27 -11.12 -0.14
CA ALA A 30 -5.08 -11.87 0.24
C ALA A 30 -4.16 -11.04 1.12
N CYS A 31 -3.76 -9.87 0.64
CA CYS A 31 -2.88 -9.00 1.38
C CYS A 31 -3.62 -8.39 2.58
N GLY A 32 -4.93 -8.22 2.43
CA GLY A 32 -5.75 -7.65 3.48
C GLY A 32 -5.82 -8.57 4.68
N LEU A 33 -6.15 -9.83 4.45
CA LEU A 33 -6.25 -10.81 5.53
C LEU A 33 -4.89 -10.99 6.19
N TYR A 34 -3.85 -11.04 5.36
CA TYR A 34 -2.50 -11.20 5.86
C TYR A 34 -2.15 -10.09 6.83
N HIS A 35 -2.44 -8.84 6.44
CA HIS A 35 -2.14 -7.69 7.29
C HIS A 35 -2.99 -7.71 8.56
N LYS A 36 -4.20 -8.23 8.45
CA LYS A 36 -5.11 -8.31 9.59
C LYS A 36 -4.56 -9.25 10.65
N MET A 37 -4.02 -10.39 10.22
CA MET A 37 -3.48 -11.37 11.14
C MET A 37 -1.95 -11.33 11.17
N ASN A 38 -1.38 -10.20 10.75
CA ASN A 38 0.07 -10.04 10.74
C ASN A 38 0.55 -9.44 12.05
N GLY A 39 -0.32 -8.67 12.69
CA GLY A 39 0.03 -8.02 13.94
C GLY A 39 0.82 -6.75 13.70
N GLN A 40 1.90 -6.88 12.94
CA GLN A 40 2.75 -5.76 12.61
C GLN A 40 2.26 -5.08 11.32
N ASN A 41 2.93 -4.01 10.95
CA ASN A 41 2.57 -3.27 9.74
C ASN A 41 3.20 -3.94 8.53
N GLY B 1 9.23 25.45 1.80
CA GLY B 1 9.37 23.99 2.08
C GLY B 1 10.30 23.32 1.10
N SER B 2 9.84 23.19 -0.15
CA SER B 2 10.60 22.57 -1.24
C SER B 2 10.76 21.06 -1.03
N LEU B 3 11.48 20.67 0.02
CA LEU B 3 11.71 19.27 0.31
C LEU B 3 10.93 18.85 1.55
N LEU B 4 11.29 17.70 2.11
CA LEU B 4 10.65 17.14 3.31
C LEU B 4 9.27 16.58 3.00
N LYS B 5 8.43 17.38 2.37
CA LYS B 5 7.08 16.95 2.02
C LYS B 5 7.10 16.16 0.72
N PRO B 6 6.43 14.99 0.71
CA PRO B 6 6.35 14.13 -0.47
C PRO B 6 5.42 14.73 -1.53
N ALA B 7 5.95 14.92 -2.72
CA ALA B 7 5.17 15.49 -3.82
C ALA B 7 4.88 14.46 -4.89
N ARG B 8 5.28 13.22 -4.66
CA ARG B 8 5.06 12.15 -5.61
C ARG B 8 4.30 10.99 -4.98
N PHE B 9 3.39 10.40 -5.74
CA PHE B 9 2.60 9.28 -5.27
C PHE B 9 2.84 8.05 -6.15
N MET B 10 3.83 8.16 -7.01
CA MET B 10 4.18 7.08 -7.92
C MET B 10 5.68 6.88 -7.94
N CYS B 11 6.12 5.75 -7.41
CA CYS B 11 7.53 5.43 -7.38
C CYS B 11 8.01 4.95 -8.74
N LEU B 12 9.14 5.48 -9.16
CA LEU B 12 9.73 5.12 -10.44
C LEU B 12 10.14 3.64 -10.48
N PRO B 13 10.90 3.13 -9.47
CA PRO B 13 11.32 1.73 -9.44
C PRO B 13 10.14 0.75 -9.41
N CYS B 14 9.11 1.09 -8.67
CA CYS B 14 7.93 0.24 -8.57
C CYS B 14 7.14 0.27 -9.87
N GLY B 15 6.67 1.45 -10.24
CA GLY B 15 5.89 1.59 -11.46
C GLY B 15 4.40 1.63 -11.19
N ILE B 16 4.03 1.28 -9.97
CA ILE B 16 2.63 1.27 -9.57
C ILE B 16 2.19 2.67 -9.17
N ALA B 17 1.41 3.31 -10.02
CA ALA B 17 0.91 4.64 -9.75
C ALA B 17 -0.21 4.58 -8.71
N PHE B 18 0.11 4.92 -7.48
CA PHE B 18 -0.86 4.87 -6.41
C PHE B 18 -1.80 6.06 -6.47
N SER B 19 -3.02 5.86 -6.01
CA SER B 19 -4.03 6.90 -6.00
C SER B 19 -4.39 7.28 -4.57
N SER B 20 -4.40 6.28 -3.70
CA SER B 20 -4.74 6.49 -2.28
C SER B 20 -3.50 6.99 -1.52
N PRO B 21 -3.46 8.28 -1.17
CA PRO B 21 -2.32 8.86 -0.44
C PRO B 21 -2.25 8.39 1.00
N SER B 22 -3.39 7.94 1.52
CA SER B 22 -3.49 7.47 2.89
C SER B 22 -2.82 6.11 3.07
N THR B 23 -2.74 5.33 2.00
CA THR B 23 -2.13 4.01 2.07
C THR B 23 -0.75 3.98 1.42
N LEU B 24 -0.27 5.15 1.01
CA LEU B 24 1.05 5.24 0.37
C LEU B 24 2.12 4.74 1.32
N GLU B 25 1.90 4.94 2.61
CA GLU B 25 2.82 4.50 3.65
C GLU B 25 3.01 2.99 3.60
N ALA B 26 1.91 2.27 3.41
CA ALA B 26 1.96 0.80 3.34
C ALA B 26 2.64 0.34 2.07
N HIS B 27 2.43 1.07 0.99
CA HIS B 27 3.04 0.75 -0.29
C HIS B 27 4.57 0.86 -0.16
N GLN B 28 4.99 1.91 0.54
CA GLN B 28 6.42 2.18 0.74
C GLN B 28 6.98 1.31 1.87
N ALA B 29 6.28 0.24 2.19
CA ALA B 29 6.71 -0.68 3.23
C ALA B 29 6.79 -2.10 2.69
N TYR B 30 6.27 -2.29 1.47
CA TYR B 30 6.27 -3.60 0.85
C TYR B 30 6.84 -3.57 -0.56
N TYR B 31 6.47 -2.56 -1.34
CA TYR B 31 6.97 -2.46 -2.71
C TYR B 31 8.32 -1.76 -2.74
N CYS B 32 8.37 -0.53 -2.25
CA CYS B 32 9.62 0.21 -2.20
C CYS B 32 10.45 -0.26 -1.00
N SER B 33 10.93 -1.50 -1.09
CA SER B 33 11.71 -2.14 -0.03
C SER B 33 10.80 -2.44 1.16
N HIS B 34 11.38 -2.87 2.27
CA HIS B 34 10.58 -3.16 3.46
C HIS B 34 10.74 -2.06 4.48
N ARG B 35 9.64 -1.74 5.15
CA ARG B 35 9.64 -0.70 6.17
C ARG B 35 8.53 -0.95 7.17
N ILE B 36 8.66 -0.38 8.34
CA ILE B 36 7.65 -0.54 9.38
C ILE B 36 6.91 0.78 9.57
ZN ZN C . -3.14 -7.23 -2.45
ZN ZN D . 6.47 2.25 -4.59
N GLU A 3 5.64 0.38 13.51
CA GLU A 3 4.65 -0.72 13.59
C GLU A 3 5.16 -1.92 12.81
N ALA A 4 4.43 -3.04 12.90
CA ALA A 4 4.82 -4.26 12.19
C ALA A 4 4.95 -4.01 10.70
N ARG A 5 3.95 -3.34 10.13
CA ARG A 5 3.94 -3.01 8.72
C ARG A 5 2.78 -2.07 8.42
N GLU A 6 2.65 -1.66 7.17
CA GLU A 6 1.58 -0.78 6.76
C GLU A 6 0.73 -1.46 5.69
N CYS A 7 -0.50 -0.97 5.54
CA CYS A 7 -1.42 -1.49 4.54
C CYS A 7 -1.54 -0.47 3.41
N VAL A 8 -1.80 -0.95 2.22
CA VAL A 8 -1.92 -0.08 1.05
C VAL A 8 -3.12 0.85 1.16
N ASN A 9 -4.03 0.55 2.09
CA ASN A 9 -5.22 1.37 2.24
C ASN A 9 -5.41 1.91 3.67
N CYS A 10 -4.69 1.37 4.64
CA CYS A 10 -4.83 1.85 6.01
C CYS A 10 -3.50 1.80 6.78
N GLY A 11 -3.13 0.62 7.20
CA GLY A 11 -1.92 0.44 7.95
C GLY A 11 -2.21 -0.09 9.33
N ALA A 12 -3.31 -0.83 9.43
CA ALA A 12 -3.75 -1.41 10.69
C ALA A 12 -2.80 -2.50 11.14
N THR A 13 -1.78 -2.11 11.90
CA THR A 13 -0.78 -3.05 12.40
C THR A 13 -1.37 -3.99 13.45
N ALA A 14 -2.60 -3.72 13.84
CA ALA A 14 -3.29 -4.53 14.84
C ALA A 14 -3.94 -5.76 14.20
N THR A 15 -3.73 -5.91 12.90
CA THR A 15 -4.28 -7.04 12.17
C THR A 15 -3.64 -8.35 12.66
N PRO A 16 -4.41 -9.45 12.73
CA PRO A 16 -3.90 -10.75 13.17
C PRO A 16 -2.73 -11.22 12.32
N LEU A 17 -2.87 -11.10 11.01
CA LEU A 17 -1.83 -11.49 10.08
C LEU A 17 -1.97 -10.72 8.77
N TRP A 18 -0.86 -10.18 8.29
CA TRP A 18 -0.86 -9.41 7.05
C TRP A 18 -1.08 -10.31 5.85
N ARG A 19 -1.98 -9.88 4.97
CA ARG A 19 -2.29 -10.65 3.77
C ARG A 19 -1.37 -10.21 2.63
N ARG A 20 -0.29 -10.94 2.43
CA ARG A 20 0.67 -10.61 1.38
C ARG A 20 0.58 -11.61 0.24
N ASP A 21 0.66 -11.10 -0.99
CA ASP A 21 0.61 -11.92 -2.19
C ASP A 21 2.02 -12.31 -2.63
N ARG A 22 2.19 -12.62 -3.92
CA ARG A 22 3.48 -12.98 -4.46
C ARG A 22 4.38 -11.76 -4.61
N THR A 23 3.81 -10.66 -5.11
CA THR A 23 4.58 -9.44 -5.32
C THR A 23 5.04 -8.83 -4.00
N GLY A 24 4.16 -8.80 -3.02
CA GLY A 24 4.51 -8.25 -1.73
C GLY A 24 3.48 -7.23 -1.26
N HIS A 25 2.29 -7.32 -1.82
CA HIS A 25 1.19 -6.42 -1.47
C HIS A 25 0.76 -6.64 -0.04
N TYR A 26 1.26 -5.81 0.87
CA TYR A 26 0.89 -5.91 2.26
C TYR A 26 -0.49 -5.32 2.48
N LEU A 27 -1.41 -6.15 2.90
CA LEU A 27 -2.78 -5.72 3.14
C LEU A 27 -3.23 -6.17 4.52
N CYS A 28 -3.97 -5.31 5.20
CA CYS A 28 -4.48 -5.60 6.53
C CYS A 28 -5.30 -6.89 6.53
N ASN A 29 -6.49 -6.77 5.98
CA ASN A 29 -7.44 -7.88 5.86
C ASN A 29 -8.70 -7.38 5.18
N ALA A 30 -9.18 -6.23 5.64
CA ALA A 30 -10.37 -5.62 5.06
C ALA A 30 -10.09 -5.12 3.66
N CYS A 31 -8.98 -4.40 3.51
CA CYS A 31 -8.58 -3.88 2.23
C CYS A 31 -7.84 -4.95 1.42
N GLY A 32 -7.56 -6.07 2.08
CA GLY A 32 -6.86 -7.16 1.44
C GLY A 32 -7.75 -7.95 0.52
N LEU A 33 -9.01 -8.11 0.93
CA LEU A 33 -9.98 -8.87 0.12
C LEU A 33 -10.45 -8.03 -1.07
N TYR A 34 -10.05 -6.77 -1.11
CA TYR A 34 -10.42 -5.88 -2.19
C TYR A 34 -9.79 -6.35 -3.50
N HIS A 35 -8.58 -6.89 -3.39
CA HIS A 35 -7.83 -7.40 -4.54
C HIS A 35 -8.38 -8.75 -4.99
N LYS A 36 -9.34 -9.27 -4.23
CA LYS A 36 -9.93 -10.56 -4.54
C LYS A 36 -11.40 -10.44 -4.91
N MET A 37 -12.20 -9.94 -3.97
CA MET A 37 -13.64 -9.80 -4.16
C MET A 37 -13.96 -8.82 -5.28
N ASN A 38 -13.38 -7.62 -5.21
CA ASN A 38 -13.62 -6.60 -6.22
C ASN A 38 -12.88 -6.92 -7.50
N GLY A 39 -11.85 -7.75 -7.39
CA GLY A 39 -11.06 -8.12 -8.53
C GLY A 39 -10.21 -6.98 -9.04
N GLN A 40 -9.96 -6.02 -8.17
CA GLN A 40 -9.15 -4.86 -8.51
C GLN A 40 -7.75 -5.00 -7.93
N ASN A 41 -7.03 -3.89 -7.87
CA ASN A 41 -5.68 -3.88 -7.35
C ASN A 41 -5.69 -3.61 -5.85
N GLY B 1 20.04 14.23 -15.04
CA GLY B 1 19.25 15.35 -14.49
C GLY B 1 17.82 14.95 -14.18
N SER B 2 16.93 15.93 -14.09
CA SER B 2 15.52 15.68 -13.78
C SER B 2 15.39 14.88 -12.48
N LEU B 3 14.28 14.17 -12.31
CA LEU B 3 14.08 13.37 -11.13
C LEU B 3 14.37 11.90 -11.44
N LEU B 4 13.38 11.23 -12.04
CA LEU B 4 13.48 9.81 -12.42
C LEU B 4 13.52 8.88 -11.21
N LYS B 5 14.31 9.24 -10.20
CA LYS B 5 14.44 8.43 -9.00
C LYS B 5 13.41 8.84 -7.96
N PRO B 6 12.46 7.95 -7.65
CA PRO B 6 11.41 8.21 -6.67
C PRO B 6 11.84 7.87 -5.26
N ALA B 7 12.85 8.58 -4.76
CA ALA B 7 13.39 8.35 -3.43
C ALA B 7 12.51 9.00 -2.35
N ARG B 8 11.22 8.71 -2.39
CA ARG B 8 10.27 9.25 -1.43
C ARG B 8 9.29 8.15 -1.00
N PHE B 9 8.98 8.11 0.29
CA PHE B 9 8.06 7.10 0.82
C PHE B 9 7.03 7.73 1.74
N MET B 10 6.74 9.00 1.50
CA MET B 10 5.77 9.73 2.31
C MET B 10 5.17 10.89 1.52
N CYS B 11 3.89 10.81 1.24
CA CYS B 11 3.20 11.84 0.51
C CYS B 11 2.87 13.02 1.42
N LEU B 12 3.09 14.22 0.91
CA LEU B 12 2.83 15.44 1.65
C LEU B 12 1.35 15.56 2.08
N PRO B 13 0.38 15.41 1.14
CA PRO B 13 -1.04 15.51 1.47
C PRO B 13 -1.49 14.45 2.48
N CYS B 14 -1.04 13.21 2.28
CA CYS B 14 -1.39 12.12 3.16
C CYS B 14 -0.78 12.32 4.54
N GLY B 15 0.53 12.48 4.59
CA GLY B 15 1.20 12.67 5.85
C GLY B 15 1.57 11.35 6.50
N ILE B 16 1.21 10.26 5.85
CA ILE B 16 1.49 8.93 6.36
C ILE B 16 2.81 8.41 5.79
N ALA B 17 3.79 8.22 6.66
CA ALA B 17 5.10 7.73 6.27
C ALA B 17 5.07 6.21 6.10
N PHE B 18 5.37 5.74 4.90
CA PHE B 18 5.37 4.31 4.64
C PHE B 18 6.75 3.72 4.77
N SER B 19 6.84 2.40 4.65
CA SER B 19 8.10 1.71 4.78
C SER B 19 8.32 0.72 3.63
N SER B 20 7.25 0.07 3.20
CA SER B 20 7.36 -0.90 2.12
C SER B 20 7.03 -0.27 0.77
N PRO B 21 7.85 -0.55 -0.26
CA PRO B 21 7.63 0.00 -1.59
C PRO B 21 6.49 -0.69 -2.32
N SER B 22 6.08 -1.84 -1.81
CA SER B 22 5.01 -2.62 -2.39
C SER B 22 3.64 -2.09 -1.94
N THR B 23 3.60 -1.50 -0.75
CA THR B 23 2.37 -0.95 -0.23
C THR B 23 2.07 0.39 -0.88
N LEU B 24 3.14 1.12 -1.21
CA LEU B 24 3.02 2.42 -1.86
C LEU B 24 2.41 2.28 -3.25
N GLU B 25 2.43 1.06 -3.78
CA GLU B 25 1.87 0.77 -5.09
C GLU B 25 0.38 1.11 -5.12
N ALA B 26 -0.37 0.55 -4.17
CA ALA B 26 -1.80 0.81 -4.09
C ALA B 26 -2.06 2.07 -3.28
N HIS B 27 -1.13 2.39 -2.38
CA HIS B 27 -1.23 3.60 -1.58
C HIS B 27 -1.39 4.80 -2.50
N GLN B 28 -0.51 4.89 -3.49
CA GLN B 28 -0.54 5.98 -4.46
C GLN B 28 -1.64 5.72 -5.50
N ALA B 29 -2.85 5.53 -5.00
CA ALA B 29 -4.02 5.27 -5.82
C ALA B 29 -5.27 5.33 -4.96
N TYR B 30 -5.26 4.56 -3.89
CA TYR B 30 -6.39 4.51 -2.98
C TYR B 30 -6.18 5.43 -1.78
N TYR B 31 -5.04 5.28 -1.10
CA TYR B 31 -4.72 6.08 0.07
C TYR B 31 -4.55 7.55 -0.28
N CYS B 32 -3.85 7.83 -1.37
CA CYS B 32 -3.65 9.20 -1.82
C CYS B 32 -4.92 9.74 -2.48
N SER B 33 -5.95 9.94 -1.65
CA SER B 33 -7.24 10.44 -2.10
C SER B 33 -7.86 9.52 -3.15
N HIS B 34 -7.69 9.86 -4.42
CA HIS B 34 -8.24 9.06 -5.52
C HIS B 34 -7.41 9.26 -6.79
N ARG B 35 -6.33 8.51 -6.90
CA ARG B 35 -5.45 8.60 -8.06
C ARG B 35 -5.93 7.66 -9.15
N ILE B 36 -7.14 7.90 -9.65
CA ILE B 36 -7.73 7.08 -10.68
C ILE B 36 -8.20 7.92 -11.86
ZN ZN C . -6.14 -1.79 4.86
ZN ZN D . -0.01 8.88 0.01
N GLU A 3 -11.46 -0.56 -13.01
CA GLU A 3 -10.39 -0.20 -12.04
C GLU A 3 -11.01 0.55 -10.87
N ALA A 4 -10.52 0.26 -9.67
CA ALA A 4 -11.04 0.94 -8.48
C ALA A 4 -9.94 1.66 -7.73
N ARG A 5 -9.07 0.92 -7.07
CA ARG A 5 -7.99 1.51 -6.30
C ARG A 5 -6.71 0.70 -6.50
N GLU A 6 -5.61 1.16 -5.92
CA GLU A 6 -4.34 0.46 -6.04
C GLU A 6 -4.01 -0.27 -4.75
N CYS A 7 -3.50 -1.49 -4.88
CA CYS A 7 -3.12 -2.31 -3.73
C CYS A 7 -1.94 -1.68 -2.98
N VAL A 8 -1.71 -2.15 -1.77
CA VAL A 8 -0.63 -1.64 -0.94
C VAL A 8 0.67 -2.40 -1.23
N ASN A 9 0.58 -3.46 -2.00
CA ASN A 9 1.74 -4.26 -2.33
C ASN A 9 1.96 -4.32 -3.83
N CYS A 10 1.14 -5.13 -4.51
CA CYS A 10 1.25 -5.30 -5.94
C CYS A 10 0.77 -4.07 -6.69
N GLY A 11 -0.19 -3.37 -6.09
CA GLY A 11 -0.74 -2.18 -6.72
C GLY A 11 -1.79 -2.56 -7.74
N ALA A 12 -2.31 -3.77 -7.59
CA ALA A 12 -3.34 -4.29 -8.48
C ALA A 12 -4.72 -3.83 -8.07
N THR A 13 -5.68 -3.93 -8.98
CA THR A 13 -7.05 -3.52 -8.71
C THR A 13 -8.03 -4.63 -9.07
N ALA A 14 -7.53 -5.71 -9.66
CA ALA A 14 -8.36 -6.84 -10.05
C ALA A 14 -8.66 -7.74 -8.85
N THR A 15 -9.47 -7.24 -7.94
CA THR A 15 -9.84 -7.98 -6.74
C THR A 15 -11.35 -7.96 -6.54
N PRO A 16 -11.93 -9.08 -6.07
CA PRO A 16 -13.37 -9.18 -5.83
C PRO A 16 -13.80 -8.50 -4.52
N LEU A 17 -12.82 -8.16 -3.67
CA LEU A 17 -13.11 -7.53 -2.40
C LEU A 17 -11.85 -6.86 -1.84
N TRP A 18 -12.03 -5.70 -1.23
CA TRP A 18 -10.92 -4.97 -0.63
C TRP A 18 -10.88 -5.21 0.86
N ARG A 19 -9.71 -5.59 1.37
CA ARG A 19 -9.54 -5.85 2.79
C ARG A 19 -8.83 -4.66 3.43
N ARG A 20 -9.53 -3.97 4.30
CA ARG A 20 -8.96 -2.81 4.97
C ARG A 20 -8.69 -3.12 6.43
N ASP A 21 -7.66 -2.48 6.96
CA ASP A 21 -7.29 -2.67 8.35
C ASP A 21 -7.92 -1.57 9.21
N ARG A 22 -7.37 -1.37 10.41
CA ARG A 22 -7.88 -0.37 11.32
C ARG A 22 -7.44 1.04 10.92
N THR A 23 -6.23 1.16 10.39
CA THR A 23 -5.71 2.47 10.00
C THR A 23 -6.39 2.97 8.73
N GLY A 24 -6.53 2.11 7.74
CA GLY A 24 -7.18 2.50 6.51
C GLY A 24 -6.44 2.03 5.28
N HIS A 25 -5.79 0.89 5.39
CA HIS A 25 -5.05 0.32 4.28
C HIS A 25 -5.90 -0.69 3.54
N TYR A 26 -6.27 -0.37 2.32
CA TYR A 26 -7.09 -1.25 1.52
C TYR A 26 -6.23 -2.17 0.67
N LEU A 27 -6.26 -3.46 1.00
CA LEU A 27 -5.48 -4.46 0.29
C LEU A 27 -6.39 -5.26 -0.64
N CYS A 28 -5.79 -6.04 -1.52
CA CYS A 28 -6.55 -6.84 -2.47
C CYS A 28 -7.06 -8.13 -1.84
N ASN A 29 -7.31 -9.13 -2.69
CA ASN A 29 -7.79 -10.42 -2.24
C ASN A 29 -6.61 -11.32 -1.90
N ALA A 30 -5.45 -10.92 -2.38
CA ALA A 30 -4.22 -11.67 -2.14
C ALA A 30 -3.53 -11.14 -0.89
N CYS A 31 -3.15 -9.87 -0.93
CA CYS A 31 -2.48 -9.22 0.19
C CYS A 31 -3.45 -9.06 1.35
N GLY A 32 -4.73 -9.01 1.04
CA GLY A 32 -5.75 -8.87 2.06
C GLY A 32 -5.79 -10.07 2.99
N LEU A 33 -5.50 -11.24 2.45
CA LEU A 33 -5.51 -12.46 3.26
C LEU A 33 -4.32 -12.49 4.21
N TYR A 34 -3.26 -11.78 3.85
CA TYR A 34 -2.06 -11.69 4.68
C TYR A 34 -2.36 -10.92 5.96
N HIS A 35 -3.30 -10.00 5.89
CA HIS A 35 -3.68 -9.20 7.05
C HIS A 35 -4.83 -9.85 7.79
N LYS A 36 -5.87 -10.23 7.04
CA LYS A 36 -7.06 -10.85 7.62
C LYS A 36 -6.75 -12.19 8.27
N MET A 37 -6.11 -13.08 7.52
CA MET A 37 -5.77 -14.40 8.04
C MET A 37 -4.45 -14.34 8.81
N ASN A 38 -4.38 -13.42 9.76
CA ASN A 38 -3.20 -13.23 10.58
C ASN A 38 -3.52 -12.31 11.75
N GLY A 39 -3.93 -11.09 11.44
CA GLY A 39 -4.23 -10.12 12.48
C GLY A 39 -3.09 -9.16 12.71
N GLN A 40 -1.97 -9.44 12.08
CA GLN A 40 -0.78 -8.60 12.20
C GLN A 40 -0.77 -7.54 11.09
N ASN A 41 0.16 -6.61 11.20
CA ASN A 41 0.28 -5.54 10.22
C ASN A 41 1.45 -5.82 9.27
N GLY B 1 13.56 20.53 -3.77
CA GLY B 1 12.14 20.66 -3.38
C GLY B 1 11.71 19.55 -2.43
N SER B 2 10.41 19.51 -2.14
CA SER B 2 9.85 18.50 -1.24
C SER B 2 10.48 18.58 0.14
N LEU B 3 10.76 19.80 0.60
CA LEU B 3 11.38 19.99 1.91
C LEU B 3 10.39 19.64 3.02
N LEU B 4 10.54 18.43 3.55
CA LEU B 4 9.69 17.91 4.61
C LEU B 4 8.25 17.75 4.15
N LYS B 5 8.05 17.77 2.83
CA LYS B 5 6.72 17.63 2.25
C LYS B 5 6.75 16.63 1.11
N PRO B 6 6.19 15.42 1.35
CA PRO B 6 6.14 14.38 0.33
C PRO B 6 5.25 14.75 -0.85
N ALA B 7 5.87 15.12 -1.96
CA ALA B 7 5.13 15.50 -3.15
C ALA B 7 5.36 14.48 -4.28
N ARG B 8 5.96 13.36 -3.93
CA ARG B 8 6.23 12.30 -4.90
C ARG B 8 5.44 11.05 -4.57
N PHE B 9 4.54 10.68 -5.46
CA PHE B 9 3.70 9.50 -5.28
C PHE B 9 4.12 8.38 -6.24
N MET B 10 5.40 8.35 -6.57
CA MET B 10 5.92 7.34 -7.49
C MET B 10 7.16 6.67 -6.90
N CYS B 11 7.13 5.35 -6.86
CA CYS B 11 8.26 4.59 -6.36
C CYS B 11 9.32 4.47 -7.44
N LEU B 12 10.57 4.69 -7.05
CA LEU B 12 11.69 4.60 -7.99
C LEU B 12 12.25 3.19 -8.07
N PRO B 13 12.65 2.58 -6.92
CA PRO B 13 13.23 1.23 -6.90
C PRO B 13 12.27 0.18 -7.47
N CYS B 14 11.09 0.05 -6.87
CA CYS B 14 10.13 -0.93 -7.33
C CYS B 14 9.46 -0.48 -8.64
N GLY B 15 9.52 0.82 -8.88
CA GLY B 15 8.94 1.37 -10.10
C GLY B 15 7.44 1.26 -10.13
N ILE B 16 6.79 1.61 -9.02
CA ILE B 16 5.34 1.53 -8.94
C ILE B 16 4.77 2.86 -8.45
N ALA B 17 4.06 3.54 -9.32
CA ALA B 17 3.45 4.82 -8.99
C ALA B 17 2.05 4.59 -8.43
N PHE B 18 1.70 5.33 -7.39
CA PHE B 18 0.40 5.19 -6.76
C PHE B 18 -0.31 6.53 -6.73
N SER B 19 -1.52 6.53 -6.16
CA SER B 19 -2.31 7.75 -6.06
C SER B 19 -2.79 7.94 -4.62
N SER B 20 -3.19 6.85 -3.98
CA SER B 20 -3.68 6.90 -2.61
C SER B 20 -2.53 6.76 -1.63
N PRO B 21 -2.34 7.77 -0.75
CA PRO B 21 -1.28 7.75 0.26
C PRO B 21 -1.48 6.64 1.29
N SER B 22 -2.74 6.31 1.54
CA SER B 22 -3.10 5.28 2.51
C SER B 22 -2.57 3.91 2.07
N THR B 23 -2.56 3.66 0.77
CA THR B 23 -2.08 2.40 0.24
C THR B 23 -0.58 2.47 -0.02
N LEU B 24 -0.13 3.60 -0.56
CA LEU B 24 1.29 3.82 -0.85
C LEU B 24 2.12 3.69 0.43
N GLU B 25 1.51 4.10 1.55
CA GLU B 25 2.16 4.04 2.85
C GLU B 25 2.64 2.62 3.17
N ALA B 26 1.87 1.63 2.75
CA ALA B 26 2.22 0.24 2.99
C ALA B 26 3.27 -0.21 2.01
N HIS B 27 3.08 0.14 0.74
CA HIS B 27 4.05 -0.20 -0.29
C HIS B 27 5.44 0.26 0.14
N GLN B 28 5.53 1.50 0.59
CA GLN B 28 6.79 2.08 1.05
C GLN B 28 7.10 1.59 2.47
N ALA B 29 7.08 0.27 2.62
CA ALA B 29 7.33 -0.39 3.88
C ALA B 29 7.43 -1.90 3.68
N TYR B 30 6.64 -2.40 2.74
CA TYR B 30 6.62 -3.83 2.43
C TYR B 30 7.52 -4.16 1.24
N TYR B 31 7.45 -3.33 0.19
CA TYR B 31 8.21 -3.58 -1.02
C TYR B 31 9.59 -2.93 -1.00
N CYS B 32 9.64 -1.60 -1.05
CA CYS B 32 10.93 -0.90 -1.05
C CYS B 32 11.55 -0.89 0.34
N SER B 33 12.17 -2.02 0.69
CA SER B 33 12.82 -2.20 1.99
C SER B 33 11.79 -2.32 3.12
N HIS B 34 11.84 -3.44 3.82
CA HIS B 34 10.92 -3.68 4.92
C HIS B 34 11.24 -2.76 6.08
N ARG B 35 10.58 -1.62 6.11
CA ARG B 35 10.78 -0.63 7.14
C ARG B 35 9.48 -0.42 7.91
N ILE B 36 9.58 -0.15 9.19
CA ILE B 36 8.40 0.08 10.02
C ILE B 36 7.95 1.53 9.92
ZN ZN C . -2.27 -6.92 -3.61
ZN ZN D . 8.23 0.49 -4.01
N GLU A 3 -8.10 1.20 -12.04
CA GLU A 3 -8.71 0.14 -11.23
C GLU A 3 -9.29 0.70 -9.93
N ALA A 4 -9.81 -0.17 -9.09
CA ALA A 4 -10.40 0.25 -7.82
C ALA A 4 -9.33 0.55 -6.78
N ARG A 5 -8.27 -0.25 -6.77
CA ARG A 5 -7.18 -0.09 -5.82
C ARG A 5 -5.95 -0.85 -6.27
N GLU A 6 -4.80 -0.50 -5.72
CA GLU A 6 -3.56 -1.17 -6.06
C GLU A 6 -3.01 -1.88 -4.82
N CYS A 7 -2.43 -3.05 -5.02
CA CYS A 7 -1.88 -3.81 -3.92
C CYS A 7 -0.46 -3.32 -3.59
N VAL A 8 -0.04 -3.55 -2.36
CA VAL A 8 1.27 -3.12 -1.90
C VAL A 8 2.21 -4.30 -1.71
N ASN A 9 1.70 -5.50 -1.92
CA ASN A 9 2.50 -6.71 -1.74
C ASN A 9 2.74 -7.41 -3.06
N CYS A 10 1.69 -7.59 -3.86
CA CYS A 10 1.83 -8.26 -5.14
C CYS A 10 1.34 -7.38 -6.29
N GLY A 11 0.54 -6.39 -5.96
CA GLY A 11 0.03 -5.49 -6.97
C GLY A 11 -1.18 -6.05 -7.68
N ALA A 12 -1.66 -7.20 -7.22
CA ALA A 12 -2.82 -7.85 -7.79
C ALA A 12 -4.05 -6.98 -7.60
N THR A 13 -4.73 -6.69 -8.69
CA THR A 13 -5.93 -5.86 -8.65
C THR A 13 -7.14 -6.65 -9.17
N ALA A 14 -6.87 -7.82 -9.73
CA ALA A 14 -7.92 -8.66 -10.28
C ALA A 14 -8.49 -9.59 -9.20
N THR A 15 -8.78 -9.03 -8.04
CA THR A 15 -9.33 -9.78 -6.93
C THR A 15 -10.86 -9.82 -7.03
N PRO A 16 -11.46 -11.01 -6.84
CA PRO A 16 -12.91 -11.18 -6.88
C PRO A 16 -13.63 -10.44 -5.74
N LEU A 17 -12.90 -10.22 -4.65
CA LEU A 17 -13.44 -9.54 -3.49
C LEU A 17 -12.37 -8.67 -2.85
N TRP A 18 -12.58 -7.37 -2.88
CA TRP A 18 -11.63 -6.43 -2.30
C TRP A 18 -11.60 -6.58 -0.78
N ARG A 19 -10.45 -7.00 -0.27
CA ARG A 19 -10.28 -7.20 1.15
C ARG A 19 -9.77 -5.95 1.84
N ARG A 20 -10.41 -5.61 2.95
CA ARG A 20 -10.04 -4.45 3.73
C ARG A 20 -9.05 -4.86 4.81
N ASP A 21 -8.11 -3.97 5.09
CA ASP A 21 -7.09 -4.23 6.11
C ASP A 21 -7.57 -3.71 7.46
N ARG A 22 -7.27 -4.46 8.51
CA ARG A 22 -7.70 -4.11 9.87
C ARG A 22 -7.11 -2.76 10.30
N THR A 23 -5.92 -2.45 9.83
CA THR A 23 -5.27 -1.18 10.18
C THR A 23 -5.88 0.00 9.41
N GLY A 24 -7.02 -0.23 8.78
CA GLY A 24 -7.69 0.83 8.04
C GLY A 24 -7.10 1.05 6.67
N HIS A 25 -7.03 0.00 5.87
CA HIS A 25 -6.49 0.10 4.52
C HIS A 25 -7.28 -0.77 3.57
N TYR A 26 -6.89 -0.77 2.31
CA TYR A 26 -7.56 -1.56 1.30
C TYR A 26 -6.54 -2.30 0.45
N LEU A 27 -6.76 -3.58 0.23
CA LEU A 27 -5.85 -4.40 -0.56
C LEU A 27 -6.64 -5.38 -1.43
N CYS A 28 -5.93 -6.30 -2.08
CA CYS A 28 -6.56 -7.27 -2.96
C CYS A 28 -7.43 -8.24 -2.16
N ASN A 29 -6.78 -9.21 -1.54
CA ASN A 29 -7.46 -10.21 -0.74
C ASN A 29 -6.44 -10.96 0.11
N ALA A 30 -5.45 -11.56 -0.53
CA ALA A 30 -4.42 -12.32 0.15
C ALA A 30 -3.63 -11.43 1.10
N CYS A 31 -3.00 -10.40 0.56
CA CYS A 31 -2.22 -9.47 1.34
C CYS A 31 -3.08 -8.77 2.38
N GLY A 32 -4.33 -8.53 2.02
CA GLY A 32 -5.26 -7.89 2.93
C GLY A 32 -5.51 -8.73 4.16
N LEU A 33 -5.68 -10.04 3.95
CA LEU A 33 -5.91 -10.97 5.05
C LEU A 33 -4.66 -11.12 5.90
N TYR A 34 -3.52 -11.26 5.22
CA TYR A 34 -2.25 -11.41 5.90
C TYR A 34 -1.94 -10.20 6.75
N HIS A 35 -2.19 -9.02 6.19
CA HIS A 35 -1.95 -7.77 6.91
C HIS A 35 -2.91 -7.62 8.07
N LYS A 36 -4.17 -7.98 7.82
CA LYS A 36 -5.21 -7.92 8.84
C LYS A 36 -4.87 -8.82 10.01
N MET A 37 -4.32 -9.99 9.71
CA MET A 37 -3.93 -10.94 10.74
C MET A 37 -2.65 -10.50 11.44
N ASN A 38 -1.81 -9.78 10.71
CA ASN A 38 -0.56 -9.28 11.26
C ASN A 38 -0.82 -8.22 12.32
N GLY A 39 -1.71 -7.29 12.01
CA GLY A 39 -2.05 -6.24 12.96
C GLY A 39 -1.18 -5.01 12.79
N GLN A 40 0.08 -5.22 12.48
CA GLN A 40 1.04 -4.13 12.29
C GLN A 40 1.07 -3.72 10.82
N ASN A 41 1.40 -2.46 10.58
CA ASN A 41 1.48 -1.95 9.22
C ASN A 41 2.75 -2.43 8.53
N GLY B 1 9.76 27.89 4.58
CA GLY B 1 10.67 27.50 3.48
C GLY B 1 10.79 26.00 3.35
N SER B 2 11.81 25.55 2.62
CA SER B 2 12.05 24.13 2.41
C SER B 2 10.86 23.45 1.73
N LEU B 3 10.74 22.14 1.89
CA LEU B 3 9.63 21.39 1.29
C LEU B 3 8.78 20.74 2.38
N LEU B 4 9.24 19.57 2.84
CA LEU B 4 8.54 18.82 3.89
C LEU B 4 7.12 18.42 3.47
N LYS B 5 6.88 18.42 2.17
CA LYS B 5 5.58 18.07 1.64
C LYS B 5 5.71 17.04 0.53
N PRO B 6 4.95 15.93 0.61
CA PRO B 6 4.98 14.87 -0.39
C PRO B 6 4.46 15.33 -1.75
N ALA B 7 5.34 15.32 -2.74
CA ALA B 7 4.97 15.73 -4.09
C ALA B 7 4.93 14.53 -5.03
N ARG B 8 5.52 13.43 -4.59
CA ARG B 8 5.54 12.21 -5.39
C ARG B 8 4.74 11.11 -4.71
N PHE B 9 3.90 10.44 -5.47
CA PHE B 9 3.07 9.36 -4.93
C PHE B 9 3.41 8.02 -5.57
N MET B 10 4.46 8.00 -6.37
CA MET B 10 4.89 6.79 -7.06
C MET B 10 6.40 6.72 -7.09
N CYS B 11 6.96 5.75 -6.37
CA CYS B 11 8.40 5.56 -6.32
C CYS B 11 8.94 5.00 -7.64
N LEU B 12 9.92 5.70 -8.20
CA LEU B 12 10.55 5.29 -9.45
C LEU B 12 11.31 3.96 -9.31
N PRO B 13 12.15 3.78 -8.24
CA PRO B 13 12.90 2.54 -8.03
C PRO B 13 12.04 1.29 -8.17
N CYS B 14 10.90 1.27 -7.47
CA CYS B 14 9.98 0.15 -7.54
C CYS B 14 9.41 0.02 -8.96
N GLY B 15 8.83 1.11 -9.44
CA GLY B 15 8.25 1.11 -10.77
C GLY B 15 6.81 0.65 -10.78
N ILE B 16 6.36 0.16 -9.62
CA ILE B 16 4.99 -0.31 -9.48
C ILE B 16 4.03 0.87 -9.51
N ALA B 17 3.09 0.84 -10.44
CA ALA B 17 2.12 1.91 -10.59
C ALA B 17 1.16 1.96 -9.40
N PHE B 18 0.92 3.16 -8.90
CA PHE B 18 0.03 3.35 -7.77
C PHE B 18 -0.83 4.58 -7.98
N SER B 19 -2.09 4.51 -7.54
CA SER B 19 -3.02 5.62 -7.68
C SER B 19 -3.64 5.95 -6.32
N SER B 20 -3.78 4.92 -5.49
CA SER B 20 -4.36 5.07 -4.17
C SER B 20 -3.30 5.53 -3.15
N PRO B 21 -3.41 6.78 -2.66
CA PRO B 21 -2.46 7.33 -1.69
C PRO B 21 -2.71 6.82 -0.28
N SER B 22 -3.84 6.15 -0.09
CA SER B 22 -4.22 5.61 1.20
C SER B 22 -3.49 4.29 1.52
N THR B 23 -2.54 3.93 0.68
CA THR B 23 -1.78 2.70 0.89
C THR B 23 -0.28 2.91 0.69
N LEU B 24 0.16 4.17 0.77
CA LEU B 24 1.57 4.50 0.58
C LEU B 24 2.43 3.91 1.70
N GLU B 25 1.89 3.92 2.91
CA GLU B 25 2.61 3.40 4.07
C GLU B 25 2.74 1.88 4.01
N ALA B 26 1.85 1.25 3.26
CA ALA B 26 1.85 -0.20 3.09
C ALA B 26 2.76 -0.58 1.93
N HIS B 27 2.81 0.29 0.93
CA HIS B 27 3.66 0.06 -0.24
C HIS B 27 5.12 0.24 0.15
N GLN B 28 5.38 1.30 0.92
CA GLN B 28 6.74 1.62 1.37
C GLN B 28 7.17 0.67 2.50
N ALA B 29 7.04 -0.63 2.25
CA ALA B 29 7.41 -1.63 3.23
C ALA B 29 7.54 -3.01 2.58
N TYR B 30 6.49 -3.41 1.86
CA TYR B 30 6.47 -4.71 1.21
C TYR B 30 6.85 -4.62 -0.26
N TYR B 31 6.79 -3.42 -0.83
CA TYR B 31 7.13 -3.24 -2.22
C TYR B 31 8.41 -2.43 -2.37
N CYS B 32 8.51 -1.31 -1.67
CA CYS B 32 9.72 -0.50 -1.72
C CYS B 32 10.79 -1.17 -0.87
N SER B 33 11.61 -2.00 -1.52
CA SER B 33 12.67 -2.73 -0.85
C SER B 33 12.08 -3.64 0.23
N HIS B 34 12.70 -3.67 1.40
CA HIS B 34 12.20 -4.48 2.49
C HIS B 34 12.15 -3.67 3.77
N ARG B 35 11.06 -3.81 4.52
CA ARG B 35 10.89 -3.07 5.76
C ARG B 35 10.18 -3.93 6.80
N ILE B 36 10.86 -4.24 7.89
CA ILE B 36 10.27 -5.03 8.96
C ILE B 36 9.57 -4.10 9.95
ZN ZN C . -2.03 -8.27 -3.16
ZN ZN D . 7.46 2.00 -4.14
N GLU A 3 6.12 -3.53 14.08
CA GLU A 3 5.15 -3.66 12.98
C GLU A 3 5.63 -4.68 11.96
N ALA A 4 4.75 -5.59 11.57
CA ALA A 4 5.10 -6.61 10.58
C ALA A 4 5.32 -5.97 9.21
N ARG A 5 4.44 -5.06 8.85
CA ARG A 5 4.54 -4.36 7.57
C ARG A 5 3.70 -3.09 7.62
N GLU A 6 3.86 -2.23 6.62
CA GLU A 6 3.10 -0.98 6.56
C GLU A 6 1.95 -1.10 5.58
N CYS A 7 0.83 -0.46 5.91
CA CYS A 7 -0.34 -0.48 5.05
C CYS A 7 -0.61 0.91 4.50
N VAL A 8 -1.46 0.97 3.50
CA VAL A 8 -1.83 2.21 2.85
C VAL A 8 -3.14 2.72 3.42
N ASN A 9 -3.98 1.78 3.80
CA ASN A 9 -5.30 2.11 4.29
C ASN A 9 -5.31 2.31 5.81
N CYS A 10 -4.40 1.65 6.52
CA CYS A 10 -4.33 1.81 7.96
C CYS A 10 -2.91 2.18 8.39
N GLY A 11 -1.94 1.40 7.91
CA GLY A 11 -0.55 1.65 8.24
C GLY A 11 -0.15 0.99 9.53
N ALA A 12 -0.91 -0.01 9.94
CA ALA A 12 -0.64 -0.74 11.16
C ALA A 12 -0.75 -2.24 10.92
N THR A 13 -0.14 -3.02 11.80
CA THR A 13 -0.19 -4.47 11.67
C THR A 13 -1.19 -5.09 12.65
N ALA A 14 -2.46 -4.80 12.42
CA ALA A 14 -3.52 -5.31 13.28
C ALA A 14 -3.97 -6.68 12.80
N THR A 15 -3.63 -7.00 11.57
CA THR A 15 -3.98 -8.27 10.97
C THR A 15 -3.14 -9.40 11.55
N PRO A 16 -3.76 -10.59 11.74
CA PRO A 16 -3.05 -11.76 12.25
C PRO A 16 -2.10 -12.35 11.21
N LEU A 17 -2.29 -11.95 9.96
CA LEU A 17 -1.47 -12.42 8.86
C LEU A 17 -1.58 -11.45 7.68
N TRP A 18 -0.45 -11.08 7.10
CA TRP A 18 -0.42 -10.18 5.96
C TRP A 18 -0.50 -10.97 4.67
N ARG A 19 -1.11 -10.39 3.65
CA ARG A 19 -1.25 -11.07 2.36
C ARG A 19 -0.52 -10.28 1.28
N ARG A 20 -0.15 -10.99 0.22
CA ARG A 20 0.55 -10.37 -0.90
C ARG A 20 0.01 -10.89 -2.22
N ASP A 21 0.57 -10.40 -3.32
CA ASP A 21 0.15 -10.81 -4.65
C ASP A 21 1.28 -10.62 -5.65
N ARG A 22 0.99 -10.85 -6.93
CA ARG A 22 2.00 -10.70 -7.98
C ARG A 22 2.56 -9.29 -8.04
N THR A 23 1.69 -8.30 -7.87
CA THR A 23 2.10 -6.90 -7.90
C THR A 23 2.96 -6.56 -6.69
N GLY A 24 2.64 -7.15 -5.55
CA GLY A 24 3.39 -6.90 -4.34
C GLY A 24 2.63 -6.00 -3.40
N HIS A 25 1.32 -6.19 -3.35
CA HIS A 25 0.46 -5.40 -2.49
C HIS A 25 0.39 -5.99 -1.09
N TYR A 26 1.17 -5.43 -0.18
CA TYR A 26 1.18 -5.88 1.20
C TYR A 26 -0.07 -5.35 1.89
N LEU A 27 -1.09 -6.19 1.97
CA LEU A 27 -2.34 -5.78 2.59
C LEU A 27 -2.71 -6.69 3.75
N CYS A 28 -3.51 -6.19 4.66
CA CYS A 28 -3.94 -6.95 5.81
C CYS A 28 -5.26 -7.65 5.54
N ASN A 29 -5.82 -8.26 6.59
CA ASN A 29 -7.10 -8.94 6.48
C ASN A 29 -8.23 -7.92 6.56
N ALA A 30 -7.88 -6.69 6.89
CA ALA A 30 -8.85 -5.62 7.01
C ALA A 30 -8.88 -4.74 5.77
N CYS A 31 -7.75 -4.11 5.46
CA CYS A 31 -7.65 -3.23 4.30
C CYS A 31 -7.58 -4.03 3.00
N GLY A 32 -6.98 -5.21 3.06
CA GLY A 32 -6.84 -6.05 1.89
C GLY A 32 -8.11 -6.81 1.55
N LEU A 33 -9.22 -6.11 1.50
CA LEU A 33 -10.50 -6.73 1.18
C LEU A 33 -10.64 -6.93 -0.32
N TYR A 34 -10.04 -6.02 -1.08
CA TYR A 34 -10.08 -6.09 -2.55
C TYR A 34 -9.45 -7.37 -3.07
N HIS A 35 -8.22 -7.64 -2.66
CA HIS A 35 -7.49 -8.82 -3.08
C HIS A 35 -7.89 -10.06 -2.26
N LYS A 36 -8.99 -9.98 -1.55
CA LYS A 36 -9.44 -11.10 -0.74
C LYS A 36 -10.86 -11.54 -1.09
N MET A 37 -11.81 -10.62 -0.96
CA MET A 37 -13.21 -10.97 -1.24
C MET A 37 -13.75 -10.23 -2.46
N ASN A 38 -13.26 -9.02 -2.70
CA ASN A 38 -13.73 -8.23 -3.84
C ASN A 38 -13.34 -8.86 -5.16
N GLY A 39 -12.25 -9.63 -5.16
CA GLY A 39 -11.80 -10.27 -6.38
C GLY A 39 -11.14 -9.26 -7.29
N GLN A 40 -10.56 -8.23 -6.68
CA GLN A 40 -9.90 -7.16 -7.42
C GLN A 40 -8.43 -7.11 -7.03
N ASN A 41 -7.95 -5.93 -6.66
CA ASN A 41 -6.56 -5.77 -6.28
C ASN A 41 -6.46 -4.92 -5.02
N GLY B 1 16.58 21.89 -11.73
CA GLY B 1 15.69 20.78 -11.32
C GLY B 1 16.07 19.48 -11.97
N SER B 2 15.24 19.02 -12.90
CA SER B 2 15.47 17.78 -13.63
C SER B 2 15.66 16.61 -12.66
N LEU B 3 14.75 16.51 -11.70
CA LEU B 3 14.80 15.45 -10.70
C LEU B 3 14.41 14.12 -11.31
N LEU B 4 13.10 13.91 -11.51
CA LEU B 4 12.57 12.68 -12.10
C LEU B 4 12.84 11.47 -11.20
N LYS B 5 13.31 11.72 -9.99
CA LYS B 5 13.61 10.65 -9.05
C LYS B 5 12.90 10.89 -7.73
N PRO B 6 11.79 10.18 -7.48
CA PRO B 6 11.02 10.31 -6.25
C PRO B 6 11.74 9.71 -5.05
N ALA B 7 12.45 10.55 -4.30
CA ALA B 7 13.19 10.10 -3.14
C ALA B 7 12.36 10.30 -1.87
N ARG B 8 11.05 10.39 -2.03
CA ARG B 8 10.16 10.59 -0.89
C ARG B 8 9.33 9.33 -0.63
N PHE B 9 9.46 8.78 0.56
CA PHE B 9 8.72 7.58 0.94
C PHE B 9 7.66 7.90 1.98
N MET B 10 7.33 9.18 2.10
CA MET B 10 6.35 9.63 3.07
C MET B 10 5.42 10.66 2.43
N CYS B 11 4.12 10.50 2.68
CA CYS B 11 3.14 11.42 2.16
C CYS B 11 3.03 12.65 3.05
N LEU B 12 2.69 13.78 2.45
CA LEU B 12 2.55 15.03 3.20
C LEU B 12 1.10 15.24 3.65
N PRO B 13 0.11 15.19 2.74
CA PRO B 13 -1.31 15.38 3.10
C PRO B 13 -1.80 14.29 4.05
N CYS B 14 -1.46 13.04 3.74
CA CYS B 14 -1.84 11.92 4.57
C CYS B 14 -0.91 11.78 5.76
N GLY B 15 0.39 11.90 5.50
CA GLY B 15 1.38 11.79 6.56
C GLY B 15 1.89 10.38 6.73
N ILE B 16 1.33 9.46 5.96
CA ILE B 16 1.71 8.06 6.01
C ILE B 16 3.07 7.83 5.35
N ALA B 17 3.95 7.17 6.07
CA ALA B 17 5.28 6.86 5.55
C ALA B 17 5.40 5.36 5.30
N PHE B 18 6.16 5.00 4.29
CA PHE B 18 6.35 3.60 3.94
C PHE B 18 7.82 3.19 4.05
N SER B 19 8.04 1.90 4.12
CA SER B 19 9.39 1.36 4.20
C SER B 19 9.64 0.44 3.01
N SER B 20 8.56 -0.02 2.39
CA SER B 20 8.64 -0.88 1.23
C SER B 20 8.23 -0.12 -0.04
N PRO B 21 9.07 -0.15 -1.08
CA PRO B 21 8.79 0.56 -2.34
C PRO B 21 7.60 -0.02 -3.10
N SER B 22 7.28 -1.28 -2.83
CA SER B 22 6.18 -1.96 -3.49
C SER B 22 4.82 -1.45 -2.99
N THR B 23 4.75 -1.07 -1.72
CA THR B 23 3.50 -0.59 -1.14
C THR B 23 3.23 0.86 -1.53
N LEU B 24 4.17 1.47 -2.23
CA LEU B 24 4.01 2.85 -2.68
C LEU B 24 2.88 2.92 -3.71
N GLU B 25 2.76 1.85 -4.49
CA GLU B 25 1.71 1.75 -5.50
C GLU B 25 0.36 1.59 -4.82
N ALA B 26 0.39 0.95 -3.65
CA ALA B 26 -0.82 0.74 -2.85
C ALA B 26 -1.31 2.07 -2.30
N HIS B 27 -0.38 2.93 -1.91
CA HIS B 27 -0.74 4.23 -1.37
C HIS B 27 -1.46 5.05 -2.43
N GLN B 28 -0.87 5.13 -3.62
CA GLN B 28 -1.46 5.87 -4.72
C GLN B 28 -2.40 4.98 -5.51
N ALA B 29 -3.42 4.49 -4.83
CA ALA B 29 -4.42 3.61 -5.42
C ALA B 29 -5.69 3.65 -4.59
N TYR B 30 -5.54 3.43 -3.28
CA TYR B 30 -6.68 3.42 -2.38
C TYR B 30 -6.83 4.77 -1.67
N TYR B 31 -5.71 5.36 -1.29
CA TYR B 31 -5.74 6.63 -0.57
C TYR B 31 -5.52 7.82 -1.49
N CYS B 32 -4.31 7.98 -1.98
CA CYS B 32 -3.97 9.09 -2.86
C CYS B 32 -4.40 8.81 -4.30
N SER B 33 -5.61 9.26 -4.63
CA SER B 33 -6.19 9.11 -5.96
C SER B 33 -6.59 7.66 -6.27
N HIS B 34 -7.88 7.44 -6.49
CA HIS B 34 -8.40 6.13 -6.82
C HIS B 34 -8.05 5.78 -8.26
N ARG B 35 -6.94 5.08 -8.42
CA ARG B 35 -6.47 4.68 -9.73
C ARG B 35 -6.73 3.20 -9.97
N ILE B 36 -6.85 2.84 -11.25
CA ILE B 36 -7.10 1.46 -11.64
C ILE B 36 -5.89 0.59 -11.32
ZN ZN C . -4.08 -2.30 6.46
ZN ZN D . -1.00 9.94 0.64
N GLU A 3 8.27 -1.82 12.61
CA GLU A 3 6.90 -2.17 12.19
C GLU A 3 6.87 -3.60 11.65
N ALA A 4 5.68 -4.15 11.47
CA ALA A 4 5.55 -5.51 10.96
C ALA A 4 5.50 -5.50 9.45
N ARG A 5 4.73 -4.57 8.89
CA ARG A 5 4.57 -4.43 7.45
C ARG A 5 3.67 -3.24 7.15
N GLU A 6 3.37 -3.02 5.88
CA GLU A 6 2.51 -1.91 5.49
C GLU A 6 1.34 -2.41 4.64
N CYS A 7 0.42 -1.51 4.33
CA CYS A 7 -0.74 -1.84 3.53
C CYS A 7 -0.93 -0.81 2.42
N VAL A 8 -1.48 -1.24 1.30
CA VAL A 8 -1.71 -0.34 0.17
C VAL A 8 -3.05 0.36 0.28
N ASN A 9 -3.81 0.05 1.32
CA ASN A 9 -5.11 0.68 1.50
C ASN A 9 -5.16 1.50 2.78
N CYS A 10 -4.41 1.08 3.79
CA CYS A 10 -4.37 1.79 5.05
C CYS A 10 -2.97 1.81 5.63
N GLY A 11 -2.64 0.74 6.34
CA GLY A 11 -1.33 0.61 6.96
C GLY A 11 -1.45 0.16 8.40
N ALA A 12 -2.36 -0.77 8.65
CA ALA A 12 -2.57 -1.29 9.99
C ALA A 12 -1.54 -2.36 10.34
N THR A 13 -0.42 -1.93 10.89
CA THR A 13 0.65 -2.84 11.26
C THR A 13 0.37 -3.52 12.61
N ALA A 14 -0.92 -3.68 12.93
CA ALA A 14 -1.32 -4.29 14.18
C ALA A 14 -2.10 -5.59 13.95
N THR A 15 -2.27 -5.96 12.69
CA THR A 15 -3.00 -7.18 12.35
C THR A 15 -2.20 -8.42 12.76
N PRO A 16 -2.89 -9.43 13.33
CA PRO A 16 -2.25 -10.66 13.76
C PRO A 16 -1.96 -11.60 12.60
N LEU A 17 -2.44 -11.24 11.42
CA LEU A 17 -2.23 -12.05 10.22
C LEU A 17 -2.26 -11.18 8.99
N TRP A 18 -1.11 -11.04 8.34
CA TRP A 18 -0.99 -10.25 7.13
C TRP A 18 -1.57 -11.01 5.94
N ARG A 19 -2.43 -10.35 5.19
CA ARG A 19 -3.07 -10.97 4.06
C ARG A 19 -2.47 -10.50 2.73
N ARG A 20 -1.41 -11.16 2.30
CA ARG A 20 -0.77 -10.83 1.04
C ARG A 20 -1.57 -11.45 -0.10
N ASP A 21 -1.53 -10.84 -1.28
CA ASP A 21 -2.29 -11.33 -2.41
C ASP A 21 -1.38 -11.95 -3.48
N ARG A 22 -1.93 -12.09 -4.69
CA ARG A 22 -1.21 -12.68 -5.81
C ARG A 22 -0.28 -11.68 -6.49
N THR A 23 -0.60 -10.40 -6.42
CA THR A 23 0.24 -9.38 -7.05
C THR A 23 1.48 -9.10 -6.22
N GLY A 24 1.55 -9.74 -5.06
CA GLY A 24 2.69 -9.55 -4.18
C GLY A 24 2.62 -8.22 -3.47
N HIS A 25 1.39 -7.76 -3.24
CA HIS A 25 1.16 -6.50 -2.58
C HIS A 25 1.08 -6.68 -1.07
N TYR A 26 1.55 -5.69 -0.35
CA TYR A 26 1.51 -5.72 1.10
C TYR A 26 0.15 -5.21 1.56
N LEU A 27 -0.60 -6.07 2.25
CA LEU A 27 -1.92 -5.72 2.73
C LEU A 27 -2.12 -6.19 4.15
N CYS A 28 -2.88 -5.43 4.92
CA CYS A 28 -3.17 -5.75 6.31
C CYS A 28 -3.90 -7.09 6.42
N ASN A 29 -5.19 -7.06 6.15
CA ASN A 29 -6.03 -8.25 6.21
C ASN A 29 -7.32 -8.04 5.45
N ALA A 30 -8.09 -7.03 5.86
CA ALA A 30 -9.36 -6.71 5.23
C ALA A 30 -9.16 -6.33 3.77
N CYS A 31 -8.16 -5.49 3.52
CA CYS A 31 -7.84 -5.04 2.18
C CYS A 31 -7.22 -6.19 1.37
N GLY A 32 -6.62 -7.13 2.09
CA GLY A 32 -6.02 -8.28 1.44
C GLY A 32 -7.08 -9.15 0.82
N LEU A 33 -8.20 -9.26 1.52
CA LEU A 33 -9.33 -10.05 1.05
C LEU A 33 -10.01 -9.35 -0.12
N TYR A 34 -9.93 -8.02 -0.12
CA TYR A 34 -10.51 -7.19 -1.18
C TYR A 34 -9.82 -7.51 -2.50
N HIS A 35 -8.53 -7.81 -2.40
CA HIS A 35 -7.71 -8.15 -3.57
C HIS A 35 -8.09 -9.51 -4.14
N LYS A 36 -8.69 -10.35 -3.31
CA LYS A 36 -9.08 -11.70 -3.72
C LYS A 36 -10.56 -11.76 -4.08
N MET A 37 -11.40 -11.13 -3.28
CA MET A 37 -12.85 -11.13 -3.49
C MET A 37 -13.22 -10.47 -4.81
N ASN A 38 -12.88 -9.20 -4.96
CA ASN A 38 -13.21 -8.48 -6.18
C ASN A 38 -12.07 -8.59 -7.19
N GLY A 39 -10.85 -8.68 -6.68
CA GLY A 39 -9.70 -8.81 -7.54
C GLY A 39 -9.11 -7.47 -7.95
N GLN A 40 -9.47 -6.43 -7.21
CA GLN A 40 -8.96 -5.09 -7.50
C GLN A 40 -7.60 -4.88 -6.85
N ASN A 41 -6.89 -3.86 -7.30
CA ASN A 41 -5.57 -3.53 -6.77
C ASN A 41 -5.71 -2.46 -5.69
N GLY B 1 17.41 9.16 -7.14
CA GLY B 1 16.29 10.13 -7.17
C GLY B 1 16.55 11.26 -8.14
N SER B 2 16.75 12.46 -7.59
CA SER B 2 17.02 13.67 -8.39
C SER B 2 15.81 14.08 -9.23
N LEU B 3 15.59 13.37 -10.34
CA LEU B 3 14.48 13.65 -11.23
C LEU B 3 14.04 12.37 -11.93
N LEU B 4 12.72 12.20 -12.08
CA LEU B 4 12.13 11.04 -12.74
C LEU B 4 12.20 9.79 -11.86
N LYS B 5 13.33 9.60 -11.19
CA LYS B 5 13.50 8.45 -10.32
C LYS B 5 13.00 8.78 -8.91
N PRO B 6 12.10 7.95 -8.37
CA PRO B 6 11.54 8.16 -7.04
C PRO B 6 12.58 7.91 -5.94
N ALA B 7 12.42 8.57 -4.81
CA ALA B 7 13.35 8.42 -3.70
C ALA B 7 12.64 8.58 -2.35
N ARG B 8 11.32 8.59 -2.37
CA ARG B 8 10.53 8.75 -1.15
C ARG B 8 9.82 7.46 -0.79
N PHE B 9 9.53 7.29 0.48
CA PHE B 9 8.84 6.10 0.98
C PHE B 9 7.83 6.48 2.05
N MET B 10 7.35 7.71 1.98
CA MET B 10 6.37 8.23 2.94
C MET B 10 5.58 9.36 2.32
N CYS B 11 4.27 9.30 2.45
CA CYS B 11 3.40 10.34 1.93
C CYS B 11 3.36 11.54 2.85
N LEU B 12 3.52 12.71 2.28
CA LEU B 12 3.51 13.95 3.04
C LEU B 12 2.11 14.27 3.58
N PRO B 13 1.06 14.30 2.73
CA PRO B 13 -0.31 14.60 3.17
C PRO B 13 -0.86 13.54 4.13
N CYS B 14 -0.62 12.27 3.81
CA CYS B 14 -1.10 11.17 4.64
C CYS B 14 -0.36 11.13 5.98
N GLY B 15 0.97 11.18 5.90
CA GLY B 15 1.78 11.14 7.10
C GLY B 15 2.20 9.74 7.46
N ILE B 16 1.79 8.78 6.63
CA ILE B 16 2.11 7.37 6.85
C ILE B 16 3.44 7.02 6.19
N ALA B 17 4.35 6.48 6.98
CA ALA B 17 5.66 6.09 6.48
C ALA B 17 5.67 4.61 6.12
N PHE B 18 6.26 4.29 4.98
CA PHE B 18 6.33 2.91 4.52
C PHE B 18 7.77 2.43 4.52
N SER B 19 7.96 1.20 4.09
CA SER B 19 9.28 0.60 4.02
C SER B 19 9.53 0.06 2.62
N SER B 20 8.46 -0.37 1.97
CA SER B 20 8.53 -0.92 0.64
C SER B 20 7.81 0.01 -0.35
N PRO B 21 8.52 0.47 -1.39
CA PRO B 21 7.94 1.37 -2.40
C PRO B 21 6.79 0.72 -3.16
N SER B 22 6.75 -0.61 -3.16
CA SER B 22 5.71 -1.37 -3.83
C SER B 22 4.37 -1.19 -3.14
N THR B 23 4.39 -0.86 -1.86
CA THR B 23 3.17 -0.67 -1.10
C THR B 23 2.51 0.66 -1.46
N LEU B 24 3.32 1.64 -1.85
CA LEU B 24 2.81 2.96 -2.23
C LEU B 24 2.11 2.91 -3.57
N GLU B 25 2.34 1.83 -4.32
CA GLU B 25 1.74 1.64 -5.65
C GLU B 25 0.22 1.87 -5.62
N ALA B 26 -0.47 1.10 -4.81
CA ALA B 26 -1.93 1.23 -4.73
C ALA B 26 -2.34 2.27 -3.69
N HIS B 27 -1.53 2.40 -2.64
CA HIS B 27 -1.82 3.37 -1.59
C HIS B 27 -2.00 4.78 -2.16
N GLN B 28 -1.17 5.14 -3.13
CA GLN B 28 -1.23 6.47 -3.75
C GLN B 28 -2.48 6.64 -4.59
N ALA B 29 -3.27 5.59 -4.73
CA ALA B 29 -4.50 5.65 -5.50
C ALA B 29 -5.71 5.47 -4.58
N TYR B 30 -5.44 5.40 -3.28
CA TYR B 30 -6.49 5.23 -2.30
C TYR B 30 -6.45 6.32 -1.24
N TYR B 31 -5.31 6.45 -0.56
CA TYR B 31 -5.16 7.46 0.47
C TYR B 31 -4.73 8.78 -0.13
N CYS B 32 -3.76 8.72 -1.04
CA CYS B 32 -3.26 9.91 -1.71
C CYS B 32 -4.14 10.25 -2.91
N SER B 33 -5.45 10.35 -2.65
CA SER B 33 -6.45 10.66 -3.67
C SER B 33 -6.67 9.46 -4.60
N HIS B 34 -7.88 9.32 -5.11
CA HIS B 34 -8.20 8.22 -5.99
C HIS B 34 -7.76 8.51 -7.42
N ARG B 35 -6.44 8.52 -7.62
CA ARG B 35 -5.88 8.80 -8.94
C ARG B 35 -5.70 7.50 -9.72
N ILE B 36 -5.72 7.61 -11.03
CA ILE B 36 -5.54 6.46 -11.90
C ILE B 36 -4.08 6.04 -11.88
ZN ZN C . -5.51 -2.21 4.58
ZN ZN D . -0.30 8.09 1.15
#